data_7VXG
#
_entry.id   7VXG
#
_cell.length_a   45.403
_cell.length_b   55.596
_cell.length_c   218.839
_cell.angle_alpha   88.66
_cell.angle_beta   102.01
_cell.angle_gamma   96.19
#
_symmetry.space_group_name_H-M   'P 1'
#
loop_
_entity.id
_entity.type
_entity.pdbx_description
1 polymer 'Tyrosine-protein phosphatase non-receptor type 11'
2 non-polymer 6-[4-(aminomethyl)-4-methyl-piperidin-1-yl]-3-[2,3-bis(chloranyl)phenyl]sulfanyl-pyrazin-2-amine
3 water water
#
_entity_poly.entity_id   1
_entity_poly.type   'polypeptide(L)'
_entity_poly.pdbx_seq_one_letter_code
;SMTSRRWFHPNITGVEAENLLLTRGVDGSFLARPSKSNPGDFTLSVRRNGAVTHIKIQNTGDYYDLYGGEKFATLAELVQ
YYMEHHGQLKEKNGDVIELKYPLNCADPTSERWFHGHLSGKEAEKLLTEKGKHGSFLVRESQSHPGDFVLSVRTGDDKGE
SNDGKSKVTHVMIRCQELKYDVGGGERFDSLTDLVEHYKKNPMVETLGTVLQLKQPLNTTRINAAEIESRVRELSKLAET
TDKVKQGFWEEFETLQQQECKLLYSRKEGQRQENKNKNRYKNILPFDHTRVVLHDGDPNEPVSDYINANIIMPEFETKCN
NSKPKKSYIATQGCLQNTVNDFWRMVFQENSRVIVMTTKEVERGKSKCVKYWPDEYALKEYGVMRVRNVKESAAHDYTLR
ELKLSKVGQGNTERTVWQYHFRTWPDHGVPSDPGGVLDFLEEVHHKQESIMDAGPVVVHCSAGIGRTGTFIVIDILIDII
REKGVDCDIDVPKTIQMVRSQRSGMVQTEAQYRFIYMAVQHYIETL
;
_entity_poly.pdbx_strand_id   A,B,C,D
#
loop_
_chem_comp.id
_chem_comp.type
_chem_comp.name
_chem_comp.formula
83Q non-polymer 6-[4-(aminomethyl)-4-methyl-piperidin-1-yl]-3-[2,3-bis(chloranyl)phenyl]sulfanyl-pyrazin-2-amine 'C17 H21 Cl2 N5 S'
#
# COMPACT_ATOMS: atom_id res chain seq x y z
N SER A 4 -16.37 -0.94 11.19
CA SER A 4 -16.12 -1.04 9.76
C SER A 4 -16.97 -0.04 8.99
N ARG A 5 -18.28 -0.07 9.22
CA ARG A 5 -19.23 0.86 8.61
C ARG A 5 -19.32 0.63 7.11
N ARG A 6 -18.51 -0.26 6.56
CA ARG A 6 -18.56 -0.66 5.14
C ARG A 6 -19.70 -1.62 4.86
N TRP A 7 -20.48 -1.98 5.90
CA TRP A 7 -21.76 -2.64 5.71
C TRP A 7 -22.85 -1.68 5.23
N PHE A 8 -22.53 -0.40 5.00
CA PHE A 8 -23.47 0.54 4.42
C PHE A 8 -23.11 0.71 2.96
N HIS A 9 -24.10 0.65 2.10
CA HIS A 9 -23.90 0.78 0.66
C HIS A 9 -24.64 2.02 0.17
N PRO A 10 -23.94 3.08 -0.22
CA PRO A 10 -24.64 4.35 -0.48
C PRO A 10 -25.54 4.31 -1.70
N ASN A 11 -25.20 3.57 -2.74
CA ASN A 11 -25.96 3.63 -3.99
C ASN A 11 -26.30 2.23 -4.48
N ILE A 12 -27.19 1.54 -3.77
CA ILE A 12 -27.75 0.29 -4.28
C ILE A 12 -29.26 0.32 -4.16
N THR A 13 -29.97 -0.23 -5.15
CA THR A 13 -31.39 -0.42 -5.05
C THR A 13 -31.69 -1.63 -4.16
N GLY A 14 -32.98 -1.84 -3.87
CA GLY A 14 -33.38 -3.00 -3.08
C GLY A 14 -32.93 -4.31 -3.71
N VAL A 15 -33.28 -4.52 -4.99
CA VAL A 15 -32.94 -5.78 -5.64
C VAL A 15 -31.43 -5.96 -5.70
N GLU A 16 -30.71 -4.88 -6.05
CA GLU A 16 -29.25 -4.97 -6.01
C GLU A 16 -28.79 -5.50 -4.64
N ALA A 17 -29.45 -5.06 -3.57
CA ALA A 17 -29.11 -5.56 -2.24
C ALA A 17 -29.55 -7.02 -2.07
N GLU A 18 -30.77 -7.34 -2.48
CA GLU A 18 -31.25 -8.71 -2.26
C GLU A 18 -30.31 -9.71 -2.90
N ASN A 19 -30.11 -9.58 -4.21
CA ASN A 19 -29.25 -10.51 -4.95
C ASN A 19 -27.84 -10.51 -4.36
N LEU A 20 -27.34 -9.35 -3.95
CA LEU A 20 -26.03 -9.28 -3.33
C LEU A 20 -25.98 -10.11 -2.05
N LEU A 21 -27.04 -10.07 -1.25
CA LEU A 21 -27.08 -10.88 -0.05
C LEU A 21 -27.19 -12.36 -0.38
N LEU A 22 -27.97 -12.68 -1.41
CA LEU A 22 -28.21 -14.06 -1.75
C LEU A 22 -27.14 -14.66 -2.64
N THR A 23 -26.23 -13.88 -3.21
CA THR A 23 -25.17 -14.45 -4.05
C THR A 23 -23.79 -14.43 -3.38
N ARG A 24 -23.49 -13.38 -2.62
CA ARG A 24 -22.20 -13.22 -1.96
C ARG A 24 -22.27 -13.37 -0.44
N GLY A 25 -23.44 -13.72 0.10
CA GLY A 25 -23.62 -13.82 1.54
C GLY A 25 -24.20 -15.17 1.96
N VAL A 26 -24.37 -15.31 3.27
CA VAL A 26 -24.94 -16.50 3.90
C VAL A 26 -26.02 -16.06 4.88
N ASP A 27 -26.75 -17.03 5.43
CA ASP A 27 -27.73 -16.68 6.46
C ASP A 27 -27.06 -15.99 7.65
N GLY A 28 -27.56 -14.81 8.01
CA GLY A 28 -26.95 -14.01 9.05
C GLY A 28 -26.27 -12.79 8.48
N SER A 29 -26.16 -12.72 7.15
CA SER A 29 -25.55 -11.58 6.49
C SER A 29 -26.51 -10.39 6.45
N PHE A 30 -25.95 -9.21 6.54
CA PHE A 30 -26.80 -8.05 6.58
C PHE A 30 -26.11 -6.90 5.91
N LEU A 31 -26.90 -5.86 5.67
CA LEU A 31 -26.40 -4.58 5.18
C LEU A 31 -27.48 -3.52 5.40
N ALA A 32 -27.03 -2.27 5.36
CA ALA A 32 -27.92 -1.12 5.46
C ALA A 32 -27.71 -0.24 4.24
N ARG A 33 -28.76 0.41 3.79
CA ARG A 33 -28.67 1.16 2.55
C ARG A 33 -29.59 2.36 2.64
N PRO A 34 -29.30 3.44 1.91
CA PRO A 34 -30.25 4.56 1.86
C PRO A 34 -31.51 4.12 1.14
N SER A 35 -32.64 4.55 1.65
CA SER A 35 -33.90 4.20 1.03
C SER A 35 -34.14 5.15 -0.12
N LYS A 36 -34.52 4.61 -1.28
CA LYS A 36 -34.87 5.42 -2.44
C LYS A 36 -36.37 5.72 -2.55
N SER A 37 -37.21 5.00 -1.81
CA SER A 37 -38.63 5.30 -1.79
C SER A 37 -38.92 6.58 -1.00
N ASN A 38 -38.16 6.84 0.05
CA ASN A 38 -38.39 7.99 0.93
C ASN A 38 -37.04 8.61 1.24
N PRO A 39 -36.71 9.75 0.61
CA PRO A 39 -35.46 10.44 0.95
C PRO A 39 -35.41 10.75 2.44
N GLY A 40 -34.28 10.39 3.05
CA GLY A 40 -34.08 10.52 4.48
C GLY A 40 -34.18 9.21 5.22
N ASP A 41 -34.92 8.26 4.68
CA ASP A 41 -35.05 6.96 5.29
C ASP A 41 -33.88 6.06 4.89
N PHE A 42 -33.76 4.95 5.60
CA PHE A 42 -32.78 3.94 5.31
C PHE A 42 -33.44 2.59 5.51
N THR A 43 -32.76 1.55 5.04
CA THR A 43 -33.27 0.17 5.08
C THR A 43 -32.22 -0.81 5.54
N LEU A 44 -32.57 -1.62 6.51
CA LEU A 44 -31.72 -2.69 6.99
C LEU A 44 -32.09 -3.98 6.28
N SER A 45 -31.14 -4.55 5.55
CA SER A 45 -31.38 -5.74 4.74
C SER A 45 -30.61 -6.94 5.31
N VAL A 46 -31.34 -8.02 5.62
CA VAL A 46 -30.80 -9.18 6.31
C VAL A 46 -31.26 -10.47 5.63
N ARG A 47 -30.36 -11.46 5.61
CA ARG A 47 -30.64 -12.75 5.01
C ARG A 47 -31.02 -13.74 6.09
N ARG A 48 -32.12 -14.44 5.90
CA ARG A 48 -32.55 -15.48 6.84
C ARG A 48 -33.07 -16.64 6.01
N ASN A 49 -32.66 -17.85 6.42
CA ASN A 49 -33.19 -19.07 5.83
C ASN A 49 -33.10 -19.04 4.31
N GLY A 50 -32.10 -18.34 3.78
CA GLY A 50 -31.99 -18.12 2.35
C GLY A 50 -32.98 -17.12 1.78
N ALA A 51 -33.49 -16.22 2.61
CA ALA A 51 -34.37 -15.20 2.10
C ALA A 51 -34.02 -13.87 2.74
N VAL A 52 -34.45 -12.81 2.07
CA VAL A 52 -34.10 -11.45 2.44
C VAL A 52 -35.33 -10.77 3.00
N THR A 53 -35.26 -10.38 4.26
CA THR A 53 -36.24 -9.52 4.89
C THR A 53 -35.64 -8.12 4.99
N HIS A 54 -36.46 -7.13 4.73
CA HIS A 54 -36.02 -5.74 4.70
C HIS A 54 -36.70 -5.01 5.85
N ILE A 55 -35.91 -4.26 6.63
CA ILE A 55 -36.41 -3.57 7.81
C ILE A 55 -36.23 -2.08 7.58
N LYS A 56 -37.33 -1.33 7.68
CA LYS A 56 -37.25 0.09 7.50
C LYS A 56 -36.67 0.76 8.76
N ILE A 57 -35.95 1.85 8.54
CA ILE A 57 -35.46 2.74 9.58
C ILE A 57 -35.76 4.17 9.09
N GLN A 58 -36.60 4.89 9.82
CA GLN A 58 -36.94 6.28 9.50
C GLN A 58 -36.14 7.24 10.38
N ASN A 59 -35.68 8.33 9.79
CA ASN A 59 -35.04 9.38 10.58
C ASN A 59 -35.60 10.70 10.07
N THR A 60 -36.47 11.31 10.86
CA THR A 60 -37.08 12.58 10.48
C THR A 60 -36.26 13.77 10.96
N GLY A 61 -35.23 13.55 11.76
CA GLY A 61 -34.37 14.62 12.22
C GLY A 61 -33.99 14.45 13.66
N ASP A 62 -34.65 13.51 14.33
CA ASP A 62 -34.45 13.34 15.75
C ASP A 62 -33.67 12.09 16.13
N TYR A 63 -33.81 11.03 15.36
CA TYR A 63 -33.12 9.79 15.63
C TYR A 63 -33.50 8.82 14.54
N TYR A 64 -32.73 7.75 14.48
CA TYR A 64 -33.01 6.65 13.59
C TYR A 64 -33.97 5.74 14.33
N ASP A 65 -35.18 5.58 13.77
CA ASP A 65 -36.23 4.79 14.37
C ASP A 65 -36.33 3.49 13.59
N LEU A 66 -35.75 2.42 14.12
CA LEU A 66 -35.88 1.12 13.51
C LEU A 66 -37.26 0.54 13.81
N TYR A 67 -37.97 0.15 12.76
CA TYR A 67 -39.35 -0.30 12.95
C TYR A 67 -39.33 -1.67 13.60
N GLY A 68 -40.14 -1.85 14.63
CA GLY A 68 -40.12 -3.11 15.33
C GLY A 68 -38.95 -3.30 16.25
N GLY A 69 -38.14 -2.27 16.42
CA GLY A 69 -36.98 -2.33 17.28
C GLY A 69 -36.89 -1.12 18.18
N GLU A 70 -35.74 -0.47 18.21
CA GLU A 70 -35.52 0.67 19.08
C GLU A 70 -35.01 1.87 18.29
N LYS A 71 -34.76 2.97 19.00
CA LYS A 71 -34.35 4.23 18.42
C LYS A 71 -32.93 4.55 18.83
N PHE A 72 -32.13 5.00 17.86
CA PHE A 72 -30.69 5.07 18.02
C PHE A 72 -30.12 6.38 17.49
N ALA A 73 -28.89 6.64 17.88
CA ALA A 73 -28.21 7.86 17.57
C ALA A 73 -27.54 7.82 16.22
N THR A 74 -26.96 6.67 15.88
CA THR A 74 -26.31 6.48 14.60
C THR A 74 -26.60 5.07 14.11
N LEU A 75 -26.38 4.86 12.81
CA LEU A 75 -26.58 3.51 12.33
C LEU A 75 -25.52 2.59 12.89
N ALA A 76 -24.35 3.13 13.22
CA ALA A 76 -23.30 2.28 13.75
C ALA A 76 -23.67 1.80 15.14
N GLU A 77 -24.10 2.72 15.99
CA GLU A 77 -24.49 2.32 17.33
C GLU A 77 -25.68 1.37 17.28
N LEU A 78 -26.55 1.57 16.28
CA LEU A 78 -27.60 0.60 15.98
C LEU A 78 -27.03 -0.77 15.67
N VAL A 79 -26.19 -0.86 14.65
CA VAL A 79 -25.64 -2.15 14.28
C VAL A 79 -24.87 -2.74 15.44
N GLN A 80 -24.04 -1.91 16.08
CA GLN A 80 -23.33 -2.39 17.27
C GLN A 80 -24.32 -3.02 18.25
N TYR A 81 -25.41 -2.29 18.53
CA TYR A 81 -26.35 -2.71 19.55
C TYR A 81 -26.95 -4.06 19.22
N TYR A 82 -27.31 -4.28 17.95
CA TYR A 82 -27.94 -5.53 17.55
C TYR A 82 -26.95 -6.63 17.26
N MET A 83 -25.73 -6.31 16.94
CA MET A 83 -24.71 -7.35 16.83
C MET A 83 -24.27 -7.88 18.18
N GLU A 84 -24.76 -7.30 19.26
CA GLU A 84 -24.44 -7.79 20.60
C GLU A 84 -25.68 -8.14 21.43
N HIS A 85 -26.89 -7.97 20.89
CA HIS A 85 -28.15 -8.37 21.55
C HIS A 85 -29.39 -7.88 20.78
N ILE A 97 -34.36 -12.68 13.72
CA ILE A 97 -33.47 -12.03 12.78
C ILE A 97 -32.16 -11.65 13.45
N GLU A 98 -31.11 -12.42 13.20
CA GLU A 98 -29.80 -12.22 13.79
C GLU A 98 -28.87 -11.61 12.75
N LEU A 99 -28.14 -10.57 13.16
CA LEU A 99 -27.17 -9.90 12.30
C LEU A 99 -25.79 -10.42 12.63
N LYS A 100 -25.31 -11.36 11.81
CA LYS A 100 -24.06 -12.07 12.08
C LYS A 100 -22.92 -11.48 11.26
N TYR A 101 -23.09 -11.46 9.94
CA TYR A 101 -21.99 -11.15 9.03
C TYR A 101 -22.25 -9.90 8.21
N PRO A 102 -21.51 -8.83 8.42
CA PRO A 102 -21.67 -7.66 7.56
C PRO A 102 -21.29 -8.00 6.12
N LEU A 103 -22.18 -7.69 5.21
CA LEU A 103 -21.91 -7.82 3.77
C LEU A 103 -21.30 -6.50 3.34
N ASN A 104 -19.99 -6.48 3.17
CA ASN A 104 -19.33 -5.19 3.06
C ASN A 104 -19.30 -4.65 1.64
N CYS A 105 -19.34 -3.32 1.54
CA CYS A 105 -19.47 -2.62 0.27
C CYS A 105 -18.11 -2.26 -0.33
N ALA A 106 -18.01 -2.32 -1.65
CA ALA A 106 -16.75 -2.02 -2.31
C ALA A 106 -16.74 -0.66 -2.97
N ASP A 107 -17.89 -0.05 -3.19
CA ASP A 107 -17.93 1.30 -3.72
C ASP A 107 -17.09 2.20 -2.83
N PRO A 108 -16.21 3.03 -3.40
CA PRO A 108 -15.43 3.98 -2.58
C PRO A 108 -16.00 5.39 -2.55
N THR A 109 -17.21 5.63 -3.07
CA THR A 109 -17.67 7.02 -3.21
C THR A 109 -17.70 7.75 -1.87
N SER A 110 -17.78 7.04 -0.76
CA SER A 110 -17.94 7.66 0.56
C SER A 110 -16.65 7.70 1.36
N GLU A 111 -15.54 7.33 0.76
CA GLU A 111 -14.25 7.44 1.44
C GLU A 111 -13.76 8.89 1.37
N ARG A 112 -13.02 9.30 2.40
CA ARG A 112 -12.48 10.66 2.46
C ARG A 112 -11.47 10.92 1.34
N TRP A 113 -10.78 9.88 0.88
CA TRP A 113 -9.67 10.06 -0.04
C TRP A 113 -10.06 9.94 -1.50
N PHE A 114 -11.28 9.49 -1.79
CA PHE A 114 -11.69 9.28 -3.17
C PHE A 114 -12.28 10.52 -3.85
N HIS A 115 -11.90 10.71 -5.12
CA HIS A 115 -12.37 11.77 -5.99
C HIS A 115 -12.55 11.33 -7.46
N LEU A 118 -11.58 13.86 -11.27
CA LEU A 118 -10.50 14.68 -10.77
C LEU A 118 -9.23 14.50 -11.58
N SER A 119 -8.77 15.58 -12.23
CA SER A 119 -7.61 15.59 -13.10
C SER A 119 -6.31 15.56 -12.30
N GLY A 120 -5.26 15.06 -12.95
CA GLY A 120 -3.98 14.93 -12.27
C GLY A 120 -3.39 16.28 -11.91
N LYS A 121 -3.37 17.20 -12.87
CA LYS A 121 -2.76 18.50 -12.62
C LYS A 121 -3.55 19.23 -11.56
N GLU A 122 -4.89 19.22 -11.68
CA GLU A 122 -5.71 19.79 -10.62
C GLU A 122 -5.42 19.09 -9.30
N ALA A 123 -5.15 17.77 -9.34
CA ALA A 123 -4.82 17.06 -8.11
C ALA A 123 -3.49 17.52 -7.56
N GLU A 124 -2.53 17.85 -8.44
CA GLU A 124 -1.22 18.27 -7.97
C GLU A 124 -1.29 19.62 -7.26
N LYS A 125 -2.02 20.59 -7.82
CA LYS A 125 -2.13 21.90 -7.17
C LYS A 125 -2.77 21.79 -5.79
N LEU A 126 -3.95 21.17 -5.72
CA LEU A 126 -4.56 20.99 -4.40
C LEU A 126 -3.56 20.40 -3.43
N LEU A 127 -2.93 19.27 -3.79
CA LEU A 127 -1.92 18.71 -2.91
C LEU A 127 -0.90 19.77 -2.55
N THR A 128 -0.59 20.67 -3.50
CA THR A 128 0.37 21.74 -3.21
C THR A 128 -0.27 22.88 -2.41
N GLU A 129 -1.51 23.25 -2.72
CA GLU A 129 -2.16 24.38 -2.06
C GLU A 129 -2.71 24.04 -0.68
N LYS A 130 -2.91 22.74 -0.39
CA LYS A 130 -3.64 22.35 0.82
C LYS A 130 -3.06 21.16 1.56
N GLY A 131 -2.13 20.42 0.95
CA GLY A 131 -1.64 19.23 1.59
C GLY A 131 -0.38 19.47 2.39
N LYS A 132 -0.10 18.51 3.26
CA LYS A 132 1.17 18.46 3.97
C LYS A 132 1.82 17.09 3.65
N HIS A 133 2.89 16.78 4.37
CA HIS A 133 3.53 15.48 4.22
C HIS A 133 2.54 14.39 4.59
N GLY A 134 2.28 13.49 3.65
CA GLY A 134 1.37 12.39 3.88
C GLY A 134 -0.04 12.59 3.36
N SER A 135 -0.37 13.75 2.82
CA SER A 135 -1.71 13.94 2.28
C SER A 135 -1.83 13.16 0.99
N PHE A 136 -2.97 12.50 0.78
CA PHE A 136 -3.14 11.66 -0.38
C PHE A 136 -4.60 11.66 -0.83
N LEU A 137 -4.82 11.14 -2.02
CA LEU A 137 -6.16 11.01 -2.56
C LEU A 137 -6.09 10.01 -3.70
N VAL A 138 -7.24 9.44 -4.04
CA VAL A 138 -7.37 8.48 -5.13
C VAL A 138 -8.33 9.07 -6.13
N ARG A 139 -7.96 9.00 -7.38
CA ARG A 139 -8.74 9.55 -8.47
C ARG A 139 -8.82 8.53 -9.59
N GLU A 140 -9.70 8.80 -10.55
CA GLU A 140 -9.90 7.95 -11.71
C GLU A 140 -8.90 8.29 -12.80
N SER A 141 -8.33 7.25 -13.42
CA SER A 141 -7.30 7.46 -14.43
C SER A 141 -7.91 8.17 -15.63
N GLN A 142 -7.11 9.03 -16.27
CA GLN A 142 -7.47 9.66 -17.53
C GLN A 142 -6.85 8.97 -18.74
N SER A 143 -5.73 8.28 -18.56
CA SER A 143 -5.06 7.59 -19.66
C SER A 143 -5.76 6.28 -19.99
N HIS A 144 -6.09 5.48 -18.97
CA HIS A 144 -6.78 4.20 -19.14
C HIS A 144 -8.04 4.19 -18.27
N PRO A 145 -9.22 4.46 -18.84
CA PRO A 145 -10.43 4.46 -18.01
C PRO A 145 -10.69 3.09 -17.37
N GLY A 146 -11.00 3.11 -16.09
CA GLY A 146 -11.24 1.88 -15.31
C GLY A 146 -10.20 1.72 -14.23
N ASP A 147 -8.96 2.09 -14.55
CA ASP A 147 -7.86 2.15 -13.62
C ASP A 147 -7.93 3.43 -12.78
N PHE A 148 -7.16 3.46 -11.69
CA PHE A 148 -7.21 4.56 -10.75
C PHE A 148 -5.79 5.03 -10.46
N VAL A 149 -5.68 6.17 -9.79
CA VAL A 149 -4.38 6.74 -9.46
C VAL A 149 -4.40 7.13 -8.00
N LEU A 150 -3.30 6.86 -7.33
CA LEU A 150 -3.12 7.23 -5.93
C LEU A 150 -2.07 8.32 -5.93
N SER A 151 -2.46 9.54 -5.60
CA SER A 151 -1.54 10.66 -5.58
C SER A 151 -1.26 11.03 -4.14
N VAL A 152 0.02 11.09 -3.79
CA VAL A 152 0.46 11.29 -2.41
C VAL A 152 1.52 12.38 -2.40
N ARG A 153 1.57 13.09 -1.29
CA ARG A 153 2.52 14.15 -1.05
C ARG A 153 3.49 13.73 0.03
N THR A 154 4.77 13.96 -0.22
CA THR A 154 5.86 13.80 0.74
C THR A 154 6.59 15.14 0.83
N GLY A 155 7.15 15.44 1.99
CA GLY A 155 7.95 16.64 2.09
C GLY A 155 8.25 17.01 3.53
N ASP A 156 8.70 18.26 3.68
CA ASP A 156 9.11 18.80 4.96
C ASP A 156 8.47 20.17 5.20
N SER A 166 9.39 18.38 -0.48
CA SER A 166 8.31 19.05 -1.19
C SER A 166 8.03 18.40 -2.53
N LYS A 167 7.28 17.30 -2.50
CA LYS A 167 7.09 16.48 -3.69
C LYS A 167 5.76 15.75 -3.64
N VAL A 168 5.15 15.61 -4.81
CA VAL A 168 3.94 14.81 -4.96
C VAL A 168 4.25 13.61 -5.86
N THR A 169 3.78 12.45 -5.47
CA THR A 169 4.03 11.22 -6.19
C THR A 169 2.71 10.62 -6.65
N HIS A 170 2.73 10.07 -7.86
CA HIS A 170 1.58 9.39 -8.46
C HIS A 170 1.89 7.90 -8.60
N VAL A 171 0.93 7.07 -8.22
CA VAL A 171 1.05 5.62 -8.22
C VAL A 171 -0.18 5.10 -8.94
N MET A 172 0.00 4.50 -10.09
CA MET A 172 -1.12 4.00 -10.84
C MET A 172 -1.65 2.73 -10.19
N ILE A 173 -2.97 2.56 -10.29
CA ILE A 173 -3.69 1.42 -9.72
C ILE A 173 -4.48 0.80 -10.87
N ARG A 174 -4.10 -0.41 -11.26
CA ARG A 174 -4.76 -1.01 -12.42
C ARG A 174 -5.94 -1.83 -11.92
N CYS A 175 -6.98 -1.88 -12.73
CA CYS A 175 -8.13 -2.73 -12.44
C CYS A 175 -8.05 -3.93 -13.36
N GLN A 176 -7.83 -5.11 -12.78
CA GLN A 176 -7.71 -6.35 -13.57
C GLN A 176 -8.69 -7.40 -13.04
N GLU A 177 -9.64 -7.84 -13.85
CA GLU A 177 -10.59 -8.92 -13.49
C GLU A 177 -11.26 -8.58 -12.16
N LEU A 178 -11.70 -7.35 -11.99
CA LEU A 178 -12.44 -6.92 -10.78
C LEU A 178 -11.50 -6.77 -9.58
N LYS A 179 -10.18 -6.90 -9.75
CA LYS A 179 -9.27 -6.69 -8.64
C LYS A 179 -8.25 -5.62 -8.98
N TYR A 180 -7.74 -4.96 -7.94
CA TYR A 180 -6.89 -3.79 -8.08
C TYR A 180 -5.51 -4.00 -7.47
N ASP A 181 -4.50 -3.40 -8.10
CA ASP A 181 -3.13 -3.52 -7.63
C ASP A 181 -2.33 -2.31 -8.09
N VAL A 182 -1.11 -2.18 -7.53
CA VAL A 182 -0.22 -1.08 -7.93
C VAL A 182 0.94 -1.61 -8.77
N GLY A 183 0.68 -2.64 -9.57
CA GLY A 183 1.66 -3.15 -10.50
C GLY A 183 2.41 -4.37 -10.05
N GLY A 184 2.25 -4.76 -8.80
CA GLY A 184 2.93 -5.92 -8.27
C GLY A 184 2.50 -6.16 -6.84
N GLY A 185 2.69 -7.38 -6.39
CA GLY A 185 2.26 -7.71 -5.04
C GLY A 185 0.88 -8.32 -5.01
N GLU A 186 0.10 -7.95 -4.02
CA GLU A 186 -1.22 -8.51 -3.78
C GLU A 186 -2.30 -7.79 -4.56
N ARG A 187 -3.30 -8.53 -5.00
CA ARG A 187 -4.46 -7.98 -5.70
C ARG A 187 -5.62 -7.77 -4.73
N PHE A 188 -6.26 -6.60 -4.80
CA PHE A 188 -7.31 -6.24 -3.85
C PHE A 188 -8.68 -6.22 -4.49
N ASP A 189 -9.67 -6.53 -3.68
CA ASP A 189 -11.07 -6.53 -4.10
C ASP A 189 -11.68 -5.15 -4.11
N SER A 190 -11.03 -4.16 -3.50
CA SER A 190 -11.49 -2.78 -3.59
C SER A 190 -10.37 -1.81 -3.22
N LEU A 191 -10.53 -0.57 -3.67
CA LEU A 191 -9.54 0.44 -3.34
C LEU A 191 -9.40 0.64 -1.84
N THR A 192 -10.51 0.63 -1.12
CA THR A 192 -10.41 0.80 0.32
C THR A 192 -9.50 -0.26 0.93
N ASP A 193 -9.65 -1.53 0.51
CA ASP A 193 -8.72 -2.55 0.99
C ASP A 193 -7.30 -2.21 0.55
N LEU A 194 -7.13 -1.91 -0.73
CA LEU A 194 -5.80 -1.57 -1.21
C LEU A 194 -5.21 -0.43 -0.39
N VAL A 195 -5.98 0.66 -0.24
CA VAL A 195 -5.51 1.84 0.47
C VAL A 195 -5.19 1.48 1.90
N GLU A 196 -6.08 0.72 2.53
CA GLU A 196 -5.86 0.35 3.92
C GLU A 196 -4.61 -0.49 4.05
N HIS A 197 -4.27 -1.23 3.00
CA HIS A 197 -3.07 -2.07 3.10
C HIS A 197 -1.80 -1.24 3.01
N TYR A 198 -1.81 -0.21 2.17
CA TYR A 198 -0.60 0.59 2.03
C TYR A 198 -0.54 1.76 3.02
N LYS A 199 -1.64 2.02 3.77
CA LYS A 199 -1.52 2.85 4.97
C LYS A 199 -0.65 2.17 6.02
N LYS A 200 -0.92 0.90 6.31
CA LYS A 200 -0.13 0.18 7.30
C LYS A 200 1.18 -0.32 6.71
N ASN A 201 1.23 -0.61 5.39
CA ASN A 201 2.43 -1.15 4.74
C ASN A 201 2.89 -0.25 3.59
N PRO A 202 3.54 0.86 3.88
CA PRO A 202 3.70 1.89 2.85
C PRO A 202 4.66 1.42 1.78
N MET A 203 4.39 1.83 0.55
CA MET A 203 5.33 1.62 -0.55
C MET A 203 6.63 2.37 -0.26
N VAL A 204 7.76 1.76 -0.64
CA VAL A 204 9.07 2.39 -0.49
C VAL A 204 9.71 2.48 -1.87
N GLU A 205 10.02 3.70 -2.29
CA GLU A 205 10.57 3.90 -3.60
C GLU A 205 12.07 3.61 -3.56
N THR A 206 12.65 3.42 -4.75
CA THR A 206 13.99 2.81 -4.82
C THR A 206 15.02 3.61 -4.04
N LEU A 207 14.92 4.94 -4.02
CA LEU A 207 15.93 5.73 -3.33
C LEU A 207 15.61 5.99 -1.85
N GLY A 208 14.69 5.25 -1.25
CA GLY A 208 14.38 5.38 0.14
C GLY A 208 13.05 6.05 0.45
N THR A 209 12.52 6.83 -0.47
CA THR A 209 11.31 7.61 -0.19
C THR A 209 10.16 6.68 0.21
N VAL A 210 9.61 6.91 1.39
CA VAL A 210 8.47 6.12 1.85
C VAL A 210 7.18 6.91 1.59
N LEU A 211 6.26 6.28 0.85
CA LEU A 211 5.01 6.91 0.42
C LEU A 211 3.98 6.66 1.51
N GLN A 212 4.08 7.47 2.56
CA GLN A 212 3.22 7.28 3.71
C GLN A 212 1.86 7.93 3.43
N LEU A 213 0.80 7.14 3.59
CA LEU A 213 -0.58 7.63 3.47
C LEU A 213 -1.04 8.03 4.87
N LYS A 214 -0.62 9.23 5.28
CA LYS A 214 -0.88 9.66 6.65
C LYS A 214 -2.24 10.29 6.83
N GLN A 215 -2.70 11.13 5.89
CA GLN A 215 -4.04 11.70 6.01
C GLN A 215 -4.65 11.94 4.64
N PRO A 216 -5.96 11.82 4.49
CA PRO A 216 -6.60 12.20 3.23
C PRO A 216 -6.58 13.69 3.05
N LEU A 217 -6.42 14.12 1.81
CA LEU A 217 -6.32 15.54 1.51
C LEU A 217 -7.62 16.22 1.88
N ASN A 218 -7.52 17.39 2.50
CA ASN A 218 -8.69 18.13 2.94
C ASN A 218 -9.18 19.03 1.81
N THR A 219 -10.37 18.72 1.29
CA THR A 219 -10.99 19.51 0.25
C THR A 219 -12.29 20.16 0.72
N THR A 220 -12.69 19.96 1.98
CA THR A 220 -13.92 20.56 2.49
C THR A 220 -13.71 21.87 3.24
N ARG A 221 -12.52 22.13 3.77
CA ARG A 221 -12.25 23.40 4.41
C ARG A 221 -12.12 24.49 3.35
N ILE A 222 -13.00 25.48 3.38
CA ILE A 222 -12.97 26.56 2.42
C ILE A 222 -12.89 27.89 3.16
N ASN A 223 -12.44 28.90 2.45
CA ASN A 223 -12.50 30.25 2.99
C ASN A 223 -13.96 30.73 3.09
N ALA A 224 -14.26 31.48 4.16
CA ALA A 224 -15.63 31.86 4.46
C ALA A 224 -16.27 32.57 3.30
N ALA A 225 -15.49 33.41 2.59
CA ALA A 225 -15.97 34.12 1.43
C ALA A 225 -16.30 33.21 0.25
N GLU A 226 -15.92 31.94 0.30
CA GLU A 226 -16.19 31.02 -0.80
C GLU A 226 -17.50 30.25 -0.60
N ILE A 227 -18.11 30.32 0.59
CA ILE A 227 -19.21 29.43 0.91
C ILE A 227 -20.23 29.44 -0.21
N GLU A 228 -20.46 30.63 -0.78
CA GLU A 228 -21.47 30.76 -1.81
C GLU A 228 -21.08 29.96 -3.03
N SER A 229 -19.82 30.04 -3.44
CA SER A 229 -19.37 29.24 -4.58
C SER A 229 -19.54 27.75 -4.30
N ARG A 230 -19.07 27.32 -3.12
CA ARG A 230 -19.09 25.89 -2.78
C ARG A 230 -20.52 25.36 -2.68
N VAL A 231 -21.44 26.18 -2.17
CA VAL A 231 -22.80 25.73 -2.02
C VAL A 231 -23.44 25.51 -3.39
N ARG A 232 -23.13 26.36 -4.36
CA ARG A 232 -23.72 26.20 -5.69
C ARG A 232 -23.27 24.89 -6.35
N GLU A 233 -21.98 24.55 -6.24
CA GLU A 233 -21.50 23.34 -6.89
C GLU A 233 -21.94 22.08 -6.14
N LEU A 234 -22.22 22.18 -4.84
CA LEU A 234 -22.76 21.02 -4.16
C LEU A 234 -24.21 20.77 -4.53
N SER A 235 -24.90 21.75 -5.10
CA SER A 235 -26.31 21.60 -5.44
C SER A 235 -26.54 21.09 -6.85
N LYS A 236 -25.51 20.70 -7.55
CA LYS A 236 -25.65 20.09 -8.85
C LYS A 236 -25.05 18.69 -8.81
N GLY A 247 -23.65 16.48 -4.90
CA GLY A 247 -22.56 17.00 -4.09
C GLY A 247 -22.79 17.02 -2.58
N PHE A 248 -23.85 17.71 -2.17
CA PHE A 248 -24.22 17.67 -0.75
C PHE A 248 -24.44 16.24 -0.27
N TRP A 249 -25.09 15.42 -1.09
CA TRP A 249 -25.30 14.02 -0.72
C TRP A 249 -23.98 13.32 -0.47
N GLU A 250 -23.05 13.44 -1.40
CA GLU A 250 -21.80 12.70 -1.29
C GLU A 250 -21.01 13.16 -0.06
N GLU A 251 -20.84 14.46 0.10
CA GLU A 251 -20.04 14.94 1.22
C GLU A 251 -20.63 14.52 2.55
N PHE A 252 -21.95 14.63 2.70
CA PHE A 252 -22.58 14.26 3.96
C PHE A 252 -22.31 12.80 4.28
N GLU A 253 -22.68 11.90 3.36
CA GLU A 253 -22.48 10.49 3.63
C GLU A 253 -21.00 10.15 3.78
N THR A 254 -20.10 10.95 3.21
CA THR A 254 -18.70 10.72 3.47
C THR A 254 -18.39 11.05 4.92
N LEU A 255 -19.10 12.04 5.48
CA LEU A 255 -18.96 12.28 6.91
C LEU A 255 -19.65 11.18 7.73
N GLN A 256 -20.77 10.68 7.24
CA GLN A 256 -21.44 9.61 7.97
C GLN A 256 -20.51 8.41 8.10
N GLN A 257 -19.82 8.07 7.02
CA GLN A 257 -19.03 6.86 7.04
C GLN A 257 -18.01 6.91 8.16
N GLN A 258 -17.72 8.11 8.69
CA GLN A 258 -16.71 8.25 9.72
C GLN A 258 -17.25 8.14 11.13
N GLU A 259 -18.58 7.93 11.31
CA GLU A 259 -19.13 7.76 12.65
C GLU A 259 -18.59 6.50 13.35
N CYS A 260 -18.11 5.53 12.56
CA CYS A 260 -17.59 4.27 13.11
C CYS A 260 -16.41 4.54 14.03
N LYS A 261 -15.76 5.67 13.87
CA LYS A 261 -14.67 6.03 14.76
C LYS A 261 -15.13 6.61 16.08
N LEU A 262 -16.44 6.73 16.31
CA LEU A 262 -16.95 7.48 17.46
C LEU A 262 -17.81 6.63 18.38
N LEU A 263 -17.50 5.33 18.44
CA LEU A 263 -18.27 4.39 19.27
C LEU A 263 -17.65 4.29 20.66
N TYR A 264 -17.59 5.45 21.32
CA TYR A 264 -17.09 5.54 22.67
C TYR A 264 -18.10 5.00 23.67
N SER A 265 -17.59 4.58 24.81
CA SER A 265 -18.44 3.92 25.79
C SER A 265 -19.55 4.87 26.31
N ARG A 266 -20.68 4.28 26.63
CA ARG A 266 -21.81 4.97 27.24
C ARG A 266 -22.40 4.06 28.33
N LYS A 267 -21.54 3.58 29.22
CA LYS A 267 -21.92 2.58 30.20
C LYS A 267 -22.81 3.17 31.31
N GLU A 268 -22.42 4.32 31.89
CA GLU A 268 -23.22 4.91 32.96
C GLU A 268 -24.70 4.94 32.58
N GLY A 269 -24.99 5.36 31.34
CA GLY A 269 -26.36 5.51 30.87
C GLY A 269 -27.11 4.22 30.73
N GLN A 270 -26.43 3.08 30.84
CA GLN A 270 -27.00 1.76 30.78
C GLN A 270 -27.15 1.13 32.16
N ARG A 271 -26.55 1.75 33.18
CA ARG A 271 -26.64 1.26 34.53
C ARG A 271 -28.10 1.23 34.98
N GLN A 272 -28.45 0.18 35.71
CA GLN A 272 -29.85 0.00 36.11
C GLN A 272 -30.51 1.28 36.63
N GLU A 273 -29.87 1.95 37.57
CA GLU A 273 -30.46 3.10 38.20
C GLU A 273 -30.62 4.27 37.25
N ASN A 274 -30.03 4.21 36.05
CA ASN A 274 -30.05 5.30 35.09
C ASN A 274 -30.94 5.04 33.89
N LYS A 275 -31.34 3.80 33.63
CA LYS A 275 -32.15 3.55 32.44
C LYS A 275 -33.35 4.48 32.33
N ASN A 276 -34.10 4.67 33.41
CA ASN A 276 -35.33 5.46 33.27
C ASN A 276 -35.10 6.97 33.36
N LYS A 277 -33.84 7.39 33.41
CA LYS A 277 -33.45 8.78 33.31
C LYS A 277 -33.17 9.18 31.86
N ASN A 278 -33.38 8.27 30.93
CA ASN A 278 -33.20 8.55 29.51
C ASN A 278 -34.55 8.54 28.82
N ARG A 279 -34.73 9.52 27.95
CA ARG A 279 -35.94 9.57 27.17
C ARG A 279 -35.91 8.50 26.10
N TYR A 280 -34.75 8.17 25.60
CA TYR A 280 -34.57 7.12 24.61
C TYR A 280 -33.51 6.22 25.18
N LYS A 281 -33.89 4.97 25.48
CA LYS A 281 -33.02 4.08 26.23
C LYS A 281 -31.67 3.90 25.55
N ASN A 282 -31.64 3.92 24.22
CA ASN A 282 -30.45 3.61 23.45
C ASN A 282 -29.70 4.85 22.97
N ILE A 283 -30.15 6.05 23.32
CA ILE A 283 -29.44 7.28 22.95
C ILE A 283 -28.85 7.87 24.21
N LEU A 284 -27.56 7.66 24.43
CA LEU A 284 -26.88 7.86 25.71
C LEU A 284 -25.71 8.81 25.59
N PRO A 285 -25.28 9.39 26.70
CA PRO A 285 -24.08 10.23 26.69
C PRO A 285 -22.77 9.47 26.89
N PHE A 286 -21.77 9.87 26.09
CA PHE A 286 -20.44 9.34 26.28
C PHE A 286 -20.04 9.58 27.73
N ASP A 287 -19.53 8.51 28.37
CA ASP A 287 -18.98 8.62 29.70
C ASP A 287 -17.93 9.73 29.77
N HIS A 288 -17.14 9.92 28.71
CA HIS A 288 -16.03 10.84 28.84
C HIS A 288 -16.44 12.30 28.72
N THR A 289 -17.64 12.62 28.21
CA THR A 289 -18.06 14.03 28.15
C THR A 289 -19.36 14.36 28.91
N ARG A 290 -19.97 13.36 29.54
CA ARG A 290 -21.19 13.55 30.26
C ARG A 290 -21.00 14.51 31.42
N VAL A 291 -22.08 15.21 31.77
CA VAL A 291 -22.07 16.05 32.97
C VAL A 291 -22.36 15.16 34.18
N VAL A 292 -21.57 15.35 35.19
CA VAL A 292 -21.64 14.55 36.41
C VAL A 292 -22.18 15.47 37.48
N LEU A 293 -23.35 15.15 37.99
CA LEU A 293 -23.97 15.96 39.02
C LEU A 293 -23.33 15.58 40.33
N HIS A 294 -22.87 16.57 41.08
CA HIS A 294 -22.25 16.42 42.37
C HIS A 294 -23.17 16.98 43.44
N ASP A 295 -22.84 16.67 44.70
CA ASP A 295 -23.61 17.15 45.83
C ASP A 295 -25.08 16.72 45.72
N GLY A 296 -25.27 15.46 45.35
CA GLY A 296 -26.59 14.88 45.23
C GLY A 296 -26.96 14.09 46.48
N ASP A 297 -28.25 13.87 46.67
CA ASP A 297 -28.80 13.13 47.84
C ASP A 297 -27.90 11.95 48.22
N PRO A 298 -27.42 11.85 49.47
CA PRO A 298 -26.63 10.70 49.90
C PRO A 298 -27.10 9.37 49.31
N GLU A 300 -30.10 8.44 48.09
CA GLU A 300 -30.21 7.51 46.94
C GLU A 300 -28.80 7.13 46.47
N PRO A 301 -28.60 5.92 45.92
CA PRO A 301 -27.27 5.45 45.55
C PRO A 301 -26.65 6.18 44.34
N VAL A 302 -27.36 6.28 43.22
CA VAL A 302 -26.80 6.90 42.01
C VAL A 302 -27.51 8.23 41.80
N SER A 303 -26.79 9.33 41.89
CA SER A 303 -27.40 10.64 41.85
C SER A 303 -26.63 11.59 40.95
N ASP A 304 -25.77 11.05 40.10
CA ASP A 304 -24.81 11.86 39.37
C ASP A 304 -25.01 11.81 37.88
N TYR A 305 -26.13 11.31 37.42
CA TYR A 305 -26.30 11.05 36.01
C TYR A 305 -27.37 11.95 35.41
N ILE A 306 -27.14 12.35 34.16
CA ILE A 306 -28.16 13.03 33.39
C ILE A 306 -27.78 12.89 31.94
N ASN A 307 -28.79 12.64 31.09
CA ASN A 307 -28.50 12.48 29.68
C ASN A 307 -28.10 13.84 29.10
N ALA A 308 -26.87 14.24 29.42
CA ALA A 308 -26.27 15.43 28.87
C ALA A 308 -24.77 15.22 28.70
N ASN A 309 -24.19 16.00 27.78
CA ASN A 309 -22.77 16.09 27.51
C ASN A 309 -22.31 17.54 27.35
N ILE A 310 -21.12 17.84 27.89
CA ILE A 310 -20.44 19.07 27.55
C ILE A 310 -19.99 18.99 26.11
N ILE A 311 -20.24 20.06 25.34
CA ILE A 311 -19.78 20.21 23.97
C ILE A 311 -18.79 21.36 23.97
N MET A 312 -17.50 21.05 23.78
CA MET A 312 -16.44 22.03 23.71
C MET A 312 -15.81 22.03 22.33
N PRO A 313 -15.90 23.13 21.56
CA PRO A 313 -15.13 23.16 20.31
C PRO A 313 -13.63 23.38 20.52
N LYS A 326 -16.83 29.91 24.07
CA LYS A 326 -18.16 29.53 24.48
C LYS A 326 -18.42 28.02 24.41
N SER A 327 -18.86 27.43 25.49
CA SER A 327 -19.14 25.99 25.51
C SER A 327 -20.64 25.72 25.67
N TYR A 328 -21.01 24.46 25.44
CA TYR A 328 -22.40 24.05 25.36
C TYR A 328 -22.57 22.77 26.19
N ILE A 329 -23.74 22.58 26.75
CA ILE A 329 -24.24 21.28 27.21
C ILE A 329 -25.35 20.92 26.25
N ALA A 330 -25.27 19.74 25.65
CA ALA A 330 -26.31 19.24 24.76
C ALA A 330 -27.11 18.16 25.51
N THR A 331 -28.42 18.33 25.56
CA THR A 331 -29.19 17.44 26.39
C THR A 331 -30.53 17.17 25.74
N GLN A 332 -31.23 16.19 26.28
CA GLN A 332 -32.56 15.76 25.87
C GLN A 332 -33.66 16.59 26.58
N GLY A 333 -34.85 16.53 26.03
CA GLY A 333 -35.99 17.13 26.70
C GLY A 333 -36.29 16.49 28.05
N CYS A 334 -36.42 17.29 29.11
CA CYS A 334 -36.63 16.73 30.43
C CYS A 334 -37.74 15.69 30.41
N LEU A 335 -37.66 14.75 31.34
CA LEU A 335 -38.77 13.90 31.73
C LEU A 335 -39.27 14.32 33.10
N GLN A 336 -40.48 13.87 33.46
CA GLN A 336 -41.01 14.16 34.80
C GLN A 336 -39.96 13.85 35.87
N ASN A 337 -39.29 12.72 35.77
CA ASN A 337 -38.40 12.28 36.82
C ASN A 337 -36.99 12.88 36.79
N THR A 338 -36.62 13.64 35.76
CA THR A 338 -35.29 14.25 35.71
C THR A 338 -35.33 15.79 35.75
N VAL A 339 -36.50 16.39 35.98
CA VAL A 339 -36.57 17.85 36.02
C VAL A 339 -35.70 18.40 37.14
N ASN A 340 -35.83 17.84 38.35
CA ASN A 340 -34.93 18.27 39.43
C ASN A 340 -33.47 18.07 39.03
N ASP A 341 -33.16 17.01 38.30
CA ASP A 341 -31.77 16.81 37.89
C ASP A 341 -31.36 17.88 36.87
N PHE A 342 -32.23 18.22 35.94
CA PHE A 342 -31.93 19.26 34.96
C PHE A 342 -31.48 20.57 35.62
N TRP A 343 -32.23 21.04 36.62
CA TRP A 343 -31.88 22.28 37.34
C TRP A 343 -30.65 22.12 38.24
N ARG A 344 -30.40 20.94 38.81
CA ARG A 344 -29.13 20.72 39.48
C ARG A 344 -27.95 20.98 38.54
N MET A 345 -28.09 20.54 37.28
CA MET A 345 -27.07 20.79 36.27
C MET A 345 -26.93 22.28 36.02
N VAL A 346 -28.07 22.93 35.76
CA VAL A 346 -28.03 24.32 35.40
C VAL A 346 -27.32 25.09 36.50
N PHE A 347 -27.70 24.82 37.74
CA PHE A 347 -27.09 25.47 38.89
C PHE A 347 -25.60 25.19 38.91
N GLN A 348 -25.27 23.92 38.93
CA GLN A 348 -23.90 23.53 39.15
C GLN A 348 -22.97 24.13 38.11
N GLU A 349 -23.35 24.05 36.83
CA GLU A 349 -22.49 24.48 35.74
C GLU A 349 -22.55 25.98 35.51
N ASN A 350 -23.25 26.72 36.33
CA ASN A 350 -23.34 28.16 36.17
C ASN A 350 -23.92 28.58 34.83
N SER A 351 -24.70 27.74 34.17
CA SER A 351 -25.39 28.17 32.96
C SER A 351 -26.34 29.33 33.23
N ARG A 352 -26.35 30.28 32.29
CA ARG A 352 -27.26 31.41 32.38
C ARG A 352 -28.17 31.53 31.15
N VAL A 353 -28.09 30.58 30.21
CA VAL A 353 -28.88 30.69 28.99
C VAL A 353 -29.24 29.31 28.53
N ILE A 354 -30.52 29.09 28.37
CA ILE A 354 -31.03 27.82 27.93
C ILE A 354 -31.68 28.07 26.60
N VAL A 355 -31.55 27.09 25.72
CA VAL A 355 -32.05 27.21 24.36
C VAL A 355 -32.81 25.95 24.05
N MET A 356 -34.14 26.04 24.04
CA MET A 356 -34.97 24.87 23.78
C MET A 356 -35.59 25.01 22.40
N THR A 357 -35.54 23.94 21.61
CA THR A 357 -35.73 24.06 20.16
C THR A 357 -36.86 23.16 19.71
N THR A 358 -37.79 22.86 20.60
CA THR A 358 -38.96 22.06 20.30
C THR A 358 -40.15 22.65 21.05
N LYS A 359 -41.34 22.39 20.54
CA LYS A 359 -42.51 22.67 21.36
C LYS A 359 -42.54 21.66 22.48
N GLU A 360 -43.39 21.89 23.48
CA GLU A 360 -43.55 20.88 24.51
C GLU A 360 -44.13 19.64 23.86
N VAL A 361 -45.06 19.85 22.92
CA VAL A 361 -45.73 18.77 22.21
C VAL A 361 -45.53 19.03 20.73
N GLU A 362 -45.27 17.97 19.97
CA GLU A 362 -45.20 18.07 18.52
C GLU A 362 -45.95 16.89 17.93
N ARG A 363 -46.97 17.19 17.12
CA ARG A 363 -47.77 16.17 16.46
C ARG A 363 -48.42 15.27 17.49
N GLY A 364 -48.92 15.88 18.56
CA GLY A 364 -49.43 15.13 19.68
C GLY A 364 -48.39 14.37 20.48
N LYS A 365 -47.15 14.30 20.03
CA LYS A 365 -46.10 13.64 20.80
C LYS A 365 -45.51 14.60 21.82
N SER A 366 -45.28 14.11 23.04
CA SER A 366 -44.54 14.91 24.02
C SER A 366 -43.04 14.77 23.75
N LYS A 367 -42.32 15.88 23.91
CA LYS A 367 -40.88 15.99 23.65
C LYS A 367 -40.11 16.58 24.82
N CYS A 368 -40.75 17.32 25.70
CA CYS A 368 -40.07 17.91 26.84
C CYS A 368 -41.16 18.33 27.81
N VAL A 369 -41.04 17.86 29.06
CA VAL A 369 -41.97 18.26 30.11
C VAL A 369 -41.77 19.74 30.42
N LYS A 370 -42.82 20.35 30.93
CA LYS A 370 -42.71 21.73 31.39
C LYS A 370 -41.84 21.78 32.65
N TYR A 371 -40.63 22.33 32.52
CA TYR A 371 -39.70 22.42 33.65
C TYR A 371 -39.48 23.85 34.17
N TRP A 372 -40.28 24.82 33.70
CA TRP A 372 -40.20 26.18 34.16
C TRP A 372 -41.55 26.62 34.74
N PRO A 373 -41.56 27.42 35.80
CA PRO A 373 -42.83 27.94 36.32
C PRO A 373 -43.58 28.79 35.31
N ASP A 374 -44.89 28.87 35.52
CA ASP A 374 -45.71 29.82 34.77
C ASP A 374 -45.22 31.23 34.99
N GLU A 375 -45.54 32.13 34.04
CA GLU A 375 -45.15 33.54 34.21
C GLU A 375 -45.59 34.12 35.54
N TYR A 376 -44.65 34.73 36.25
CA TYR A 376 -44.82 35.34 37.58
C TYR A 376 -44.96 34.33 38.70
N ALA A 377 -44.98 33.04 38.40
CA ALA A 377 -45.13 32.02 39.40
C ALA A 377 -43.79 31.58 39.94
N LEU A 378 -43.82 30.97 41.12
CA LEU A 378 -42.62 30.42 41.73
C LEU A 378 -42.83 28.94 42.00
N LYS A 379 -41.83 28.11 41.64
CA LYS A 379 -41.85 26.67 41.90
C LYS A 379 -40.51 26.19 42.47
N GLU A 380 -40.61 25.16 43.32
CA GLU A 380 -39.49 24.44 43.92
C GLU A 380 -39.35 23.09 43.22
N TYR A 381 -38.15 22.83 42.68
CA TYR A 381 -37.79 21.56 42.02
C TYR A 381 -36.66 20.96 42.87
N GLY A 382 -36.99 19.99 43.72
CA GLY A 382 -36.02 19.52 44.69
C GLY A 382 -35.40 20.66 45.46
N VAL A 383 -34.07 20.70 45.52
CA VAL A 383 -33.44 21.76 46.30
C VAL A 383 -33.33 23.07 45.53
N MET A 384 -33.76 23.08 44.28
CA MET A 384 -33.63 24.24 43.40
C MET A 384 -34.96 24.97 43.31
N ARG A 385 -34.90 26.31 43.41
CA ARG A 385 -36.06 27.19 43.39
C ARG A 385 -35.98 28.17 42.20
N VAL A 386 -37.03 28.16 41.37
CA VAL A 386 -37.07 28.87 40.11
C VAL A 386 -38.30 29.77 40.12
N ARG A 387 -38.08 31.06 39.86
CA ARG A 387 -39.14 32.04 39.64
C ARG A 387 -39.10 32.49 38.18
N ASN A 388 -40.23 32.46 37.50
CA ASN A 388 -40.35 33.01 36.17
C ASN A 388 -40.64 34.49 36.28
N VAL A 389 -39.66 35.34 35.94
CA VAL A 389 -39.85 36.74 36.30
C VAL A 389 -40.66 37.48 35.25
N LYS A 390 -40.40 37.25 33.97
CA LYS A 390 -41.17 37.89 32.91
C LYS A 390 -41.02 37.00 31.69
N GLU A 391 -42.02 36.99 30.84
CA GLU A 391 -41.93 36.34 29.53
C GLU A 391 -42.10 37.37 28.43
N SER A 392 -41.29 37.28 27.39
CA SER A 392 -41.46 38.10 26.19
C SER A 392 -41.58 37.22 24.95
N ALA A 393 -42.51 37.55 24.09
CA ALA A 393 -42.85 36.75 22.93
C ALA A 393 -42.47 37.49 21.67
N ALA A 394 -41.57 36.90 20.91
CA ALA A 394 -41.27 37.29 19.56
C ALA A 394 -42.10 36.40 18.64
N HIS A 395 -41.89 36.56 17.32
CA HIS A 395 -42.65 35.74 16.40
C HIS A 395 -42.13 34.31 16.37
N ASP A 396 -40.82 34.13 16.47
CA ASP A 396 -40.20 32.82 16.29
C ASP A 396 -39.89 32.14 17.59
N TYR A 397 -39.95 32.88 18.69
CA TYR A 397 -39.46 32.35 19.96
C TYR A 397 -40.08 33.16 21.10
N THR A 398 -39.95 32.59 22.29
CA THR A 398 -40.27 33.23 23.54
C THR A 398 -39.04 33.29 24.44
N LEU A 399 -38.84 34.40 25.10
CA LEU A 399 -37.81 34.51 26.11
C LEU A 399 -38.47 34.46 27.48
N ARG A 400 -38.06 33.51 28.31
CA ARG A 400 -38.47 33.52 29.70
C ARG A 400 -37.26 33.97 30.53
N GLU A 401 -37.47 34.96 31.33
CA GLU A 401 -36.47 35.46 32.26
C GLU A 401 -36.78 34.70 33.55
N LEU A 402 -35.85 33.81 33.94
CA LEU A 402 -35.99 32.89 35.07
C LEU A 402 -34.90 33.15 36.07
N LYS A 403 -35.26 33.22 37.34
CA LYS A 403 -34.27 33.36 38.39
C LYS A 403 -34.11 32.03 39.12
N LEU A 404 -32.89 31.52 39.17
CA LEU A 404 -32.61 30.22 39.78
C LEU A 404 -31.81 30.43 41.05
N SER A 405 -32.22 29.71 42.10
CA SER A 405 -31.59 29.81 43.39
C SER A 405 -31.73 28.47 44.12
N LYS A 406 -30.92 28.31 45.15
CA LYS A 406 -30.91 27.10 45.96
C LYS A 406 -31.69 27.40 47.23
N VAL A 407 -32.72 26.61 47.49
CA VAL A 407 -33.52 26.85 48.69
C VAL A 407 -32.60 26.98 49.91
N GLY A 408 -32.90 27.94 50.74
CA GLY A 408 -32.24 28.08 52.02
C GLY A 408 -31.07 29.04 52.05
N GLN A 409 -30.56 29.48 50.93
CA GLN A 409 -29.39 30.35 50.95
C GLN A 409 -29.52 31.38 49.85
N GLY A 410 -29.84 32.62 50.25
CA GLY A 410 -30.09 33.69 49.33
C GLY A 410 -28.85 34.41 48.87
N ASN A 411 -27.79 33.66 48.66
CA ASN A 411 -26.57 34.20 48.07
C ASN A 411 -26.17 33.39 46.85
N THR A 412 -27.10 32.62 46.29
CA THR A 412 -26.84 31.74 45.16
C THR A 412 -27.69 32.13 43.96
N GLU A 413 -28.39 33.24 44.05
CA GLU A 413 -29.32 33.64 43.02
C GLU A 413 -28.58 34.03 41.74
N ARG A 414 -29.07 33.55 40.62
CA ARG A 414 -28.59 33.99 39.33
C ARG A 414 -29.75 33.95 38.35
N THR A 415 -29.80 34.97 37.47
CA THR A 415 -30.78 34.97 36.41
C THR A 415 -30.40 33.96 35.35
N VAL A 416 -31.38 33.23 34.87
CA VAL A 416 -31.18 32.31 33.78
C VAL A 416 -32.18 32.68 32.70
N TRP A 417 -31.71 32.81 31.46
CA TRP A 417 -32.55 33.24 30.33
C TRP A 417 -32.84 32.05 29.43
N GLN A 418 -34.13 31.78 29.23
CA GLN A 418 -34.53 30.61 28.46
C GLN A 418 -35.17 31.05 27.16
N TYR A 419 -34.48 30.75 26.06
CA TYR A 419 -34.85 31.14 24.70
C TYR A 419 -35.58 30.01 23.98
N HIS A 420 -36.89 30.11 23.87
CA HIS A 420 -37.72 28.94 23.51
C HIS A 420 -38.13 29.09 22.05
N PHE A 421 -37.33 28.48 21.18
CA PHE A 421 -37.63 28.54 19.76
C PHE A 421 -38.82 27.66 19.40
N ARG A 422 -39.86 28.27 18.82
CA ARG A 422 -41.14 27.63 18.63
C ARG A 422 -41.56 27.41 17.18
N THR A 423 -40.77 27.82 16.21
CA THR A 423 -41.19 27.76 14.82
C THR A 423 -40.44 26.70 14.01
N TRP A 424 -39.82 25.72 14.64
CA TRP A 424 -39.17 24.73 13.81
C TRP A 424 -40.24 23.86 13.15
N PRO A 425 -40.06 23.48 11.90
CA PRO A 425 -41.13 22.72 11.22
C PRO A 425 -41.27 21.35 11.81
N ASP A 426 -42.48 20.82 11.79
CA ASP A 426 -42.71 19.56 12.48
C ASP A 426 -41.79 18.50 11.91
N HIS A 427 -41.57 18.56 10.60
CA HIS A 427 -40.63 17.70 9.90
C HIS A 427 -39.80 18.56 8.97
N GLY A 428 -38.53 18.19 8.85
CA GLY A 428 -37.63 18.90 7.98
C GLY A 428 -36.91 20.01 8.67
N VAL A 429 -36.51 21.00 7.89
CA VAL A 429 -35.83 22.15 8.45
C VAL A 429 -36.53 23.40 7.92
N PRO A 430 -36.28 24.55 8.51
CA PRO A 430 -36.91 25.78 8.01
C PRO A 430 -36.51 26.04 6.57
N SER A 431 -37.47 26.54 5.80
CA SER A 431 -37.18 26.98 4.46
C SER A 431 -36.23 28.16 4.43
N ASP A 432 -36.01 28.86 5.53
CA ASP A 432 -35.13 30.02 5.50
C ASP A 432 -34.38 30.10 6.82
N PRO A 433 -33.09 30.43 6.80
CA PRO A 433 -32.34 30.46 8.06
C PRO A 433 -32.40 31.77 8.82
N GLY A 434 -33.11 32.78 8.33
CA GLY A 434 -33.07 34.06 9.00
C GLY A 434 -33.55 33.96 10.42
N GLY A 435 -34.66 33.23 10.62
CA GLY A 435 -35.23 33.12 11.95
C GLY A 435 -34.27 32.49 12.93
N VAL A 436 -33.65 31.36 12.51
CA VAL A 436 -32.67 30.69 13.36
C VAL A 436 -31.51 31.64 13.63
N LEU A 437 -31.08 32.37 12.61
CA LEU A 437 -29.84 33.14 12.78
C LEU A 437 -30.05 34.29 13.75
N ASP A 438 -31.09 35.10 13.53
CA ASP A 438 -31.39 36.18 14.47
C ASP A 438 -31.61 35.65 15.89
N PHE A 439 -32.24 34.49 16.01
CA PHE A 439 -32.35 33.83 17.30
C PHE A 439 -30.97 33.65 17.93
N LEU A 440 -30.10 32.91 17.24
CA LEU A 440 -28.80 32.58 17.82
C LEU A 440 -28.02 33.84 18.09
N GLU A 441 -28.13 34.82 17.20
CA GLU A 441 -27.40 36.07 17.40
C GLU A 441 -27.89 36.75 18.66
N GLU A 442 -29.19 36.83 18.86
CA GLU A 442 -29.70 37.29 20.14
C GLU A 442 -29.12 36.45 21.28
N VAL A 443 -29.10 35.13 21.11
CA VAL A 443 -28.65 34.24 22.20
C VAL A 443 -27.21 34.58 22.56
N HIS A 444 -26.39 34.82 21.56
CA HIS A 444 -24.97 35.02 21.80
C HIS A 444 -24.68 36.28 22.59
N HIS A 445 -25.37 37.36 22.25
CA HIS A 445 -25.13 38.60 22.97
C HIS A 445 -25.60 38.48 24.39
N LYS A 446 -26.78 37.92 24.62
CA LYS A 446 -27.16 37.61 26.00
C LYS A 446 -26.04 36.90 26.74
N GLN A 447 -25.48 35.86 26.11
CA GLN A 447 -24.44 35.09 26.79
C GLN A 447 -23.21 35.93 27.00
N GLU A 448 -22.80 36.67 25.96
CA GLU A 448 -21.63 37.52 26.10
C GLU A 448 -21.84 38.63 27.11
N SER A 449 -23.07 38.99 27.39
CA SER A 449 -23.33 40.11 28.30
C SER A 449 -23.21 39.76 29.77
N ILE A 450 -23.16 38.50 30.14
CA ILE A 450 -23.12 38.10 31.54
C ILE A 450 -21.69 37.68 31.85
N MET A 451 -21.12 38.23 32.93
CA MET A 451 -19.77 37.88 33.30
C MET A 451 -19.70 36.48 33.92
N ASP A 452 -18.72 35.68 33.48
CA ASP A 452 -18.45 34.35 34.03
C ASP A 452 -19.56 33.36 33.76
N ALA A 453 -20.37 33.57 32.74
CA ALA A 453 -21.43 32.64 32.38
C ALA A 453 -20.84 31.28 32.04
N GLY A 454 -21.59 30.25 32.34
CA GLY A 454 -21.17 28.93 32.04
C GLY A 454 -21.63 28.46 30.67
N PRO A 455 -21.56 27.14 30.47
CA PRO A 455 -22.05 26.57 29.22
C PRO A 455 -23.45 27.06 28.93
N VAL A 456 -23.72 27.18 27.65
CA VAL A 456 -25.06 27.48 27.17
C VAL A 456 -25.79 26.16 26.95
N VAL A 457 -26.87 25.93 27.69
CA VAL A 457 -27.65 24.71 27.60
C VAL A 457 -28.52 24.73 26.37
N VAL A 458 -28.43 23.66 25.57
CA VAL A 458 -29.21 23.46 24.35
C VAL A 458 -29.93 22.11 24.43
N HIS A 459 -31.21 22.09 24.15
CA HIS A 459 -31.98 20.83 24.26
C HIS A 459 -33.16 20.79 23.32
N CYS A 460 -33.43 19.63 22.76
CA CYS A 460 -34.63 19.42 21.94
C CYS A 460 -35.33 18.25 22.61
N SER A 461 -35.58 17.17 21.88
CA SER A 461 -36.19 15.96 22.43
C SER A 461 -35.12 14.94 22.80
N ALA A 462 -34.51 14.33 21.82
CA ALA A 462 -33.44 13.40 22.07
C ALA A 462 -32.12 14.12 22.18
N GLY A 463 -32.07 15.35 21.69
CA GLY A 463 -30.95 16.18 21.98
C GLY A 463 -29.79 15.89 21.08
N ILE A 464 -30.07 15.44 19.84
CA ILE A 464 -28.98 15.16 18.92
C ILE A 464 -29.15 15.85 17.58
N GLY A 465 -30.38 15.85 17.06
CA GLY A 465 -30.66 16.37 15.73
C GLY A 465 -30.70 17.87 15.71
N ARG A 466 -31.85 18.41 16.15
CA ARG A 466 -32.00 19.86 16.19
C ARG A 466 -30.97 20.49 17.12
N THR A 467 -30.83 19.98 18.35
CA THR A 467 -29.87 20.50 19.29
C THR A 467 -28.48 20.60 18.67
N GLY A 468 -28.13 19.64 17.79
CA GLY A 468 -26.81 19.64 17.21
C GLY A 468 -26.74 20.55 16.03
N THR A 469 -27.84 20.68 15.30
CA THR A 469 -27.83 21.64 14.22
C THR A 469 -27.57 23.03 14.76
N PHE A 470 -28.25 23.40 15.85
CA PHE A 470 -28.08 24.71 16.46
C PHE A 470 -26.65 24.94 16.94
N ILE A 471 -26.14 24.07 17.81
CA ILE A 471 -24.80 24.30 18.35
C ILE A 471 -23.79 24.53 17.24
N VAL A 472 -23.92 23.76 16.14
CA VAL A 472 -22.89 23.80 15.12
C VAL A 472 -22.97 25.11 14.37
N ILE A 473 -24.17 25.47 13.90
CA ILE A 473 -24.40 26.81 13.32
C ILE A 473 -23.82 27.84 14.25
N ASP A 474 -24.05 27.67 15.54
CA ASP A 474 -23.60 28.65 16.50
C ASP A 474 -22.10 28.71 16.56
N ILE A 475 -21.43 27.55 16.58
CA ILE A 475 -19.95 27.54 16.54
C ILE A 475 -19.41 28.20 15.27
N LEU A 476 -20.00 27.91 14.12
CA LEU A 476 -19.46 28.38 12.84
C LEU A 476 -19.62 29.90 12.68
N ILE A 477 -20.81 30.43 12.95
CA ILE A 477 -20.95 31.89 12.91
C ILE A 477 -20.13 32.53 14.04
N ASP A 478 -19.98 31.86 15.18
CA ASP A 478 -19.03 32.33 16.17
C ASP A 478 -17.71 32.70 15.51
N ILE A 479 -17.22 31.82 14.66
CA ILE A 479 -15.97 32.09 13.97
C ILE A 479 -16.12 33.33 13.08
N ILE A 480 -17.12 33.30 12.19
CA ILE A 480 -17.28 34.35 11.19
C ILE A 480 -17.54 35.69 11.87
N ARG A 481 -18.17 35.68 13.07
CA ARG A 481 -18.38 36.87 13.89
C ARG A 481 -17.08 37.33 14.52
N LYS A 483 -12.76 37.14 14.39
CA LYS A 483 -12.48 36.87 12.98
C LYS A 483 -13.74 37.30 12.24
N GLY A 484 -13.58 37.79 11.01
CA GLY A 484 -14.69 38.21 10.18
C GLY A 484 -14.90 37.29 9.02
N VAL A 485 -14.91 37.82 7.79
CA VAL A 485 -14.99 36.93 6.65
C VAL A 485 -13.62 36.42 6.20
N ASP A 486 -12.57 36.80 6.90
CA ASP A 486 -11.26 36.25 6.66
C ASP A 486 -11.06 35.01 7.55
N CYS A 487 -11.77 33.94 7.22
CA CYS A 487 -11.56 32.73 8.00
C CYS A 487 -11.96 31.50 7.21
N ASP A 488 -11.37 30.39 7.57
CA ASP A 488 -11.73 29.13 6.94
C ASP A 488 -12.86 28.46 7.68
N ILE A 489 -13.67 27.74 6.94
CA ILE A 489 -14.78 27.04 7.53
C ILE A 489 -14.75 25.62 7.04
N ASP A 490 -14.95 24.67 7.95
CA ASP A 490 -14.85 23.26 7.62
C ASP A 490 -16.03 22.62 8.32
N VAL A 491 -17.14 22.46 7.61
CA VAL A 491 -18.38 22.04 8.27
C VAL A 491 -18.18 20.60 8.68
N PRO A 492 -17.93 19.67 7.79
CA PRO A 492 -17.71 18.28 8.23
C PRO A 492 -16.84 18.15 9.48
N LYS A 493 -15.75 18.92 9.49
CA LYS A 493 -14.79 18.78 10.57
C LYS A 493 -15.47 19.12 11.86
N THR A 494 -16.14 20.25 11.86
CA THR A 494 -16.87 20.73 13.02
C THR A 494 -17.98 19.79 13.43
N ILE A 495 -18.68 19.20 12.48
CA ILE A 495 -19.71 18.24 12.87
C ILE A 495 -19.08 17.06 13.56
N GLN A 496 -17.95 16.57 13.04
CA GLN A 496 -17.28 15.38 13.57
C GLN A 496 -16.71 15.65 14.93
N MET A 497 -16.13 16.83 15.13
CA MET A 497 -15.61 17.17 16.45
C MET A 497 -16.71 17.18 17.50
N VAL A 498 -17.93 17.64 17.13
CA VAL A 498 -19.03 17.62 18.08
C VAL A 498 -19.68 16.23 18.18
N ARG A 499 -19.70 15.44 17.12
CA ARG A 499 -20.20 14.08 17.30
C ARG A 499 -19.28 13.25 18.21
N SER A 500 -18.01 13.64 18.26
CA SER A 500 -17.11 12.93 19.16
C SER A 500 -17.41 13.25 20.62
N GLN A 501 -18.24 14.26 20.87
CA GLN A 501 -18.58 14.63 22.24
C GLN A 501 -20.02 14.28 22.61
N ARG A 502 -20.93 14.19 21.62
CA ARG A 502 -22.21 13.54 21.82
C ARG A 502 -22.62 12.77 20.58
N SER A 503 -23.20 11.58 20.82
CA SER A 503 -23.57 10.68 19.75
C SER A 503 -24.55 11.30 18.77
N GLY A 504 -24.25 11.19 17.47
CA GLY A 504 -25.27 11.53 16.52
C GLY A 504 -25.60 13.02 16.41
N MET A 505 -24.65 13.88 16.73
CA MET A 505 -24.95 15.27 16.95
C MET A 505 -25.47 16.04 15.73
N VAL A 506 -25.32 15.66 14.49
CA VAL A 506 -26.24 16.24 13.48
C VAL A 506 -26.92 15.07 12.78
N GLN A 507 -28.26 15.11 12.67
CA GLN A 507 -28.92 13.84 12.35
C GLN A 507 -29.07 13.54 10.87
N THR A 508 -29.41 14.52 10.05
CA THR A 508 -29.92 14.25 8.72
C THR A 508 -29.12 15.02 7.69
N GLU A 509 -29.36 14.69 6.44
CA GLU A 509 -28.77 15.50 5.37
C GLU A 509 -29.47 16.86 5.26
N ALA A 510 -30.79 16.87 5.36
CA ALA A 510 -31.50 18.15 5.32
C ALA A 510 -30.87 19.13 6.31
N GLN A 511 -30.75 18.73 7.57
CA GLN A 511 -30.09 19.59 8.54
C GLN A 511 -28.71 20.02 8.08
N TYR A 512 -27.89 19.05 7.62
CA TYR A 512 -26.54 19.35 7.13
C TYR A 512 -26.53 20.47 6.12
N ARG A 513 -27.46 20.43 5.18
CA ARG A 513 -27.52 21.50 4.19
C ARG A 513 -28.06 22.80 4.81
N PHE A 514 -29.01 22.68 5.74
CA PHE A 514 -29.49 23.84 6.46
C PHE A 514 -28.33 24.56 7.15
N ILE A 515 -27.35 23.81 7.69
CA ILE A 515 -26.16 24.46 8.24
C ILE A 515 -25.42 25.28 7.16
N TYR A 516 -25.23 24.70 5.98
CA TYR A 516 -24.59 25.46 4.91
C TYR A 516 -25.40 26.70 4.57
N MET A 517 -26.71 26.52 4.33
CA MET A 517 -27.57 27.68 4.09
C MET A 517 -27.40 28.72 5.20
N ALA A 518 -27.38 28.29 6.45
CA ALA A 518 -27.30 29.25 7.55
C ALA A 518 -26.02 30.08 7.45
N VAL A 519 -24.88 29.41 7.31
CA VAL A 519 -23.60 30.10 7.26
C VAL A 519 -23.54 31.02 6.03
N GLN A 520 -24.01 30.51 4.90
CA GLN A 520 -24.07 31.32 3.71
C GLN A 520 -24.87 32.58 4.03
N HIS A 521 -26.09 32.40 4.53
CA HIS A 521 -26.94 33.54 4.83
C HIS A 521 -26.24 34.53 5.75
N TYR A 522 -25.61 34.03 6.82
CA TYR A 522 -24.93 34.94 7.74
C TYR A 522 -23.83 35.69 7.03
N ILE A 523 -23.08 35.01 6.17
CA ILE A 523 -22.00 35.69 5.48
C ILE A 523 -22.56 36.77 4.55
N GLU A 524 -23.67 36.48 3.87
CA GLU A 524 -24.31 37.43 2.99
C GLU A 524 -24.68 38.71 3.72
N THR A 525 -24.97 38.64 5.00
CA THR A 525 -25.45 39.76 5.77
C THR A 525 -24.31 40.54 6.44
N LEU A 526 -23.07 40.13 6.25
CA LEU A 526 -21.95 40.95 6.69
C LEU A 526 -21.95 42.31 5.93
N ARG B 5 -62.16 68.64 11.94
CA ARG B 5 -60.82 68.27 12.37
C ARG B 5 -60.22 69.49 13.06
N ARG B 6 -61.07 70.39 13.54
CA ARG B 6 -60.56 71.61 14.18
C ARG B 6 -59.73 71.30 15.42
N TRP B 7 -59.94 70.12 16.03
CA TRP B 7 -59.24 69.72 17.24
C TRP B 7 -57.74 69.51 17.02
N PHE B 8 -57.22 69.62 15.80
CA PHE B 8 -55.79 69.53 15.55
C PHE B 8 -55.24 70.93 15.34
N HIS B 9 -54.17 71.27 16.04
CA HIS B 9 -53.49 72.59 15.93
C HIS B 9 -52.08 72.34 15.42
N PRO B 10 -51.68 72.89 14.27
CA PRO B 10 -50.40 72.53 13.68
C PRO B 10 -49.17 73.19 14.32
N ASN B 11 -49.31 74.39 14.86
CA ASN B 11 -48.16 75.18 15.37
C ASN B 11 -48.29 75.53 16.85
N ILE B 12 -48.44 74.56 17.76
CA ILE B 12 -48.49 74.87 19.18
C ILE B 12 -47.44 74.03 19.91
N THR B 13 -46.67 74.65 20.79
CA THR B 13 -45.84 73.88 21.68
C THR B 13 -46.70 73.21 22.76
N GLY B 14 -46.08 72.27 23.47
CA GLY B 14 -46.77 71.59 24.55
C GLY B 14 -47.39 72.56 25.56
N VAL B 15 -46.58 73.53 26.01
CA VAL B 15 -47.06 74.52 26.99
C VAL B 15 -48.22 75.31 26.39
N GLU B 16 -48.04 75.84 25.18
CA GLU B 16 -49.15 76.49 24.50
C GLU B 16 -50.40 75.63 24.54
N ALA B 17 -50.24 74.32 24.52
CA ALA B 17 -51.42 73.46 24.54
C ALA B 17 -51.97 73.34 25.94
N GLU B 18 -51.10 73.16 26.93
CA GLU B 18 -51.62 72.97 28.28
C GLU B 18 -52.47 74.17 28.69
N ASN B 19 -51.92 75.37 28.62
CA ASN B 19 -52.64 76.54 29.12
C ASN B 19 -53.94 76.74 28.35
N LEU B 20 -53.91 76.50 27.03
CA LEU B 20 -55.12 76.61 26.23
C LEU B 20 -56.24 75.75 26.81
N LEU B 21 -55.92 74.53 27.17
CA LEU B 21 -56.88 73.68 27.85
C LEU B 21 -57.19 74.21 29.23
N LEU B 22 -56.17 74.68 29.95
CA LEU B 22 -56.39 75.11 31.32
C LEU B 22 -57.28 76.36 31.41
N THR B 23 -57.27 77.22 30.40
CA THR B 23 -57.95 78.51 30.47
C THR B 23 -59.19 78.58 29.59
N ARG B 24 -59.14 78.04 28.37
CA ARG B 24 -60.25 78.11 27.44
C ARG B 24 -61.02 76.80 27.36
N GLY B 25 -60.75 75.86 28.26
CA GLY B 25 -61.34 74.55 28.18
C GLY B 25 -61.81 74.08 29.55
N VAL B 26 -62.55 72.98 29.53
CA VAL B 26 -63.13 72.39 30.72
C VAL B 26 -62.73 70.92 30.75
N ASP B 27 -63.06 70.24 31.85
CA ASP B 27 -62.80 68.81 31.94
C ASP B 27 -63.52 68.07 30.81
N GLY B 28 -62.76 67.23 30.09
CA GLY B 28 -63.24 66.54 28.91
C GLY B 28 -62.84 67.20 27.61
N SER B 29 -62.20 68.36 27.65
CA SER B 29 -61.74 69.02 26.44
C SER B 29 -60.40 68.43 25.98
N PHE B 30 -60.15 68.45 24.70
CA PHE B 30 -58.96 67.80 24.21
C PHE B 30 -58.49 68.46 22.93
N LEU B 31 -57.25 68.15 22.57
CA LEU B 31 -56.71 68.55 21.28
C LEU B 31 -55.55 67.62 20.98
N ALA B 32 -55.18 67.58 19.72
CA ALA B 32 -53.97 66.88 19.30
C ALA B 32 -52.98 67.88 18.72
N ARG B 33 -51.71 67.50 18.73
CA ARG B 33 -50.68 68.40 18.21
C ARG B 33 -49.50 67.61 17.67
N PRO B 34 -48.78 68.18 16.70
CA PRO B 34 -47.53 67.53 16.24
C PRO B 34 -46.44 67.68 17.28
N SER B 35 -45.85 66.56 17.66
CA SER B 35 -44.79 66.56 18.66
C SER B 35 -43.45 66.91 18.01
N LYS B 36 -42.72 67.82 18.64
CA LYS B 36 -41.38 68.21 18.20
C LYS B 36 -40.26 67.40 18.87
N SER B 37 -40.55 66.71 19.97
CA SER B 37 -39.54 65.84 20.60
C SER B 37 -39.15 64.71 19.63
N PRO B 39 -40.22 64.25 15.59
CA PRO B 39 -40.86 64.49 14.29
C PRO B 39 -41.45 63.21 13.67
N GLY B 40 -42.74 63.23 13.36
CA GLY B 40 -43.48 62.05 13.00
C GLY B 40 -44.37 61.51 14.09
N ASP B 41 -44.15 61.92 15.33
CA ASP B 41 -45.03 61.62 16.47
C ASP B 41 -45.98 62.80 16.68
N PHE B 42 -47.06 62.54 17.43
CA PHE B 42 -48.11 63.49 17.76
C PHE B 42 -48.44 63.38 19.25
N THR B 43 -49.22 64.32 19.75
CA THR B 43 -49.58 64.28 21.18
C THR B 43 -51.07 64.64 21.33
N LEU B 44 -51.80 63.75 21.99
CA LEU B 44 -53.20 64.00 22.35
C LEU B 44 -53.26 64.59 23.73
N SER B 45 -53.79 65.81 23.85
CA SER B 45 -53.81 66.53 25.12
C SER B 45 -55.24 66.65 25.62
N VAL B 46 -55.47 66.16 26.84
CA VAL B 46 -56.80 66.07 27.42
C VAL B 46 -56.78 66.65 28.81
N ARG B 47 -57.90 67.28 29.19
CA ARG B 47 -58.06 67.87 30.51
C ARG B 47 -58.89 66.92 31.37
N ARG B 48 -58.38 66.59 32.54
CA ARG B 48 -59.13 65.77 33.48
C ARG B 48 -58.86 66.30 34.88
N ASN B 49 -59.91 66.33 35.70
CA ASN B 49 -59.83 66.76 37.10
C ASN B 49 -59.21 68.13 37.23
N GLY B 50 -59.39 68.97 36.23
CA GLY B 50 -58.72 70.25 36.20
C GLY B 50 -57.26 70.15 35.93
N ALA B 51 -56.83 69.05 35.32
CA ALA B 51 -55.43 68.84 34.99
C ALA B 51 -55.34 68.28 33.58
N VAL B 52 -54.15 68.38 33.01
CA VAL B 52 -53.89 68.03 31.62
C VAL B 52 -53.03 66.77 31.60
N THR B 53 -53.52 65.74 30.92
CA THR B 53 -52.74 64.54 30.65
C THR B 53 -52.36 64.50 29.17
N HIS B 54 -51.11 64.18 28.89
CA HIS B 54 -50.62 64.12 27.53
C HIS B 54 -50.40 62.67 27.12
N ILE B 55 -51.13 62.25 26.12
CA ILE B 55 -51.04 60.90 25.58
C ILE B 55 -50.28 61.02 24.27
N LYS B 56 -49.32 60.15 24.09
CA LYS B 56 -48.46 60.18 22.91
C LYS B 56 -48.96 59.19 21.87
N ILE B 57 -48.78 59.58 20.60
CA ILE B 57 -49.17 58.80 19.43
C ILE B 57 -47.91 58.79 18.56
N GLN B 58 -47.42 57.57 18.25
CA GLN B 58 -46.30 57.36 17.35
C GLN B 58 -46.81 56.82 16.02
N ASN B 59 -46.22 57.26 14.92
CA ASN B 59 -46.49 56.69 13.60
C ASN B 59 -45.14 56.57 12.90
N THR B 60 -44.72 55.31 12.65
CA THR B 60 -43.46 55.04 11.97
C THR B 60 -43.65 54.82 10.48
N GLY B 61 -44.88 54.66 10.01
CA GLY B 61 -45.11 54.49 8.60
C GLY B 61 -46.24 53.53 8.39
N ASP B 62 -46.64 52.87 9.46
CA ASP B 62 -47.59 51.80 9.35
C ASP B 62 -48.97 52.19 9.85
N TYR B 63 -49.06 52.94 10.95
CA TYR B 63 -50.32 53.32 11.55
C TYR B 63 -50.03 54.23 12.74
N TYR B 64 -51.08 54.90 13.22
CA TYR B 64 -50.96 55.75 14.40
C TYR B 64 -51.11 54.92 15.66
N ASP B 65 -50.11 54.92 16.53
CA ASP B 65 -50.08 54.03 17.68
C ASP B 65 -50.23 54.90 18.92
N LEU B 66 -51.44 54.92 19.46
CA LEU B 66 -51.71 55.68 20.66
C LEU B 66 -51.37 54.81 21.86
N TYR B 67 -50.57 55.36 22.76
CA TYR B 67 -50.08 54.58 23.88
C TYR B 67 -51.19 54.39 24.91
N GLY B 68 -51.40 53.15 25.32
CA GLY B 68 -52.49 52.87 26.22
C GLY B 68 -53.81 52.71 25.51
N GLY B 69 -53.79 52.68 24.19
CA GLY B 69 -55.00 52.51 23.43
C GLY B 69 -54.78 51.51 22.33
N GLU B 70 -55.02 51.91 21.11
CA GLU B 70 -55.00 50.98 19.99
C GLU B 70 -54.38 51.68 18.81
N LYS B 71 -54.24 50.94 17.73
CA LYS B 71 -53.70 51.47 16.50
C LYS B 71 -54.81 51.91 15.55
N PHE B 72 -54.58 52.99 14.81
CA PHE B 72 -55.62 53.57 13.98
C PHE B 72 -55.04 54.06 12.65
N ALA B 73 -55.95 54.19 11.67
CA ALA B 73 -55.62 54.52 10.30
C ALA B 73 -55.48 56.03 10.10
N THR B 74 -56.26 56.81 10.82
CA THR B 74 -56.10 58.26 10.79
C THR B 74 -56.36 58.84 12.18
N LEU B 75 -55.85 60.04 12.41
CA LEU B 75 -56.09 60.62 13.74
C LEU B 75 -57.56 60.94 13.93
N ALA B 76 -58.26 61.23 12.84
CA ALA B 76 -59.69 61.49 12.95
C ALA B 76 -60.41 60.21 13.35
N GLU B 77 -60.10 59.12 12.66
CA GLU B 77 -60.71 57.83 12.99
C GLU B 77 -60.44 57.47 14.43
N LEU B 78 -59.27 57.87 14.92
CA LEU B 78 -58.95 57.74 16.34
C LEU B 78 -59.87 58.61 17.20
N VAL B 79 -59.96 59.88 16.88
CA VAL B 79 -60.82 60.73 17.68
C VAL B 79 -62.24 60.21 17.62
N GLN B 80 -62.71 59.86 16.42
CA GLN B 80 -64.06 59.34 16.31
C GLN B 80 -64.23 58.16 17.25
N TYR B 81 -63.31 57.20 17.18
CA TYR B 81 -63.48 55.96 17.93
C TYR B 81 -63.65 56.24 19.41
N TYR B 82 -62.79 57.11 19.98
CA TYR B 82 -62.75 57.28 21.42
C TYR B 82 -63.88 58.18 21.92
N MET B 83 -64.21 59.23 21.15
CA MET B 83 -65.34 60.05 21.52
C MET B 83 -66.66 59.25 21.51
N GLU B 84 -66.63 58.00 21.06
CA GLU B 84 -67.82 57.16 21.07
C GLU B 84 -67.49 55.74 21.49
N HIS B 85 -66.38 55.51 22.17
CA HIS B 85 -65.98 54.14 22.53
C HIS B 85 -64.88 54.06 23.59
N ASP B 95 -57.92 54.43 35.38
CA ASP B 95 -58.59 55.72 35.47
C ASP B 95 -59.03 56.20 34.09
N VAL B 96 -60.25 56.72 34.02
CA VAL B 96 -60.89 57.05 32.75
C VAL B 96 -60.40 58.40 32.25
N ILE B 97 -60.25 58.51 30.94
CA ILE B 97 -59.96 59.75 30.27
C ILE B 97 -60.99 59.91 29.18
N GLU B 98 -61.92 60.86 29.33
CA GLU B 98 -63.02 61.04 28.40
C GLU B 98 -62.66 62.17 27.47
N LEU B 99 -62.88 61.96 26.17
CA LEU B 99 -62.73 63.03 25.17
C LEU B 99 -64.15 63.51 24.92
N LYS B 100 -64.47 64.68 25.47
CA LYS B 100 -65.81 65.23 25.37
C LYS B 100 -65.88 66.44 24.46
N TYR B 101 -65.04 67.44 24.71
CA TYR B 101 -65.13 68.70 23.99
C TYR B 101 -63.91 69.04 23.19
N PRO B 102 -64.00 69.02 21.86
CA PRO B 102 -62.86 69.51 21.05
C PRO B 102 -62.57 70.98 21.30
N LEU B 103 -61.32 71.27 21.65
CA LEU B 103 -60.82 72.65 21.74
C LEU B 103 -60.36 73.07 20.35
N ASN B 104 -61.20 73.84 19.66
CA ASN B 104 -61.00 74.10 18.24
C ASN B 104 -59.92 75.13 17.92
N CYS B 105 -59.24 74.92 16.80
CA CYS B 105 -58.06 75.68 16.47
C CYS B 105 -58.43 76.79 15.52
N ALA B 106 -57.77 77.94 15.65
CA ALA B 106 -58.09 79.08 14.79
C ALA B 106 -57.03 79.39 13.77
N ASP B 107 -55.83 78.88 13.94
CA ASP B 107 -54.83 79.06 12.91
C ASP B 107 -55.39 78.54 11.58
N PRO B 108 -55.16 79.25 10.47
CA PRO B 108 -55.58 78.74 9.16
C PRO B 108 -54.47 78.10 8.33
N THR B 109 -53.25 77.99 8.83
CA THR B 109 -52.11 77.60 7.99
C THR B 109 -52.33 76.29 7.22
N SER B 110 -53.19 75.40 7.71
CA SER B 110 -53.40 74.14 7.02
C SER B 110 -54.74 74.07 6.30
N GLU B 111 -55.38 75.21 6.08
CA GLU B 111 -56.55 75.22 5.25
C GLU B 111 -56.12 75.23 3.79
N ARG B 112 -56.93 74.59 2.95
CA ARG B 112 -56.61 74.51 1.53
C ARG B 112 -56.58 75.87 0.84
N TRP B 113 -57.42 76.84 1.28
CA TRP B 113 -57.55 78.11 0.58
C TRP B 113 -56.62 79.20 1.11
N PHE B 114 -55.83 78.89 2.14
CA PHE B 114 -54.99 79.90 2.78
C PHE B 114 -53.60 79.95 2.15
N HIS B 115 -53.09 81.17 1.97
CA HIS B 115 -51.73 81.38 1.48
C HIS B 115 -50.99 82.40 2.34
N GLY B 116 -51.29 83.67 2.21
CA GLY B 116 -50.56 84.67 2.97
C GLY B 116 -49.05 84.55 2.92
N LEU B 118 -48.51 86.58 0.02
CA LEU B 118 -48.92 86.56 -1.38
C LEU B 118 -49.46 87.92 -1.84
N SER B 119 -48.89 88.48 -2.90
CA SER B 119 -49.32 89.77 -3.40
C SER B 119 -50.61 89.63 -4.21
N GLY B 120 -51.30 90.76 -4.39
CA GLY B 120 -52.59 90.70 -5.05
C GLY B 120 -52.47 90.29 -6.51
N LYS B 121 -51.66 91.02 -7.28
CA LYS B 121 -51.45 90.70 -8.69
C LYS B 121 -51.05 89.24 -8.84
N GLU B 122 -50.06 88.81 -8.05
CA GLU B 122 -49.64 87.41 -8.09
C GLU B 122 -50.79 86.47 -7.76
N ALA B 123 -51.73 86.92 -6.92
CA ALA B 123 -52.90 86.10 -6.63
C ALA B 123 -53.92 86.14 -7.77
N GLU B 124 -54.11 87.29 -8.43
CA GLU B 124 -55.13 87.29 -9.49
C GLU B 124 -54.63 86.59 -10.76
N LYS B 125 -53.32 86.59 -11.03
CA LYS B 125 -52.82 85.81 -12.15
C LYS B 125 -53.03 84.32 -11.92
N LEU B 126 -52.58 83.79 -10.77
CA LEU B 126 -52.92 82.42 -10.43
C LEU B 126 -54.40 82.17 -10.67
N LEU B 127 -55.27 82.93 -9.97
CA LEU B 127 -56.70 82.80 -10.21
C LEU B 127 -56.99 82.88 -11.68
N THR B 128 -56.15 83.60 -12.43
CA THR B 128 -56.36 83.70 -13.86
C THR B 128 -55.83 82.48 -14.60
N GLU B 129 -54.59 82.10 -14.31
CA GLU B 129 -53.98 81.00 -15.07
C GLU B 129 -54.75 79.71 -14.85
N LYS B 130 -55.20 79.45 -13.61
CA LYS B 130 -55.63 78.13 -13.20
C LYS B 130 -57.01 78.05 -12.57
N GLY B 131 -57.63 79.17 -12.22
CA GLY B 131 -58.92 79.11 -11.57
C GLY B 131 -60.08 78.96 -12.54
N LYS B 132 -61.23 78.58 -11.99
CA LYS B 132 -62.51 78.64 -12.69
C LYS B 132 -63.49 79.45 -11.82
N HIS B 133 -64.74 79.54 -12.26
CA HIS B 133 -65.74 80.27 -11.46
C HIS B 133 -65.80 79.72 -10.04
N GLY B 134 -65.70 80.63 -9.07
CA GLY B 134 -65.77 80.26 -7.69
C GLY B 134 -64.44 79.96 -7.01
N SER B 135 -63.34 79.86 -7.74
CA SER B 135 -62.07 79.62 -7.08
C SER B 135 -61.73 80.82 -6.21
N PHE B 136 -61.24 80.56 -5.00
CA PHE B 136 -60.96 81.61 -4.02
C PHE B 136 -59.73 81.27 -3.20
N LEU B 137 -59.27 82.27 -2.46
CA LEU B 137 -58.12 82.11 -1.60
C LEU B 137 -58.06 83.27 -0.62
N VAL B 138 -57.45 83.03 0.52
CA VAL B 138 -57.28 84.05 1.55
C VAL B 138 -55.80 84.32 1.71
N ARG B 139 -55.42 85.58 1.59
CA ARG B 139 -54.05 86.01 1.74
C ARG B 139 -53.95 87.16 2.74
N GLU B 140 -52.71 87.41 3.19
CA GLU B 140 -52.43 88.49 4.13
C GLU B 140 -52.36 89.82 3.38
N SER B 141 -53.08 90.81 3.90
CA SER B 141 -53.07 92.13 3.27
C SER B 141 -51.65 92.68 3.21
N GLN B 142 -51.29 93.24 2.06
CA GLN B 142 -50.01 93.89 1.90
C GLN B 142 -50.06 95.38 2.21
N SER B 143 -51.25 95.98 2.21
CA SER B 143 -51.40 97.41 2.44
C SER B 143 -51.56 97.76 3.92
N HIS B 144 -52.38 97.01 4.65
CA HIS B 144 -52.56 97.21 6.09
C HIS B 144 -52.13 95.95 6.84
N PRO B 145 -51.03 95.99 7.60
CA PRO B 145 -50.57 94.75 8.26
C PRO B 145 -51.56 94.27 9.31
N GLY B 146 -51.82 92.95 9.31
CA GLY B 146 -52.74 92.31 10.23
C GLY B 146 -54.04 91.86 9.59
N ASP B 147 -54.52 92.58 8.57
CA ASP B 147 -55.75 92.25 7.87
C ASP B 147 -55.49 91.09 6.90
N PHE B 148 -56.53 90.63 6.24
CA PHE B 148 -56.43 89.50 5.32
C PHE B 148 -57.22 89.84 4.08
N VAL B 149 -57.06 89.05 3.05
CA VAL B 149 -57.75 89.37 1.81
C VAL B 149 -58.32 88.10 1.21
N LEU B 150 -59.59 88.15 0.83
CA LEU B 150 -60.25 87.04 0.16
C LEU B 150 -60.41 87.38 -1.30
N SER B 151 -59.76 86.62 -2.17
CA SER B 151 -59.82 86.86 -3.59
C SER B 151 -60.57 85.71 -4.23
N VAL B 152 -61.63 86.02 -4.98
CA VAL B 152 -62.48 85.03 -5.62
C VAL B 152 -62.62 85.35 -7.10
N ARG B 153 -62.86 84.30 -7.89
CA ARG B 153 -63.03 84.43 -9.33
C ARG B 153 -64.47 84.08 -9.67
N THR B 154 -65.09 84.94 -10.50
CA THR B 154 -66.46 84.75 -10.97
C THR B 154 -66.47 84.74 -12.50
N GLY B 155 -67.22 83.81 -13.08
CA GLY B 155 -67.34 83.72 -14.52
C GLY B 155 -68.10 82.50 -14.98
N SER B 166 -64.32 85.28 -15.99
CA SER B 166 -64.78 86.55 -16.48
C SER B 166 -64.29 87.67 -15.60
N LYS B 167 -64.37 87.46 -14.26
CA LYS B 167 -64.04 88.50 -13.28
C LYS B 167 -63.30 87.93 -12.08
N VAL B 168 -62.30 88.66 -11.58
CA VAL B 168 -61.68 88.39 -10.29
C VAL B 168 -62.06 89.50 -9.33
N THR B 169 -62.49 89.14 -8.11
CA THR B 169 -62.87 90.12 -7.11
C THR B 169 -62.09 89.93 -5.81
N HIS B 170 -61.75 91.05 -5.18
CA HIS B 170 -61.05 91.08 -3.92
C HIS B 170 -61.93 91.65 -2.83
N VAL B 171 -61.84 91.10 -1.63
CA VAL B 171 -62.72 91.48 -0.52
C VAL B 171 -61.89 91.52 0.76
N MET B 172 -61.70 92.70 1.29
CA MET B 172 -60.86 92.91 2.46
C MET B 172 -61.50 92.27 3.67
N ILE B 173 -60.62 91.75 4.52
CA ILE B 173 -60.99 91.12 5.78
C ILE B 173 -60.19 91.83 6.85
N ARG B 174 -60.87 92.52 7.75
CA ARG B 174 -60.13 93.23 8.78
C ARG B 174 -60.05 92.36 10.03
N CYS B 175 -58.95 92.53 10.76
CA CYS B 175 -58.70 91.84 12.01
C CYS B 175 -58.88 92.87 13.11
N GLN B 176 -59.84 92.64 14.00
CA GLN B 176 -60.16 93.54 15.09
C GLN B 176 -60.28 92.69 16.35
N GLU B 177 -59.43 92.98 17.34
CA GLU B 177 -59.45 92.27 18.62
C GLU B 177 -59.58 90.77 18.40
N LEU B 178 -58.78 90.24 17.49
CA LEU B 178 -58.68 88.82 17.19
C LEU B 178 -59.83 88.33 16.30
N LYS B 179 -60.86 89.13 16.04
CA LYS B 179 -62.00 88.72 15.23
C LYS B 179 -61.93 89.31 13.82
N TYR B 180 -62.53 88.61 12.86
CA TYR B 180 -62.48 89.01 11.45
C TYR B 180 -63.86 89.33 10.89
N ASP B 181 -63.92 90.34 10.01
CA ASP B 181 -65.17 90.69 9.32
C ASP B 181 -64.85 91.21 7.92
N VAL B 182 -65.90 91.34 7.10
CA VAL B 182 -65.72 91.88 5.76
C VAL B 182 -66.18 93.33 5.67
N GLY B 183 -66.03 94.06 6.78
CA GLY B 183 -66.39 95.45 6.81
C GLY B 183 -67.76 95.75 7.40
N GLY B 184 -68.49 94.71 7.78
CA GLY B 184 -69.82 94.84 8.34
C GLY B 184 -70.39 93.46 8.59
N GLY B 185 -71.47 93.44 9.37
CA GLY B 185 -72.14 92.19 9.68
C GLY B 185 -71.50 91.51 10.86
N GLU B 186 -71.24 90.22 10.74
CA GLU B 186 -70.75 89.44 11.87
C GLU B 186 -69.24 89.54 12.02
N ARG B 187 -68.78 89.29 13.23
CA ARG B 187 -67.35 89.20 13.53
C ARG B 187 -67.01 87.76 13.85
N PHE B 188 -65.92 87.25 13.25
CA PHE B 188 -65.59 85.83 13.33
C PHE B 188 -64.35 85.56 14.16
N ASP B 189 -64.37 84.43 14.88
CA ASP B 189 -63.24 84.02 15.71
C ASP B 189 -62.06 83.54 14.87
N SER B 190 -62.29 83.15 13.61
CA SER B 190 -61.21 82.77 12.72
C SER B 190 -61.66 82.88 11.28
N LEU B 191 -60.66 82.99 10.40
CA LEU B 191 -60.96 83.09 8.97
C LEU B 191 -61.73 81.87 8.50
N THR B 192 -61.40 80.73 9.06
CA THR B 192 -62.15 79.54 8.69
C THR B 192 -63.61 79.70 9.03
N ASP B 193 -63.91 80.14 10.25
CA ASP B 193 -65.30 80.42 10.58
C ASP B 193 -65.86 81.46 9.61
N LEU B 194 -65.06 82.47 9.28
CA LEU B 194 -65.51 83.47 8.32
C LEU B 194 -65.73 82.84 6.96
N VAL B 195 -64.71 82.15 6.43
CA VAL B 195 -64.86 81.52 5.13
C VAL B 195 -66.07 80.60 5.11
N GLU B 196 -66.20 79.77 6.15
CA GLU B 196 -67.31 78.83 6.21
C GLU B 196 -68.64 79.60 6.18
N HIS B 197 -68.70 80.74 6.87
CA HIS B 197 -69.95 81.50 6.84
C HIS B 197 -70.29 81.93 5.42
N TYR B 198 -69.31 82.50 4.71
CA TYR B 198 -69.61 83.06 3.40
C TYR B 198 -69.54 82.03 2.29
N LYS B 199 -69.21 80.78 2.61
CA LYS B 199 -69.43 79.72 1.62
C LYS B 199 -70.92 79.38 1.52
N LYS B 200 -71.60 79.26 2.65
CA LYS B 200 -73.02 78.98 2.61
C LYS B 200 -73.83 80.23 2.34
N ASN B 201 -73.39 81.39 2.83
CA ASN B 201 -74.12 82.67 2.66
C ASN B 201 -73.32 83.63 1.78
N PRO B 202 -73.37 83.48 0.48
CA PRO B 202 -72.42 84.22 -0.36
C PRO B 202 -72.68 85.73 -0.38
N MET B 203 -71.59 86.45 -0.50
CA MET B 203 -71.64 87.90 -0.68
C MET B 203 -72.26 88.22 -2.04
N VAL B 204 -73.10 89.24 -2.08
CA VAL B 204 -73.71 89.70 -3.32
C VAL B 204 -73.28 91.13 -3.58
N GLU B 205 -72.92 91.42 -4.83
CA GLU B 205 -72.39 92.72 -5.18
C GLU B 205 -73.53 93.64 -5.58
N THR B 206 -73.20 94.91 -5.76
CA THR B 206 -74.25 95.92 -5.92
C THR B 206 -75.11 95.64 -7.16
N LEU B 207 -74.50 95.21 -8.26
CA LEU B 207 -75.27 95.00 -9.48
C LEU B 207 -75.77 93.56 -9.60
N GLY B 208 -75.41 92.69 -8.67
CA GLY B 208 -75.96 91.36 -8.64
C GLY B 208 -74.94 90.27 -8.49
N THR B 209 -73.69 90.57 -8.83
CA THR B 209 -72.65 89.56 -8.87
C THR B 209 -72.57 88.82 -7.52
N VAL B 210 -72.70 87.49 -7.57
CA VAL B 210 -72.64 86.65 -6.37
C VAL B 210 -71.25 86.05 -6.25
N LEU B 211 -70.58 86.33 -5.13
CA LEU B 211 -69.20 85.91 -4.90
C LEU B 211 -69.23 84.51 -4.29
N GLN B 212 -69.50 83.52 -5.12
CA GLN B 212 -69.61 82.15 -4.65
C GLN B 212 -68.21 81.59 -4.37
N LEU B 213 -68.04 81.06 -3.16
CA LEU B 213 -66.82 80.38 -2.74
C LEU B 213 -67.04 78.90 -3.03
N LYS B 214 -66.79 78.53 -4.29
CA LYS B 214 -67.11 77.18 -4.73
C LYS B 214 -65.99 76.20 -4.40
N GLN B 215 -64.76 76.48 -4.84
CA GLN B 215 -63.61 75.62 -4.56
C GLN B 215 -62.38 76.44 -4.19
N PRO B 216 -61.52 75.90 -3.33
CA PRO B 216 -60.23 76.59 -3.10
C PRO B 216 -59.36 76.46 -4.32
N LEU B 217 -58.67 77.55 -4.68
CA LEU B 217 -57.81 77.50 -5.84
C LEU B 217 -56.80 76.37 -5.70
N ASN B 218 -56.60 75.64 -6.79
CA ASN B 218 -55.63 74.55 -6.82
C ASN B 218 -54.26 75.05 -7.24
N THR B 219 -53.30 75.00 -6.31
CA THR B 219 -51.93 75.39 -6.59
C THR B 219 -50.97 74.21 -6.55
N THR B 220 -51.44 73.02 -6.19
CA THR B 220 -50.60 71.84 -6.01
C THR B 220 -50.46 71.02 -7.28
N ARG B 221 -51.41 71.12 -8.20
CA ARG B 221 -51.25 70.49 -9.50
C ARG B 221 -50.13 71.18 -10.27
N ILE B 222 -49.11 70.45 -10.66
CA ILE B 222 -48.00 71.03 -11.36
C ILE B 222 -47.83 70.23 -12.64
N ASN B 223 -47.14 70.83 -13.59
CA ASN B 223 -46.76 70.13 -14.80
C ASN B 223 -45.58 69.20 -14.53
N ALA B 224 -45.62 68.00 -15.10
CA ALA B 224 -44.64 66.95 -14.79
C ALA B 224 -43.22 67.51 -14.82
N ALA B 225 -42.90 68.27 -15.88
CA ALA B 225 -41.57 68.84 -16.02
C ALA B 225 -41.20 69.76 -14.87
N GLU B 226 -42.17 70.26 -14.12
CA GLU B 226 -41.95 71.22 -13.05
C GLU B 226 -41.73 70.58 -11.68
N ILE B 227 -41.79 69.24 -11.58
CA ILE B 227 -41.67 68.60 -10.28
C ILE B 227 -40.37 69.04 -9.60
N GLU B 228 -39.29 69.09 -10.37
CA GLU B 228 -38.00 69.43 -9.78
C GLU B 228 -38.05 70.82 -9.17
N SER B 229 -38.58 71.79 -9.91
CA SER B 229 -38.79 73.11 -9.34
C SER B 229 -39.63 73.07 -8.07
N ARG B 230 -40.80 72.43 -8.13
CA ARG B 230 -41.70 72.44 -6.97
C ARG B 230 -41.11 71.69 -5.78
N VAL B 231 -40.37 70.60 -6.05
CA VAL B 231 -39.70 69.89 -4.97
C VAL B 231 -38.69 70.79 -4.27
N ARG B 232 -38.01 71.65 -5.04
CA ARG B 232 -37.12 72.64 -4.44
C ARG B 232 -37.85 73.55 -3.46
N GLU B 233 -38.92 74.21 -3.90
CA GLU B 233 -39.59 75.16 -3.03
C GLU B 233 -40.23 74.47 -1.81
N LEU B 234 -40.51 73.18 -1.90
CA LEU B 234 -41.06 72.46 -0.75
C LEU B 234 -39.97 72.05 0.23
N SER B 235 -38.69 72.09 -0.17
CA SER B 235 -37.62 71.64 0.69
C SER B 235 -36.99 72.78 1.50
N LYS B 236 -37.58 73.96 1.49
CA LYS B 236 -37.10 75.03 2.35
C LYS B 236 -38.24 75.63 3.15
N GLY B 247 -41.81 73.09 4.28
CA GLY B 247 -42.67 73.39 3.13
C GLY B 247 -43.49 72.20 2.68
N PHE B 248 -42.85 71.04 2.64
CA PHE B 248 -43.54 69.77 2.49
C PHE B 248 -44.50 69.55 3.65
N TRP B 249 -44.06 69.87 4.87
CA TRP B 249 -44.90 69.74 6.05
C TRP B 249 -46.26 70.42 5.88
N GLU B 250 -46.25 71.72 5.64
CA GLU B 250 -47.53 72.42 5.63
C GLU B 250 -48.46 71.84 4.57
N GLU B 251 -47.94 71.57 3.39
CA GLU B 251 -48.79 71.00 2.35
C GLU B 251 -49.35 69.66 2.80
N PHE B 252 -48.47 68.80 3.34
CA PHE B 252 -48.90 67.47 3.82
C PHE B 252 -50.03 67.61 4.87
N GLU B 253 -49.83 68.43 5.88
CA GLU B 253 -50.83 68.56 6.91
C GLU B 253 -52.09 69.24 6.38
N THR B 254 -51.95 70.04 5.34
CA THR B 254 -53.12 70.60 4.71
C THR B 254 -53.93 69.48 4.07
N LEU B 255 -53.23 68.48 3.55
CA LEU B 255 -53.91 67.29 3.09
C LEU B 255 -54.46 66.50 4.26
N GLN B 256 -53.71 66.43 5.36
CA GLN B 256 -54.23 65.64 6.47
C GLN B 256 -55.54 66.23 6.93
N GLN B 257 -55.64 67.58 6.86
CA GLN B 257 -56.77 68.26 7.44
C GLN B 257 -58.03 68.00 6.65
N GLN B 258 -57.90 67.31 5.53
CA GLN B 258 -59.03 66.90 4.71
C GLN B 258 -59.47 65.46 4.99
N GLU B 259 -58.77 64.72 5.83
CA GLU B 259 -59.20 63.35 6.09
C GLU B 259 -60.56 63.32 6.79
N CYS B 260 -60.96 64.44 7.40
CA CYS B 260 -62.24 64.48 8.09
C CYS B 260 -63.38 64.25 7.13
N LYS B 261 -63.15 64.41 5.83
CA LYS B 261 -64.23 64.17 4.89
C LYS B 261 -64.37 62.71 4.52
N LEU B 262 -63.45 61.84 4.97
CA LEU B 262 -63.41 60.47 4.52
C LEU B 262 -63.81 59.46 5.60
N LEU B 263 -64.75 59.84 6.47
CA LEU B 263 -65.11 58.98 7.60
C LEU B 263 -66.25 58.04 7.22
N TYR B 264 -66.03 57.25 6.17
CA TYR B 264 -67.04 56.37 5.62
C TYR B 264 -67.27 55.14 6.49
N SER B 265 -68.45 54.53 6.38
CA SER B 265 -68.76 53.44 7.29
C SER B 265 -67.81 52.27 7.05
N ARG B 266 -67.50 51.53 8.13
CA ARG B 266 -66.62 50.37 8.10
C ARG B 266 -67.24 49.30 8.98
N LYS B 267 -68.56 49.12 8.84
CA LYS B 267 -69.33 48.28 9.73
C LYS B 267 -68.99 46.79 9.59
N GLU B 268 -69.03 46.25 8.36
CA GLU B 268 -68.80 44.82 8.18
C GLU B 268 -67.61 44.38 9.01
N GLY B 269 -66.51 45.11 8.89
CA GLY B 269 -65.28 44.84 9.62
C GLY B 269 -65.41 44.93 11.14
N GLN B 270 -66.55 45.37 11.67
CA GLN B 270 -66.79 45.39 13.10
C GLN B 270 -67.69 44.26 13.56
N ARG B 271 -68.35 43.57 12.61
CA ARG B 271 -69.28 42.50 12.98
C ARG B 271 -68.53 41.48 13.81
N GLN B 272 -69.28 40.76 14.64
CA GLN B 272 -68.63 39.79 15.52
C GLN B 272 -67.74 38.82 14.76
N GLU B 273 -68.30 38.16 13.75
CA GLU B 273 -67.55 37.10 13.13
C GLU B 273 -66.40 37.58 12.31
N ASN B 274 -66.17 38.90 12.24
CA ASN B 274 -65.10 39.45 11.45
C ASN B 274 -64.00 40.05 12.30
N LYS B 275 -64.27 40.39 13.55
CA LYS B 275 -63.24 41.06 14.34
C LYS B 275 -61.88 40.39 14.22
N ASN B 276 -61.83 39.04 14.30
CA ASN B 276 -60.55 38.34 14.33
C ASN B 276 -60.00 38.01 12.94
N LYS B 277 -60.60 38.54 11.89
CA LYS B 277 -60.02 38.44 10.57
C LYS B 277 -59.27 39.71 10.19
N ASN B 278 -59.11 40.63 11.13
CA ASN B 278 -58.37 41.87 10.97
C ASN B 278 -57.09 41.85 11.78
N ARG B 279 -55.97 42.26 11.16
CA ARG B 279 -54.74 42.30 11.93
C ARG B 279 -54.80 43.38 13.02
N TYR B 280 -55.47 44.47 12.75
CA TYR B 280 -55.64 45.56 13.70
C TYR B 280 -57.11 45.87 13.77
N LYS B 281 -57.63 45.93 14.99
CA LYS B 281 -59.09 45.85 15.15
C LYS B 281 -59.78 47.12 14.65
N ASN B 282 -59.09 48.25 14.67
CA ASN B 282 -59.65 49.53 14.30
C ASN B 282 -59.16 50.05 12.97
N ILE B 283 -58.38 49.30 12.22
CA ILE B 283 -58.04 49.65 10.85
C ILE B 283 -58.88 48.74 9.97
N LEU B 284 -59.94 49.26 9.39
CA LEU B 284 -60.93 48.43 8.71
C LEU B 284 -61.14 48.91 7.30
N PRO B 285 -61.71 48.04 6.45
CA PRO B 285 -62.07 48.47 5.10
C PRO B 285 -63.41 49.20 4.99
N PHE B 286 -63.43 50.26 4.19
CA PHE B 286 -64.67 50.88 3.86
C PHE B 286 -65.62 49.83 3.26
N ASP B 287 -66.85 49.84 3.78
CA ASP B 287 -67.89 48.96 3.29
C ASP B 287 -68.11 49.12 1.80
N HIS B 288 -67.98 50.38 1.30
CA HIS B 288 -68.33 50.67 -0.08
C HIS B 288 -67.23 50.30 -1.08
N THR B 289 -65.99 50.13 -0.63
CA THR B 289 -64.96 49.61 -1.54
C THR B 289 -64.34 48.26 -1.17
N ARG B 290 -64.80 47.63 -0.10
CA ARG B 290 -64.25 46.34 0.31
C ARG B 290 -64.40 45.28 -0.77
N VAL B 291 -63.47 44.31 -0.78
CA VAL B 291 -63.68 43.13 -1.60
C VAL B 291 -64.68 42.21 -0.91
N VAL B 292 -65.67 41.77 -1.68
CA VAL B 292 -66.69 40.83 -1.23
C VAL B 292 -66.40 39.47 -1.83
N LEU B 293 -66.15 38.48 -0.96
CA LEU B 293 -65.87 37.11 -1.36
C LEU B 293 -67.18 36.38 -1.49
N HIS B 294 -67.45 35.81 -2.64
CA HIS B 294 -68.78 35.35 -2.94
C HIS B 294 -68.93 33.84 -2.90
N ASP B 295 -68.11 33.11 -3.62
CA ASP B 295 -68.25 31.66 -3.66
C ASP B 295 -67.47 31.11 -2.47
N GLY B 296 -68.19 30.80 -1.40
CA GLY B 296 -67.59 30.32 -0.17
C GLY B 296 -68.52 29.36 0.53
N ASP B 297 -67.98 28.80 1.60
CA ASP B 297 -68.67 27.69 2.29
C ASP B 297 -69.96 28.20 2.91
N PRO B 298 -71.10 27.55 2.63
CA PRO B 298 -72.37 28.06 3.21
C PRO B 298 -72.41 27.88 4.71
N ASN B 299 -71.70 26.88 5.24
CA ASN B 299 -71.75 26.58 6.67
C ASN B 299 -71.11 27.71 7.49
N GLU B 300 -70.03 28.29 7.01
CA GLU B 300 -69.56 29.54 7.62
C GLU B 300 -70.68 30.57 7.53
N PRO B 301 -71.21 31.07 8.67
CA PRO B 301 -72.28 32.07 8.55
C PRO B 301 -71.86 33.30 7.76
N VAL B 302 -70.68 33.85 8.06
CA VAL B 302 -70.16 35.01 7.30
C VAL B 302 -68.87 34.58 6.62
N SER B 303 -68.86 34.62 5.30
CA SER B 303 -67.75 34.09 4.54
C SER B 303 -67.33 35.03 3.45
N ASP B 304 -67.72 36.30 3.56
CA ASP B 304 -67.52 37.25 2.48
C ASP B 304 -66.56 38.34 2.86
N TYR B 305 -65.93 38.26 4.03
CA TYR B 305 -65.08 39.36 4.52
C TYR B 305 -63.58 39.14 4.33
N ILE B 306 -62.87 40.20 3.97
CA ILE B 306 -61.38 40.22 3.90
C ILE B 306 -61.06 41.69 4.09
N ASN B 307 -60.09 42.03 4.91
CA ASN B 307 -59.84 43.45 5.27
C ASN B 307 -59.59 44.26 3.99
N ALA B 308 -59.39 43.68 2.83
CA ALA B 308 -59.04 44.37 1.56
C ALA B 308 -60.06 45.38 1.00
N ASN B 309 -59.60 46.31 0.16
CA ASN B 309 -60.43 47.31 -0.56
C ASN B 309 -59.98 47.43 -2.02
N ILE B 310 -60.88 47.57 -3.00
CA ILE B 310 -60.52 47.86 -4.36
C ILE B 310 -60.02 49.29 -4.44
N ILE B 311 -58.84 49.49 -5.06
CA ILE B 311 -58.30 50.82 -5.29
C ILE B 311 -58.43 51.09 -6.79
N MET B 312 -59.46 51.86 -7.17
CA MET B 312 -59.73 52.14 -8.56
C MET B 312 -59.36 53.60 -8.84
N PRO B 313 -58.35 53.90 -9.68
CA PRO B 313 -58.13 55.31 -10.07
C PRO B 313 -59.21 55.85 -11.00
N LYS B 325 -54.48 52.51 -16.19
CA LYS B 325 -55.66 51.74 -16.53
C LYS B 325 -55.82 50.61 -15.52
N LYS B 326 -54.71 50.19 -14.92
CA LYS B 326 -54.77 49.09 -13.96
C LYS B 326 -55.43 49.53 -12.65
N SER B 327 -56.05 48.59 -11.97
CA SER B 327 -56.61 48.75 -10.62
C SER B 327 -55.77 47.98 -9.61
N TYR B 328 -56.05 48.20 -8.31
CA TYR B 328 -55.31 47.53 -7.25
C TYR B 328 -56.25 47.00 -6.13
N ILE B 329 -55.73 46.09 -5.32
CA ILE B 329 -56.37 45.72 -4.07
C ILE B 329 -55.37 46.05 -3.00
N ALA B 330 -55.75 46.90 -2.05
CA ALA B 330 -54.91 47.22 -0.90
C ALA B 330 -55.35 46.34 0.27
N THR B 331 -54.43 45.60 0.83
CA THR B 331 -54.82 44.68 1.89
C THR B 331 -53.72 44.58 2.92
N GLN B 332 -54.09 43.99 4.06
CA GLN B 332 -53.22 43.78 5.19
C GLN B 332 -52.41 42.49 5.01
N GLY B 333 -51.36 42.35 5.81
CA GLY B 333 -50.43 41.21 5.75
C GLY B 333 -51.03 39.85 5.45
N CYS B 334 -51.96 39.33 6.21
CA CYS B 334 -52.50 37.95 6.08
C CYS B 334 -52.19 37.31 7.42
N LEU B 335 -53.19 36.91 8.11
CA LEU B 335 -53.06 36.19 9.39
C LEU B 335 -53.20 34.69 9.15
N GLN B 336 -52.85 33.91 10.20
CA GLN B 336 -52.99 32.46 10.10
C GLN B 336 -54.41 32.13 9.66
N ASN B 337 -55.36 32.75 10.32
CA ASN B 337 -56.76 32.42 10.07
C ASN B 337 -57.34 33.06 8.81
N THR B 338 -56.62 33.93 8.12
CA THR B 338 -57.21 34.48 6.91
C THR B 338 -56.51 34.03 5.63
N VAL B 339 -55.55 33.08 5.70
CA VAL B 339 -54.77 32.74 4.51
C VAL B 339 -55.70 32.23 3.41
N ASN B 340 -56.62 31.33 3.74
CA ASN B 340 -57.55 30.75 2.75
C ASN B 340 -58.40 31.86 2.10
N ASP B 341 -58.77 32.90 2.86
CA ASP B 341 -59.61 34.01 2.35
C ASP B 341 -58.75 34.81 1.37
N PHE B 342 -57.49 35.08 1.72
CA PHE B 342 -56.54 35.78 0.83
C PHE B 342 -56.51 35.06 -0.52
N TRP B 343 -56.41 33.74 -0.56
CA TRP B 343 -56.31 33.02 -1.85
C TRP B 343 -57.66 33.01 -2.56
N ARG B 344 -58.77 33.02 -1.81
CA ARG B 344 -60.08 33.12 -2.43
C ARG B 344 -60.22 34.43 -3.18
N MET B 345 -59.63 35.50 -2.63
CA MET B 345 -59.68 36.81 -3.27
C MET B 345 -58.88 36.82 -4.57
N VAL B 346 -57.61 36.40 -4.47
CA VAL B 346 -56.73 36.37 -5.62
C VAL B 346 -57.41 35.67 -6.78
N PHE B 347 -57.99 34.51 -6.50
CA PHE B 347 -58.68 33.71 -7.49
C PHE B 347 -59.89 34.45 -8.04
N GLN B 348 -60.75 34.90 -7.13
CA GLN B 348 -62.00 35.48 -7.56
C GLN B 348 -61.72 36.66 -8.48
N GLU B 349 -60.82 37.54 -8.08
CA GLU B 349 -60.60 38.77 -8.81
C GLU B 349 -59.64 38.61 -9.99
N ASN B 350 -59.23 37.39 -10.30
CA ASN B 350 -58.33 37.13 -11.42
C ASN B 350 -57.04 37.92 -11.31
N SER B 351 -56.60 38.20 -10.10
CA SER B 351 -55.31 38.81 -9.88
C SER B 351 -54.18 37.91 -10.38
N ARG B 352 -53.15 38.55 -10.93
CA ARG B 352 -52.00 37.84 -11.44
C ARG B 352 -50.71 38.37 -10.87
N VAL B 353 -50.75 39.47 -10.09
CA VAL B 353 -49.56 40.05 -9.49
C VAL B 353 -49.87 40.42 -8.05
N ILE B 354 -48.99 40.04 -7.18
CA ILE B 354 -49.02 40.41 -5.79
C ILE B 354 -47.76 41.19 -5.52
N VAL B 355 -47.91 42.22 -4.72
CA VAL B 355 -46.85 43.06 -4.22
C VAL B 355 -46.87 42.91 -2.70
N MET B 356 -45.75 42.46 -2.14
CA MET B 356 -45.50 42.43 -0.72
C MET B 356 -44.48 43.52 -0.44
N THR B 357 -44.64 44.26 0.66
CA THR B 357 -43.66 45.33 0.90
C THR B 357 -43.26 45.33 2.35
N THR B 358 -43.13 44.14 2.92
CA THR B 358 -42.59 43.96 4.27
C THR B 358 -41.96 42.58 4.31
N LYS B 359 -40.98 42.43 5.20
CA LYS B 359 -40.48 41.10 5.53
C LYS B 359 -41.54 40.38 6.34
N GLU B 360 -41.40 39.06 6.42
CA GLU B 360 -42.40 38.32 7.17
C GLU B 360 -42.37 38.79 8.60
N VAL B 361 -41.17 39.07 9.10
CA VAL B 361 -40.93 39.43 10.49
C VAL B 361 -40.09 40.69 10.46
N GLU B 362 -40.52 41.70 11.21
CA GLU B 362 -39.73 42.95 11.36
C GLU B 362 -39.71 43.34 12.83
N ARG B 363 -38.50 43.59 13.38
CA ARG B 363 -38.30 43.92 14.81
C ARG B 363 -38.86 42.79 15.67
N GLY B 364 -38.87 41.58 15.16
CA GLY B 364 -39.28 40.39 15.93
C GLY B 364 -40.76 40.13 15.84
N LYS B 365 -41.54 41.13 15.46
CA LYS B 365 -42.99 40.97 15.39
C LYS B 365 -43.39 40.48 14.01
N SER B 366 -44.34 39.54 13.95
CA SER B 366 -44.82 39.09 12.65
C SER B 366 -45.58 40.24 11.98
N LYS B 367 -45.47 40.31 10.65
CA LYS B 367 -46.21 41.27 9.82
C LYS B 367 -47.10 40.60 8.78
N CYS B 368 -46.73 39.44 8.30
CA CYS B 368 -47.58 38.69 7.37
C CYS B 368 -47.18 37.23 7.46
N VAL B 369 -48.14 36.35 7.74
CA VAL B 369 -47.80 34.94 7.78
C VAL B 369 -47.41 34.52 6.38
N LYS B 370 -46.54 33.51 6.29
CA LYS B 370 -46.24 32.87 5.02
C LYS B 370 -47.50 32.26 4.44
N TYR B 371 -47.92 32.72 3.30
CA TYR B 371 -49.12 32.20 2.68
C TYR B 371 -48.90 31.53 1.33
N TRP B 372 -47.61 31.44 0.88
CA TRP B 372 -47.15 30.78 -0.33
C TRP B 372 -46.29 29.55 0.05
N PRO B 373 -46.25 28.53 -0.79
CA PRO B 373 -45.43 27.35 -0.47
C PRO B 373 -43.94 27.62 -0.62
N ASP B 374 -43.15 26.77 0.03
CA ASP B 374 -41.72 26.79 -0.20
C ASP B 374 -41.46 26.55 -1.68
N GLU B 375 -40.31 27.02 -2.15
CA GLU B 375 -39.96 26.80 -3.56
C GLU B 375 -40.06 25.32 -3.96
N TYR B 376 -40.65 25.10 -5.14
CA TYR B 376 -40.97 23.81 -5.73
C TYR B 376 -42.11 23.05 -5.04
N ALA B 377 -42.48 23.47 -3.84
CA ALA B 377 -43.48 22.76 -3.07
C ALA B 377 -44.89 23.12 -3.52
N LEU B 378 -45.80 22.21 -3.19
CA LEU B 378 -47.21 22.37 -3.48
C LEU B 378 -47.98 22.36 -2.17
N LYS B 379 -48.93 23.32 -2.00
CA LYS B 379 -49.78 23.39 -0.83
C LYS B 379 -51.25 23.62 -1.19
N GLU B 380 -52.11 23.19 -0.28
CA GLU B 380 -53.55 23.41 -0.34
C GLU B 380 -54.02 24.32 0.79
N TYR B 381 -54.64 25.45 0.43
CA TYR B 381 -55.19 26.44 1.36
C TYR B 381 -56.70 26.48 1.15
N GLY B 382 -57.46 25.86 2.03
CA GLY B 382 -58.85 25.66 1.70
C GLY B 382 -59.00 24.99 0.34
N VAL B 383 -59.93 25.50 -0.49
CA VAL B 383 -60.20 24.89 -1.79
C VAL B 383 -59.23 25.33 -2.85
N MET B 384 -58.25 26.13 -2.47
CA MET B 384 -57.26 26.65 -3.37
C MET B 384 -55.98 25.84 -3.22
N ARG B 385 -55.40 25.47 -4.36
CA ARG B 385 -54.09 24.80 -4.43
C ARG B 385 -53.09 25.74 -5.10
N VAL B 386 -51.91 25.86 -4.48
CA VAL B 386 -50.89 26.80 -4.92
C VAL B 386 -49.56 26.04 -5.01
N ARG B 387 -48.85 26.20 -6.12
CA ARG B 387 -47.53 25.63 -6.35
C ARG B 387 -46.56 26.79 -6.51
N ASN B 388 -45.45 26.76 -5.78
CA ASN B 388 -44.36 27.72 -5.88
C ASN B 388 -43.37 27.20 -6.90
N VAL B 389 -43.46 27.71 -8.12
CA VAL B 389 -42.76 27.08 -9.24
C VAL B 389 -41.27 27.42 -9.26
N LYS B 390 -40.90 28.66 -9.00
CA LYS B 390 -39.53 29.10 -9.06
C LYS B 390 -39.44 30.42 -8.35
N GLU B 391 -38.32 30.64 -7.66
CA GLU B 391 -37.93 31.92 -7.10
C GLU B 391 -36.69 32.41 -7.82
N SER B 392 -36.72 33.67 -8.17
CA SER B 392 -35.61 34.43 -8.69
C SER B 392 -35.30 35.50 -7.65
N ALA B 393 -34.03 35.73 -7.35
CA ALA B 393 -33.70 36.75 -6.36
C ALA B 393 -33.04 37.94 -7.05
N ALA B 394 -33.61 39.12 -6.85
CA ALA B 394 -32.94 40.38 -7.16
C ALA B 394 -32.44 41.05 -5.88
N HIS B 395 -31.62 42.08 -6.05
CA HIS B 395 -31.02 42.69 -4.88
C HIS B 395 -32.08 43.15 -3.89
N ASP B 396 -33.04 43.95 -4.37
CA ASP B 396 -34.02 44.60 -3.51
C ASP B 396 -35.23 43.74 -3.22
N TYR B 397 -35.50 42.73 -4.03
CA TYR B 397 -36.73 41.98 -3.88
C TYR B 397 -36.54 40.53 -4.30
N THR B 398 -37.60 39.76 -4.10
CA THR B 398 -37.70 38.39 -4.60
C THR B 398 -38.94 38.22 -5.44
N LEU B 399 -38.79 37.57 -6.59
CA LEU B 399 -39.93 37.10 -7.37
C LEU B 399 -40.22 35.61 -7.14
N ARG B 400 -41.46 35.29 -6.77
CA ARG B 400 -41.88 33.89 -6.73
C ARG B 400 -42.88 33.70 -7.85
N GLU B 401 -42.71 32.65 -8.65
CA GLU B 401 -43.65 32.31 -9.70
C GLU B 401 -44.57 31.27 -9.05
N LEU B 402 -45.82 31.64 -8.80
CA LEU B 402 -46.79 30.80 -8.12
C LEU B 402 -47.83 30.40 -9.13
N LYS B 403 -48.37 29.21 -8.97
CA LYS B 403 -49.47 28.73 -9.80
C LYS B 403 -50.67 28.45 -8.91
N LEU B 404 -51.81 29.12 -9.19
CA LEU B 404 -52.99 29.07 -8.36
C LEU B 404 -54.06 28.31 -9.12
N SER B 405 -54.71 27.38 -8.43
CA SER B 405 -55.81 26.64 -9.05
C SER B 405 -56.84 26.31 -7.98
N LYS B 406 -57.98 25.89 -8.43
CA LYS B 406 -59.07 25.51 -7.55
C LYS B 406 -59.12 23.98 -7.52
N VAL B 407 -58.97 23.42 -6.33
CA VAL B 407 -59.02 21.94 -6.15
C VAL B 407 -60.24 21.40 -6.92
N GLY B 408 -60.05 20.36 -7.72
CA GLY B 408 -61.14 19.69 -8.46
C GLY B 408 -61.31 20.24 -9.86
N GLN B 409 -60.71 21.39 -10.17
CA GLN B 409 -60.87 22.06 -11.48
C GLN B 409 -59.52 22.61 -11.96
N GLY B 410 -58.73 21.81 -12.68
CA GLY B 410 -57.36 22.20 -13.09
C GLY B 410 -57.33 23.22 -14.22
N ASN B 411 -58.36 23.28 -15.07
CA ASN B 411 -58.43 24.22 -16.22
C ASN B 411 -58.46 25.65 -15.69
N THR B 412 -58.74 25.84 -14.41
CA THR B 412 -58.76 27.11 -13.76
C THR B 412 -57.38 27.59 -13.36
N GLU B 413 -56.34 26.90 -13.76
CA GLU B 413 -55.00 27.30 -13.37
C GLU B 413 -54.59 28.62 -14.03
N ARG B 414 -54.00 29.50 -13.25
CA ARG B 414 -53.33 30.68 -13.76
C ARG B 414 -52.07 30.93 -12.94
N THR B 415 -51.09 31.56 -13.56
CA THR B 415 -49.88 31.89 -12.86
C THR B 415 -50.09 33.16 -12.10
N VAL B 416 -49.44 33.27 -10.96
CA VAL B 416 -49.52 34.46 -10.14
C VAL B 416 -48.11 34.82 -9.72
N TRP B 417 -47.67 36.02 -10.08
CA TRP B 417 -46.30 36.44 -9.86
C TRP B 417 -46.27 37.35 -8.63
N GLN B 418 -45.43 37.01 -7.67
CA GLN B 418 -45.39 37.68 -6.39
C GLN B 418 -44.07 38.40 -6.25
N TYR B 419 -44.12 39.72 -6.26
CA TYR B 419 -42.93 40.55 -6.09
C TYR B 419 -42.79 40.90 -4.62
N HIS B 420 -41.78 40.41 -4.00
CA HIS B 420 -41.67 40.53 -2.54
C HIS B 420 -40.53 41.49 -2.28
N PHE B 421 -40.87 42.74 -2.00
CA PHE B 421 -39.84 43.76 -1.76
C PHE B 421 -39.30 43.56 -0.35
N ARG B 422 -38.00 43.38 -0.23
CA ARG B 422 -37.41 43.02 1.03
C ARG B 422 -36.51 44.08 1.67
N THR B 423 -36.21 45.19 1.03
CA THR B 423 -35.21 46.12 1.57
C THR B 423 -35.79 47.40 2.14
N TRP B 424 -37.05 47.44 2.42
CA TRP B 424 -37.63 48.63 3.04
C TRP B 424 -37.11 48.73 4.46
N PRO B 425 -36.64 49.89 4.90
CA PRO B 425 -36.11 50.00 6.26
C PRO B 425 -37.21 49.72 7.28
N ASP B 426 -36.79 49.31 8.46
CA ASP B 426 -37.77 48.96 9.49
C ASP B 426 -38.60 50.18 9.87
N HIS B 427 -37.96 51.35 9.89
CA HIS B 427 -38.62 52.63 10.11
C HIS B 427 -38.32 53.59 8.98
N GLY B 428 -39.26 54.45 8.69
CA GLY B 428 -38.99 55.48 7.71
C GLY B 428 -39.10 54.95 6.29
N VAL B 429 -38.39 55.63 5.38
CA VAL B 429 -38.46 55.28 3.97
C VAL B 429 -37.05 55.19 3.42
N PRO B 430 -36.87 54.55 2.25
CA PRO B 430 -35.52 54.40 1.71
C PRO B 430 -34.91 55.76 1.43
N SER B 431 -33.60 55.84 1.58
CA SER B 431 -32.90 57.04 1.21
C SER B 431 -33.04 57.30 -0.28
N ASP B 432 -33.16 56.26 -1.08
CA ASP B 432 -33.20 56.41 -2.52
C ASP B 432 -34.41 55.70 -3.11
N PRO B 433 -35.13 56.32 -4.04
CA PRO B 433 -36.27 55.64 -4.67
C PRO B 433 -35.91 54.71 -5.82
N GLY B 434 -34.64 54.61 -6.25
CA GLY B 434 -34.32 53.85 -7.45
C GLY B 434 -34.79 52.41 -7.34
N GLY B 435 -34.43 51.74 -6.24
CA GLY B 435 -34.87 50.36 -6.04
C GLY B 435 -36.38 50.22 -6.15
N VAL B 436 -37.12 51.11 -5.47
CA VAL B 436 -38.59 51.06 -5.53
C VAL B 436 -39.06 51.20 -6.96
N LEU B 437 -38.42 52.12 -7.70
CA LEU B 437 -38.92 52.46 -9.03
C LEU B 437 -38.67 51.32 -10.01
N ASP B 438 -37.48 50.70 -9.98
CA ASP B 438 -37.27 49.54 -10.85
C ASP B 438 -38.18 48.37 -10.46
N PHE B 439 -38.47 48.25 -9.19
CA PHE B 439 -39.49 47.31 -8.72
C PHE B 439 -40.78 47.57 -9.49
N LEU B 440 -41.41 48.69 -9.17
CA LEU B 440 -42.70 49.03 -9.76
C LEU B 440 -42.69 48.84 -11.26
N GLU B 441 -41.58 49.22 -11.92
CA GLU B 441 -41.50 49.10 -13.37
C GLU B 441 -41.53 47.65 -13.81
N GLU B 442 -40.80 46.78 -13.11
CA GLU B 442 -40.89 45.36 -13.40
C GLU B 442 -42.32 44.88 -13.20
N VAL B 443 -42.92 45.27 -12.08
CA VAL B 443 -44.29 44.86 -11.78
C VAL B 443 -45.25 45.33 -12.87
N HIS B 444 -45.09 46.56 -13.29
CA HIS B 444 -46.02 47.10 -14.28
C HIS B 444 -45.97 46.32 -15.59
N HIS B 445 -44.77 46.05 -16.09
CA HIS B 445 -44.65 45.31 -17.35
C HIS B 445 -45.18 43.88 -17.21
N LYS B 446 -44.86 43.21 -16.11
CA LYS B 446 -45.51 41.92 -15.88
C LYS B 446 -47.03 42.04 -16.01
N GLN B 447 -47.64 43.02 -15.33
CA GLN B 447 -49.09 43.18 -15.41
C GLN B 447 -49.54 43.35 -16.85
N GLU B 448 -48.87 44.24 -17.61
CA GLU B 448 -49.30 44.49 -18.99
C GLU B 448 -49.19 43.25 -19.87
N SER B 449 -48.32 42.31 -19.55
CA SER B 449 -48.08 41.18 -20.43
C SER B 449 -49.15 40.11 -20.37
N ILE B 450 -50.02 40.12 -19.35
CA ILE B 450 -51.04 39.10 -19.18
C ILE B 450 -52.37 39.69 -19.61
N MET B 451 -53.08 39.01 -20.50
CA MET B 451 -54.35 39.54 -21.00
C MET B 451 -55.43 39.44 -19.93
N ASP B 452 -56.19 40.53 -19.77
CA ASP B 452 -57.35 40.55 -18.89
C ASP B 452 -56.98 40.34 -17.42
N ALA B 453 -55.77 40.69 -17.02
CA ALA B 453 -55.39 40.54 -15.62
C ALA B 453 -56.27 41.38 -14.73
N GLY B 454 -56.60 40.86 -13.59
CA GLY B 454 -57.34 41.63 -12.64
C GLY B 454 -56.50 42.56 -11.81
N PRO B 455 -57.09 43.09 -10.73
CA PRO B 455 -56.39 44.06 -9.89
C PRO B 455 -55.07 43.50 -9.44
N VAL B 456 -54.11 44.39 -9.33
CA VAL B 456 -52.80 44.08 -8.77
C VAL B 456 -52.91 44.12 -7.26
N VAL B 457 -52.71 42.97 -6.59
CA VAL B 457 -52.77 42.91 -5.15
C VAL B 457 -51.51 43.52 -4.54
N VAL B 458 -51.73 44.38 -3.52
CA VAL B 458 -50.65 45.06 -2.78
C VAL B 458 -50.88 44.92 -1.29
N HIS B 459 -49.83 44.62 -0.54
CA HIS B 459 -50.08 44.45 0.89
C HIS B 459 -48.81 44.61 1.69
N CYS B 460 -48.91 45.25 2.88
CA CYS B 460 -47.81 45.39 3.77
C CYS B 460 -48.26 44.76 5.10
N SER B 461 -48.13 45.48 6.20
CA SER B 461 -48.63 44.98 7.49
C SER B 461 -50.10 45.35 7.64
N ALA B 462 -50.39 46.62 7.90
CA ALA B 462 -51.79 47.02 8.02
C ALA B 462 -52.37 47.42 6.68
N GLY B 463 -51.50 47.63 5.69
CA GLY B 463 -52.00 47.77 4.36
C GLY B 463 -52.48 49.15 4.04
N ILE B 464 -51.97 50.15 4.77
CA ILE B 464 -52.34 51.53 4.49
C ILE B 464 -51.12 52.42 4.24
N GLY B 465 -50.01 52.16 4.94
CA GLY B 465 -48.83 53.00 4.89
C GLY B 465 -47.90 52.72 3.73
N ARG B 466 -47.23 51.59 3.83
CA ARG B 466 -46.37 51.16 2.73
C ARG B 466 -47.21 50.85 1.49
N THR B 467 -48.34 50.13 1.70
CA THR B 467 -49.17 49.74 0.57
C THR B 467 -49.60 50.95 -0.22
N GLY B 468 -49.80 52.07 0.45
CA GLY B 468 -50.43 53.21 -0.16
C GLY B 468 -49.36 54.04 -0.78
N THR B 469 -48.16 53.91 -0.20
CA THR B 469 -47.05 54.64 -0.81
C THR B 469 -46.72 54.06 -2.15
N PHE B 470 -46.73 52.73 -2.24
CA PHE B 470 -46.44 52.05 -3.50
C PHE B 470 -47.53 52.31 -4.55
N ILE B 471 -48.80 52.03 -4.22
CA ILE B 471 -49.89 52.24 -5.19
C ILE B 471 -49.89 53.68 -5.75
N VAL B 472 -49.57 54.67 -4.90
CA VAL B 472 -49.68 56.06 -5.38
C VAL B 472 -48.52 56.38 -6.29
N ILE B 473 -47.31 55.99 -5.87
CA ILE B 473 -46.14 56.08 -6.76
C ILE B 473 -46.50 55.43 -8.08
N ASP B 474 -47.04 54.20 -8.01
CA ASP B 474 -47.41 53.49 -9.22
C ASP B 474 -48.39 54.30 -10.07
N ILE B 475 -49.46 54.85 -9.45
CA ILE B 475 -50.48 55.50 -10.27
C ILE B 475 -49.85 56.67 -11.00
N LEU B 476 -49.02 57.43 -10.28
CA LEU B 476 -48.47 58.65 -10.84
C LEU B 476 -47.51 58.36 -12.00
N ILE B 477 -46.59 57.42 -11.82
CA ILE B 477 -45.69 57.12 -12.92
C ILE B 477 -46.47 56.45 -14.05
N ASP B 478 -47.57 55.77 -13.74
CA ASP B 478 -48.47 55.25 -14.78
C ASP B 478 -48.80 56.38 -15.73
N ILE B 479 -49.18 57.53 -15.17
CA ILE B 479 -49.51 58.69 -16.00
C ILE B 479 -48.31 59.10 -16.85
N ILE B 480 -47.18 59.41 -16.18
CA ILE B 480 -46.02 59.92 -16.90
C ILE B 480 -45.53 58.91 -17.95
N ARG B 481 -45.75 57.60 -17.70
CA ARG B 481 -45.29 56.61 -18.67
C ARG B 481 -46.08 56.74 -19.98
N GLU B 482 -47.39 56.89 -19.91
CA GLU B 482 -48.17 57.06 -21.13
C GLU B 482 -47.97 58.45 -21.76
N LYS B 483 -47.74 59.48 -20.95
CA LYS B 483 -47.83 60.89 -21.38
C LYS B 483 -46.47 61.54 -21.52
N GLY B 484 -45.60 61.32 -20.56
CA GLY B 484 -44.28 61.91 -20.58
C GLY B 484 -44.19 63.07 -19.63
N VAL B 485 -43.29 63.99 -19.97
CA VAL B 485 -43.24 65.28 -19.30
C VAL B 485 -44.45 66.12 -19.59
N ASP B 486 -45.24 65.75 -20.59
CA ASP B 486 -46.36 66.58 -21.01
C ASP B 486 -47.66 66.14 -20.33
N CYS B 487 -47.70 66.27 -19.02
CA CYS B 487 -48.90 65.92 -18.28
C CYS B 487 -48.85 66.65 -16.96
N ASP B 488 -50.00 66.81 -16.35
CA ASP B 488 -50.03 67.34 -14.99
C ASP B 488 -50.14 66.23 -13.96
N ILE B 489 -49.60 66.51 -12.79
CA ILE B 489 -49.78 65.60 -11.68
C ILE B 489 -50.09 66.42 -10.45
N ASP B 490 -50.82 65.81 -9.54
CA ASP B 490 -51.32 66.52 -8.36
C ASP B 490 -51.25 65.48 -7.23
N VAL B 491 -50.15 65.51 -6.46
CA VAL B 491 -49.91 64.45 -5.48
C VAL B 491 -50.98 64.48 -4.40
N PRO B 492 -51.35 65.63 -3.83
CA PRO B 492 -52.41 65.60 -2.81
C PRO B 492 -53.69 65.02 -3.36
N LYS B 493 -54.10 65.51 -4.55
CA LYS B 493 -55.32 64.98 -5.14
C LYS B 493 -55.26 63.46 -5.18
N THR B 494 -54.22 62.92 -5.79
CA THR B 494 -54.20 61.47 -6.00
C THR B 494 -54.22 60.70 -4.68
N ILE B 495 -53.56 61.20 -3.66
CA ILE B 495 -53.63 60.56 -2.36
C ILE B 495 -55.05 60.62 -1.80
N GLN B 496 -55.66 61.80 -1.83
CA GLN B 496 -57.03 61.94 -1.38
C GLN B 496 -57.96 60.98 -2.09
N MET B 497 -57.76 60.81 -3.39
CA MET B 497 -58.63 59.93 -4.14
C MET B 497 -58.48 58.47 -3.74
N VAL B 498 -57.29 58.06 -3.31
CA VAL B 498 -57.10 56.70 -2.80
C VAL B 498 -57.50 56.62 -1.35
N ARG B 499 -57.31 57.70 -0.60
CA ARG B 499 -57.74 57.69 0.80
C ARG B 499 -59.26 57.59 0.91
N SER B 500 -59.96 58.07 -0.10
CA SER B 500 -61.40 57.84 -0.09
C SER B 500 -61.76 56.40 -0.44
N GLN B 501 -60.76 55.56 -0.73
CA GLN B 501 -61.04 54.15 -1.13
C GLN B 501 -60.49 53.21 -0.07
N ARG B 502 -59.65 53.71 0.85
CA ARG B 502 -59.11 52.92 1.97
C ARG B 502 -58.53 53.89 2.99
N SER B 503 -58.86 53.66 4.25
CA SER B 503 -58.46 54.58 5.27
C SER B 503 -56.94 54.71 5.33
N GLY B 504 -56.45 55.95 5.48
CA GLY B 504 -55.07 56.17 5.88
C GLY B 504 -54.07 55.84 4.83
N MET B 505 -54.49 55.78 3.58
CA MET B 505 -53.66 55.17 2.58
C MET B 505 -52.26 55.76 2.42
N VAL B 506 -51.99 56.98 2.72
CA VAL B 506 -50.55 57.31 2.87
C VAL B 506 -50.39 57.71 4.33
N GLN B 507 -49.37 57.19 5.00
CA GLN B 507 -49.35 57.29 6.46
C GLN B 507 -48.56 58.49 7.00
N THR B 508 -47.41 58.85 6.41
CA THR B 508 -46.52 59.79 7.07
C THR B 508 -46.08 60.89 6.13
N GLU B 509 -45.43 61.89 6.71
CA GLU B 509 -44.82 62.94 5.90
C GLU B 509 -43.61 62.41 5.14
N ALA B 510 -42.85 61.50 5.74
CA ALA B 510 -41.66 60.98 5.09
C ALA B 510 -42.05 60.20 3.83
N GLN B 511 -43.04 59.32 3.94
CA GLN B 511 -43.60 58.72 2.74
C GLN B 511 -43.99 59.79 1.72
N TYR B 512 -44.78 60.77 2.15
CA TYR B 512 -45.25 61.81 1.25
C TYR B 512 -44.12 62.44 0.46
N ARG B 513 -43.03 62.79 1.13
CA ARG B 513 -41.87 63.32 0.41
C ARG B 513 -41.28 62.25 -0.50
N PHE B 514 -41.10 61.04 0.00
CA PHE B 514 -40.58 59.96 -0.83
C PHE B 514 -41.38 59.81 -2.12
N ILE B 515 -42.71 59.96 -2.08
CA ILE B 515 -43.49 59.91 -3.32
C ILE B 515 -43.02 61.02 -4.27
N TYR B 516 -42.84 62.22 -3.73
CA TYR B 516 -42.28 63.30 -4.55
C TYR B 516 -40.93 62.88 -5.11
N MET B 517 -39.97 62.59 -4.22
CA MET B 517 -38.63 62.18 -4.68
C MET B 517 -38.74 61.07 -5.71
N ALA B 518 -39.64 60.11 -5.49
CA ALA B 518 -39.82 59.03 -6.45
C ALA B 518 -40.19 59.61 -7.81
N VAL B 519 -41.27 60.39 -7.86
CA VAL B 519 -41.75 60.89 -9.13
C VAL B 519 -40.69 61.77 -9.80
N GLN B 520 -40.05 62.65 -9.02
CA GLN B 520 -38.97 63.46 -9.56
C GLN B 520 -37.92 62.54 -10.18
N HIS B 521 -37.55 61.51 -9.47
CA HIS B 521 -36.54 60.60 -9.97
C HIS B 521 -36.98 59.95 -11.27
N TYR B 522 -38.24 59.51 -11.35
CA TYR B 522 -38.69 58.83 -12.56
C TYR B 522 -38.64 59.75 -13.76
N ILE B 523 -39.00 61.02 -13.57
CA ILE B 523 -38.97 61.94 -14.70
C ILE B 523 -37.55 62.19 -15.15
N GLU B 524 -36.65 62.39 -14.20
CA GLU B 524 -35.27 62.67 -14.54
C GLU B 524 -34.63 61.53 -15.33
N THR B 525 -35.12 60.29 -15.20
CA THR B 525 -34.32 59.16 -15.68
C THR B 525 -34.58 58.77 -17.14
N LEU B 526 -35.37 59.54 -17.89
CA LEU B 526 -35.45 59.23 -19.33
C LEU B 526 -35.65 60.45 -20.24
N SER C 4 74.97 -51.98 -25.13
CA SER C 4 75.52 -52.64 -23.96
C SER C 4 74.92 -52.01 -22.71
N ARG C 5 74.75 -50.70 -22.76
CA ARG C 5 74.19 -49.91 -21.62
C ARG C 5 74.91 -50.23 -20.30
N ARG C 6 76.06 -50.89 -20.34
CA ARG C 6 76.87 -51.14 -19.12
C ARG C 6 77.45 -49.81 -18.66
N TRP C 7 77.49 -48.82 -19.57
CA TRP C 7 77.99 -47.45 -19.25
C TRP C 7 77.14 -46.79 -18.15
N PHE C 8 75.99 -47.35 -17.78
CA PHE C 8 75.12 -46.74 -16.78
C PHE C 8 75.33 -47.44 -15.45
N HIS C 9 75.65 -46.68 -14.42
CA HIS C 9 75.86 -47.23 -13.09
C HIS C 9 74.76 -46.80 -12.13
N PRO C 10 73.91 -47.73 -11.68
CA PRO C 10 72.70 -47.30 -10.97
C PRO C 10 72.95 -46.78 -9.56
N ASN C 11 74.00 -47.16 -8.87
CA ASN C 11 74.13 -46.70 -7.50
C ASN C 11 75.57 -46.30 -7.18
N ILE C 12 76.02 -45.22 -7.80
CA ILE C 12 77.33 -44.65 -7.51
C ILE C 12 77.19 -43.18 -7.17
N THR C 13 78.01 -42.73 -6.22
CA THR C 13 78.12 -41.32 -5.94
C THR C 13 78.93 -40.63 -7.04
N GLY C 14 78.89 -39.30 -7.00
CA GLY C 14 79.66 -38.51 -7.94
C GLY C 14 81.15 -38.79 -7.84
N VAL C 15 81.70 -38.73 -6.62
CA VAL C 15 83.12 -39.01 -6.45
C VAL C 15 83.41 -40.45 -6.83
N GLU C 16 82.60 -41.38 -6.32
CA GLU C 16 82.73 -42.76 -6.76
C GLU C 16 82.90 -42.81 -8.26
N ALA C 17 82.15 -41.97 -8.99
CA ALA C 17 82.27 -41.96 -10.44
C ALA C 17 83.58 -41.29 -10.88
N GLU C 18 83.95 -40.18 -10.27
CA GLU C 18 85.18 -39.53 -10.68
C GLU C 18 86.36 -40.49 -10.50
N ASN C 19 86.54 -41.00 -9.27
CA ASN C 19 87.66 -41.87 -8.95
C ASN C 19 87.65 -43.10 -9.83
N LEU C 20 86.47 -43.68 -10.06
CA LEU C 20 86.36 -44.83 -10.94
C LEU C 20 86.84 -44.51 -12.34
N LEU C 21 86.49 -43.33 -12.85
CA LEU C 21 87.03 -42.91 -14.14
C LEU C 21 88.52 -42.63 -14.05
N LEU C 22 88.95 -42.03 -12.95
CA LEU C 22 90.34 -41.64 -12.83
C LEU C 22 91.28 -42.80 -12.50
N THR C 23 90.77 -43.94 -12.07
CA THR C 23 91.60 -45.09 -11.75
C THR C 23 91.49 -46.22 -12.77
N ARG C 24 90.31 -46.45 -13.31
CA ARG C 24 90.03 -47.53 -14.24
C ARG C 24 89.73 -47.04 -15.65
N GLY C 25 90.00 -45.75 -15.96
CA GLY C 25 89.65 -45.21 -17.26
C GLY C 25 90.79 -44.40 -17.84
N VAL C 26 90.60 -44.00 -19.10
CA VAL C 26 91.54 -43.13 -19.81
C VAL C 26 90.77 -41.92 -20.31
N ASP C 27 91.46 -40.93 -20.89
CA ASP C 27 90.77 -39.81 -21.51
C ASP C 27 89.85 -40.29 -22.62
N GLY C 28 88.58 -39.94 -22.51
CA GLY C 28 87.57 -40.36 -23.46
C GLY C 28 86.61 -41.37 -22.87
N SER C 29 86.88 -41.83 -21.65
CA SER C 29 85.98 -42.76 -20.99
C SER C 29 84.79 -42.03 -20.37
N PHE C 30 83.66 -42.70 -20.37
CA PHE C 30 82.46 -42.04 -19.88
C PHE C 30 81.56 -43.08 -19.22
N LEU C 31 80.57 -42.52 -18.52
CA LEU C 31 79.52 -43.26 -17.86
C LEU C 31 78.39 -42.27 -17.58
N ALA C 32 77.22 -42.82 -17.36
CA ALA C 32 76.06 -42.07 -16.90
C ALA C 32 75.65 -42.63 -15.54
N ARG C 33 74.99 -41.81 -14.73
CA ARG C 33 74.59 -42.27 -13.41
C ARG C 33 73.38 -41.50 -12.92
N PRO C 34 72.53 -42.12 -12.10
CA PRO C 34 71.40 -41.37 -11.52
C PRO C 34 71.95 -40.29 -10.62
N SER C 35 71.45 -39.09 -10.80
CA SER C 35 71.84 -38.01 -9.93
C SER C 35 71.14 -38.21 -8.60
N LYS C 36 71.87 -37.99 -7.51
CA LYS C 36 71.31 -38.14 -6.17
C LYS C 36 70.84 -36.83 -5.55
N SER C 37 71.26 -35.68 -6.08
CA SER C 37 70.77 -34.41 -5.55
C SER C 37 69.42 -34.03 -6.13
N ASN C 38 69.04 -34.64 -7.24
CA ASN C 38 67.78 -34.31 -7.93
C ASN C 38 67.19 -35.59 -8.48
N PRO C 39 66.34 -36.30 -7.73
CA PRO C 39 65.67 -37.47 -8.27
C PRO C 39 65.01 -37.06 -9.58
N GLY C 40 65.15 -37.87 -10.62
CA GLY C 40 64.58 -37.58 -11.94
C GLY C 40 65.68 -37.15 -12.88
N ASP C 41 66.72 -36.51 -12.36
CA ASP C 41 67.84 -36.09 -13.18
C ASP C 41 68.88 -37.21 -13.27
N PHE C 42 69.85 -36.99 -14.15
CA PHE C 42 70.92 -37.94 -14.37
C PHE C 42 72.17 -37.12 -14.65
N THR C 43 73.31 -37.79 -14.60
CA THR C 43 74.60 -37.14 -14.79
C THR C 43 75.48 -37.92 -15.76
N LEU C 44 76.02 -37.22 -16.75
CA LEU C 44 76.94 -37.79 -17.71
C LEU C 44 78.35 -37.47 -17.25
N SER C 45 79.13 -38.49 -16.90
CA SER C 45 80.47 -38.27 -16.37
C SER C 45 81.51 -38.69 -17.38
N VAL C 46 82.45 -37.80 -17.68
CA VAL C 46 83.40 -37.99 -18.77
C VAL C 46 84.76 -37.51 -18.31
N ARG C 47 85.79 -38.20 -18.78
CA ARG C 47 87.17 -37.89 -18.42
C ARG C 47 87.81 -37.07 -19.52
N ARG C 48 88.50 -36.00 -19.13
CA ARG C 48 89.16 -35.13 -20.09
C ARG C 48 90.52 -34.77 -19.50
N ASN C 49 91.57 -35.04 -20.26
CA ASN C 49 92.93 -34.67 -19.88
C ASN C 49 93.28 -35.18 -18.49
N GLY C 50 92.69 -36.31 -18.11
CA GLY C 50 92.85 -36.76 -16.74
C GLY C 50 92.04 -35.96 -15.74
N ALA C 51 90.93 -35.39 -16.17
CA ALA C 51 90.02 -34.73 -15.25
C ALA C 51 88.60 -35.15 -15.60
N VAL C 52 87.69 -34.97 -14.63
CA VAL C 52 86.32 -35.42 -14.75
C VAL C 52 85.38 -34.20 -14.77
N THR C 53 84.68 -34.03 -15.87
CA THR C 53 83.63 -33.04 -16.00
C THR C 53 82.28 -33.73 -16.05
N HIS C 54 81.31 -33.18 -15.34
CA HIS C 54 80.01 -33.81 -15.15
C HIS C 54 78.97 -32.96 -15.85
N ILE C 55 78.24 -33.56 -16.77
CA ILE C 55 77.23 -32.87 -17.57
C ILE C 55 75.88 -33.34 -17.08
N LYS C 56 75.04 -32.38 -16.70
CA LYS C 56 73.71 -32.68 -16.17
C LYS C 56 72.74 -33.03 -17.30
N ILE C 57 71.85 -33.97 -17.00
CA ILE C 57 70.74 -34.36 -17.86
C ILE C 57 69.48 -34.37 -16.98
N GLN C 58 68.49 -33.59 -17.34
CA GLN C 58 67.24 -33.50 -16.59
C GLN C 58 66.13 -34.15 -17.39
N ASN C 59 65.24 -34.85 -16.72
CA ASN C 59 64.07 -35.41 -17.41
C ASN C 59 62.88 -35.18 -16.48
N THR C 60 62.01 -34.24 -16.86
CA THR C 60 60.84 -33.90 -16.08
C THR C 60 59.64 -34.75 -16.46
N GLY C 61 59.71 -35.46 -17.58
CA GLY C 61 58.67 -36.36 -17.99
C GLY C 61 58.52 -36.41 -19.50
N ASP C 62 59.10 -35.42 -20.16
CA ASP C 62 58.93 -35.27 -21.59
C ASP C 62 60.10 -35.80 -22.39
N TYR C 63 61.31 -35.61 -21.92
CA TYR C 63 62.48 -36.15 -22.61
C TYR C 63 63.69 -35.89 -21.74
N TYR C 64 64.80 -36.49 -22.12
CA TYR C 64 66.07 -36.27 -21.45
C TYR C 64 66.68 -35.03 -22.07
N ASP C 65 66.92 -34.01 -21.25
CA ASP C 65 67.45 -32.73 -21.71
C ASP C 65 68.88 -32.62 -21.19
N LEU C 66 69.84 -32.86 -22.07
CA LEU C 66 71.25 -32.73 -21.75
C LEU C 66 71.65 -31.27 -21.83
N TYR C 67 72.13 -30.72 -20.73
CA TYR C 67 72.40 -29.29 -20.69
C TYR C 67 73.57 -28.99 -21.63
N GLY C 68 73.36 -28.02 -22.53
CA GLY C 68 74.41 -27.71 -23.49
C GLY C 68 74.49 -28.64 -24.66
N GLY C 69 73.50 -29.53 -24.83
CA GLY C 69 73.44 -30.41 -25.98
C GLY C 69 72.05 -30.44 -26.57
N GLU C 70 71.50 -31.62 -26.73
CA GLU C 70 70.22 -31.80 -27.38
C GLU C 70 69.34 -32.69 -26.53
N LYS C 71 68.08 -32.82 -26.98
CA LYS C 71 67.06 -33.58 -26.26
C LYS C 71 66.82 -34.95 -26.87
N PHE C 72 66.70 -35.97 -26.02
CA PHE C 72 66.65 -37.32 -26.50
C PHE C 72 65.53 -38.10 -25.85
N ALA C 73 65.24 -39.23 -26.47
CA ALA C 73 64.17 -40.11 -26.06
C ALA C 73 64.59 -41.13 -25.04
N THR C 74 65.85 -41.58 -25.11
CA THR C 74 66.37 -42.52 -24.13
C THR C 74 67.83 -42.16 -23.90
N LEU C 75 68.41 -42.68 -22.83
CA LEU C 75 69.83 -42.37 -22.66
C LEU C 75 70.62 -43.08 -23.74
N ALA C 76 70.21 -44.27 -24.12
CA ALA C 76 71.02 -45.02 -25.07
C ALA C 76 71.13 -44.26 -26.38
N GLU C 77 69.98 -43.86 -26.94
CA GLU C 77 69.99 -43.07 -28.18
C GLU C 77 70.82 -41.81 -28.03
N LEU C 78 70.81 -41.22 -26.84
CA LEU C 78 71.72 -40.11 -26.52
C LEU C 78 73.18 -40.53 -26.64
N VAL C 79 73.58 -41.54 -25.87
CA VAL C 79 74.94 -42.02 -26.01
C VAL C 79 75.22 -42.42 -27.45
N GLN C 80 74.29 -43.18 -28.07
CA GLN C 80 74.50 -43.57 -29.46
C GLN C 80 74.74 -42.34 -30.30
N TYR C 81 73.95 -41.28 -30.05
CA TYR C 81 74.11 -40.05 -30.82
C TYR C 81 75.49 -39.42 -30.66
N TYR C 82 75.99 -39.37 -29.43
CA TYR C 82 77.23 -38.65 -29.13
C TYR C 82 78.47 -39.48 -29.40
N MET C 83 78.36 -40.79 -29.44
CA MET C 83 79.50 -41.60 -29.85
C MET C 83 79.73 -41.55 -31.35
N GLU C 84 78.82 -40.92 -32.09
CA GLU C 84 78.94 -40.80 -33.53
C GLU C 84 79.16 -39.37 -34.02
N HIS C 85 78.77 -38.34 -33.26
CA HIS C 85 78.91 -36.95 -33.69
C HIS C 85 78.45 -35.88 -32.70
N ILE C 97 84.25 -32.25 -25.59
CA ILE C 97 84.11 -33.45 -24.77
C ILE C 97 83.78 -34.71 -25.58
N GLU C 98 84.77 -35.58 -25.71
CA GLU C 98 84.69 -36.75 -26.57
C GLU C 98 84.31 -37.97 -25.76
N LEU C 99 83.21 -38.63 -26.15
CA LEU C 99 82.78 -39.88 -25.53
C LEU C 99 83.26 -41.04 -26.38
N LYS C 100 84.37 -41.65 -25.96
CA LYS C 100 85.02 -42.72 -26.72
C LYS C 100 84.86 -44.07 -26.06
N TYR C 101 85.14 -44.18 -24.77
CA TYR C 101 85.19 -45.50 -24.12
C TYR C 101 84.17 -45.65 -23.01
N PRO C 102 83.10 -46.40 -23.21
CA PRO C 102 82.19 -46.69 -22.10
C PRO C 102 82.93 -47.37 -20.97
N LEU C 103 82.76 -46.85 -19.76
CA LEU C 103 83.29 -47.46 -18.55
C LEU C 103 82.19 -48.35 -17.98
N ASN C 104 82.27 -49.63 -18.26
CA ASN C 104 81.15 -50.53 -18.00
C ASN C 104 80.98 -50.82 -16.51
N CYS C 105 79.74 -50.98 -16.08
CA CYS C 105 79.41 -51.21 -14.68
C CYS C 105 79.37 -52.70 -14.38
N ALA C 106 79.72 -53.05 -13.16
CA ALA C 106 79.73 -54.46 -12.79
C ALA C 106 78.59 -54.83 -11.88
N ASP C 107 77.89 -53.84 -11.32
CA ASP C 107 76.77 -54.13 -10.45
C ASP C 107 75.75 -54.93 -11.25
N PRO C 108 75.19 -55.99 -10.68
CA PRO C 108 74.14 -56.75 -11.39
C PRO C 108 72.71 -56.39 -11.00
N THR C 109 72.53 -55.48 -10.03
CA THR C 109 71.21 -55.23 -9.46
C THR C 109 70.13 -54.96 -10.52
N SER C 110 70.49 -54.40 -11.67
CA SER C 110 69.47 -54.11 -12.67
C SER C 110 69.45 -55.08 -13.85
N GLU C 111 70.07 -56.24 -13.71
CA GLU C 111 69.86 -57.32 -14.68
C GLU C 111 68.49 -57.96 -14.43
N ARG C 112 67.88 -58.46 -15.49
CA ARG C 112 66.60 -59.13 -15.41
C ARG C 112 66.68 -60.42 -14.59
N TRP C 113 67.87 -61.04 -14.52
CA TRP C 113 68.00 -62.34 -13.94
C TRP C 113 68.51 -62.31 -12.51
N PHE C 114 68.99 -61.16 -12.04
CA PHE C 114 69.50 -61.06 -10.69
C PHE C 114 68.40 -60.82 -9.67
N HIS C 115 68.49 -61.57 -8.55
CA HIS C 115 67.57 -61.43 -7.42
C HIS C 115 68.36 -61.65 -6.13
N GLY C 116 68.91 -60.58 -5.55
CA GLY C 116 69.56 -60.72 -4.26
C GLY C 116 68.59 -60.96 -3.12
N HIS C 117 69.02 -61.77 -2.15
CA HIS C 117 68.24 -62.06 -0.95
C HIS C 117 67.15 -63.09 -1.19
N LEU C 118 67.25 -63.88 -2.24
CA LEU C 118 66.29 -64.93 -2.57
C LEU C 118 66.77 -66.26 -2.01
N SER C 119 65.92 -66.93 -1.24
CA SER C 119 66.26 -68.24 -0.70
C SER C 119 66.22 -69.31 -1.80
N GLY C 120 66.90 -70.41 -1.54
CA GLY C 120 66.95 -71.46 -2.53
C GLY C 120 65.59 -72.03 -2.84
N LYS C 121 64.89 -72.51 -1.81
CA LYS C 121 63.65 -73.22 -2.03
C LYS C 121 62.70 -72.35 -2.82
N GLU C 122 62.40 -71.15 -2.29
CA GLU C 122 61.57 -70.20 -3.02
C GLU C 122 62.06 -69.99 -4.44
N ALA C 123 63.37 -70.07 -4.67
CA ALA C 123 63.83 -69.99 -6.06
C ALA C 123 63.40 -71.24 -6.81
N GLU C 124 63.29 -72.37 -6.12
CA GLU C 124 62.86 -73.56 -6.83
C GLU C 124 61.37 -73.50 -7.15
N LYS C 125 60.55 -73.00 -6.23
CA LYS C 125 59.12 -72.95 -6.48
C LYS C 125 58.80 -72.01 -7.64
N LEU C 126 59.33 -70.79 -7.58
CA LEU C 126 59.16 -69.85 -8.70
C LEU C 126 59.60 -70.52 -10.01
N LEU C 127 60.84 -71.02 -10.06
CA LEU C 127 61.26 -71.76 -11.24
C LEU C 127 60.22 -72.81 -11.61
N THR C 128 59.54 -73.37 -10.59
CA THR C 128 58.50 -74.38 -10.86
C THR C 128 57.15 -73.75 -11.21
N GLU C 129 56.72 -72.71 -10.47
CA GLU C 129 55.36 -72.19 -10.64
C GLU C 129 55.18 -71.37 -11.90
N LYS C 130 56.27 -70.84 -12.47
CA LYS C 130 56.20 -69.88 -13.56
C LYS C 130 57.23 -70.11 -14.66
N GLY C 131 58.26 -70.91 -14.42
CA GLY C 131 59.27 -71.11 -15.42
C GLY C 131 58.96 -72.22 -16.38
N LYS C 132 59.69 -72.22 -17.49
CA LYS C 132 59.65 -73.33 -18.43
C LYS C 132 61.10 -73.76 -18.65
N HIS C 133 61.34 -74.50 -19.72
CA HIS C 133 62.70 -74.92 -20.05
C HIS C 133 63.55 -73.70 -20.38
N GLY C 134 64.65 -73.55 -19.65
CA GLY C 134 65.58 -72.48 -19.89
C GLY C 134 65.48 -71.29 -18.96
N SER C 135 64.43 -71.20 -18.15
CA SER C 135 64.32 -70.05 -17.27
C SER C 135 65.42 -70.14 -16.23
N PHE C 136 65.97 -69.00 -15.84
CA PHE C 136 67.06 -69.01 -14.87
C PHE C 136 67.03 -67.73 -14.07
N LEU C 137 67.88 -67.68 -13.05
CA LEU C 137 68.03 -66.52 -12.21
C LEU C 137 69.31 -66.71 -11.40
N VAL C 138 69.90 -65.61 -10.95
CA VAL C 138 71.09 -65.63 -10.10
C VAL C 138 70.76 -65.01 -8.78
N ARG C 139 71.09 -65.69 -7.70
CA ARG C 139 70.81 -65.23 -6.35
C ARG C 139 72.08 -65.23 -5.50
N GLU C 140 71.93 -64.78 -4.26
CA GLU C 140 72.99 -64.77 -3.28
C GLU C 140 72.99 -66.06 -2.46
N SER C 141 74.19 -66.57 -2.18
CA SER C 141 74.34 -67.83 -1.46
C SER C 141 73.85 -67.73 -0.02
N SER C 143 74.70 -70.65 1.91
CA SER C 143 75.75 -71.44 2.52
C SER C 143 76.98 -70.61 2.80
N HIS C 144 77.47 -69.91 1.78
CA HIS C 144 78.67 -69.08 1.91
C HIS C 144 78.36 -67.66 1.43
N PRO C 145 78.07 -66.73 2.34
CA PRO C 145 77.74 -65.37 1.89
C PRO C 145 78.89 -64.76 1.09
N GLY C 146 78.54 -64.04 0.03
CA GLY C 146 79.50 -63.46 -0.90
C GLY C 146 79.56 -64.19 -2.22
N ASP C 147 79.37 -65.51 -2.21
CA ASP C 147 79.20 -66.31 -3.41
C ASP C 147 77.77 -66.17 -3.94
N PHE C 148 77.54 -66.67 -5.15
CA PHE C 148 76.26 -66.55 -5.81
C PHE C 148 75.87 -67.92 -6.34
N VAL C 149 74.60 -68.06 -6.67
CA VAL C 149 74.07 -69.33 -7.17
C VAL C 149 73.26 -69.04 -8.41
N LEU C 150 73.48 -69.80 -9.46
CA LEU C 150 72.69 -69.71 -10.68
C LEU C 150 71.75 -70.91 -10.68
N SER C 151 70.45 -70.64 -10.61
CA SER C 151 69.46 -71.68 -10.62
C SER C 151 68.77 -71.64 -11.97
N VAL C 152 68.73 -72.77 -12.63
CA VAL C 152 68.23 -72.89 -14.00
C VAL C 152 67.23 -74.03 -14.02
N ARG C 153 66.29 -73.94 -14.96
CA ARG C 153 65.28 -74.96 -15.15
C ARG C 153 65.45 -75.61 -16.52
N THR C 154 65.48 -76.94 -16.53
CA THR C 154 65.45 -77.76 -17.74
C THR C 154 64.21 -78.64 -17.67
N GLY C 155 63.61 -78.92 -18.81
CA GLY C 155 62.45 -79.78 -18.78
C GLY C 155 61.76 -79.87 -20.12
N ASP C 156 60.60 -80.52 -20.12
CA ASP C 156 59.78 -80.68 -21.32
C ASP C 156 58.54 -79.81 -21.23
N SER C 166 60.55 -80.22 -15.73
CA SER C 166 60.98 -81.48 -15.14
C SER C 166 61.98 -81.31 -14.01
N LYS C 167 63.02 -80.50 -14.24
CA LYS C 167 64.12 -80.42 -13.29
C LYS C 167 64.60 -79.00 -13.03
N VAL C 168 64.97 -78.73 -11.78
CA VAL C 168 65.69 -77.51 -11.44
C VAL C 168 67.13 -77.87 -11.06
N THR C 169 68.08 -77.08 -11.55
CA THR C 169 69.49 -77.29 -11.27
C THR C 169 70.12 -76.03 -10.68
N HIS C 170 70.99 -76.23 -9.70
CA HIS C 170 71.69 -75.16 -9.02
C HIS C 170 73.19 -75.29 -9.29
N VAL C 171 73.84 -74.17 -9.62
CA VAL C 171 75.25 -74.11 -9.98
C VAL C 171 75.87 -73.01 -9.13
N MET C 172 76.73 -73.39 -8.22
CA MET C 172 77.35 -72.41 -7.35
C MET C 172 78.33 -71.52 -8.13
N ILE C 173 78.39 -70.25 -7.72
CA ILE C 173 79.28 -69.25 -8.31
C ILE C 173 80.13 -68.69 -7.17
N ARG C 174 81.43 -68.94 -7.22
CA ARG C 174 82.32 -68.51 -6.14
C ARG C 174 82.86 -67.13 -6.46
N CYS C 175 83.11 -66.36 -5.42
CA CYS C 175 83.73 -65.05 -5.57
C CYS C 175 85.13 -65.15 -5.02
N GLN C 176 86.11 -65.02 -5.91
CA GLN C 176 87.51 -65.12 -5.55
C GLN C 176 88.22 -63.87 -6.02
N GLU C 177 88.81 -63.14 -5.07
CA GLU C 177 89.63 -61.96 -5.33
C GLU C 177 89.05 -61.10 -6.44
N LEU C 178 87.78 -60.79 -6.30
CA LEU C 178 87.01 -59.84 -7.13
C LEU C 178 86.49 -60.49 -8.40
N LYS C 179 86.74 -61.77 -8.65
CA LYS C 179 86.30 -62.41 -9.87
C LYS C 179 85.49 -63.65 -9.53
N TYR C 180 84.64 -64.05 -10.46
CA TYR C 180 83.61 -65.06 -10.24
C TYR C 180 83.76 -66.23 -11.21
N ASP C 181 83.45 -67.43 -10.71
CA ASP C 181 83.58 -68.62 -11.53
C ASP C 181 82.56 -69.67 -11.10
N VAL C 182 82.39 -70.69 -11.94
CA VAL C 182 81.50 -71.81 -11.62
C VAL C 182 82.27 -73.03 -11.11
N GLY C 183 83.42 -72.80 -10.51
CA GLY C 183 84.22 -73.88 -9.98
C GLY C 183 85.31 -74.38 -10.89
N GLY C 184 85.37 -73.90 -12.11
CA GLY C 184 86.43 -74.25 -13.02
C GLY C 184 86.30 -73.38 -14.25
N GLY C 185 87.33 -73.39 -15.07
CA GLY C 185 87.31 -72.63 -16.30
C GLY C 185 87.75 -71.20 -16.11
N GLU C 186 87.05 -70.27 -16.76
CA GLU C 186 87.43 -68.87 -16.77
C GLU C 186 86.87 -68.14 -15.56
N ARG C 187 87.59 -67.11 -15.13
CA ARG C 187 87.18 -66.24 -14.03
C ARG C 187 86.74 -64.90 -14.58
N PHE C 188 85.54 -64.45 -14.16
CA PHE C 188 84.88 -63.28 -14.73
C PHE C 188 84.93 -62.08 -13.80
N ASP C 189 85.02 -60.91 -14.40
CA ASP C 189 84.99 -59.66 -13.66
C ASP C 189 83.60 -59.31 -13.14
N SER C 190 82.55 -59.91 -13.70
CA SER C 190 81.21 -59.65 -13.18
C SER C 190 80.28 -60.80 -13.55
N LEU C 191 79.23 -60.92 -12.72
CA LEU C 191 78.23 -61.94 -12.95
C LEU C 191 77.63 -61.84 -14.36
N THR C 192 77.42 -60.62 -14.84
CA THR C 192 76.85 -60.49 -16.17
C THR C 192 77.79 -61.11 -17.19
N ASP C 193 79.09 -60.84 -17.07
CA ASP C 193 80.05 -61.44 -18.00
C ASP C 193 79.97 -62.95 -17.90
N LEU C 194 79.95 -63.47 -16.69
CA LEU C 194 79.83 -64.91 -16.51
C LEU C 194 78.55 -65.43 -17.15
N VAL C 195 77.39 -64.82 -16.78
CA VAL C 195 76.11 -65.25 -17.32
C VAL C 195 76.14 -65.16 -18.83
N GLU C 196 76.63 -64.04 -19.35
CA GLU C 196 76.63 -63.85 -20.79
C GLU C 196 77.50 -64.90 -21.44
N HIS C 197 78.55 -65.33 -20.74
CA HIS C 197 79.44 -66.34 -21.31
C HIS C 197 78.78 -67.72 -21.36
N TYR C 198 77.96 -68.03 -20.38
CA TYR C 198 77.35 -69.35 -20.32
C TYR C 198 75.97 -69.38 -20.97
N LYS C 199 75.45 -68.23 -21.42
CA LYS C 199 74.27 -68.22 -22.29
C LYS C 199 74.65 -68.61 -23.72
N LYS C 200 75.80 -68.17 -24.19
CA LYS C 200 76.30 -68.62 -25.47
C LYS C 200 77.06 -69.92 -25.32
N ASN C 201 77.70 -70.15 -24.18
CA ASN C 201 78.49 -71.35 -23.92
C ASN C 201 77.91 -72.16 -22.75
N PRO C 202 76.85 -72.92 -23.00
CA PRO C 202 76.14 -73.54 -21.88
C PRO C 202 76.94 -74.67 -21.25
N MET C 203 76.82 -74.78 -19.93
CA MET C 203 77.38 -75.90 -19.21
C MET C 203 76.68 -77.19 -19.61
N VAL C 204 77.43 -78.30 -19.62
CA VAL C 204 76.84 -79.60 -19.93
C VAL C 204 77.18 -80.58 -18.82
N GLU C 205 76.15 -81.05 -18.12
CA GLU C 205 76.40 -81.96 -17.03
C GLU C 205 76.92 -83.29 -17.60
N THR C 206 77.21 -84.24 -16.71
CA THR C 206 77.88 -85.45 -17.16
C THR C 206 76.97 -86.34 -17.99
N LEU C 207 75.70 -86.38 -17.65
CA LEU C 207 74.76 -87.17 -18.41
C LEU C 207 74.53 -86.65 -19.80
N GLY C 208 74.82 -85.39 -20.02
CA GLY C 208 74.51 -84.73 -21.25
C GLY C 208 73.55 -83.56 -21.11
N THR C 209 72.87 -83.44 -19.98
CA THR C 209 71.88 -82.36 -19.82
C THR C 209 72.57 -81.00 -20.01
N VAL C 210 72.03 -80.19 -20.90
CA VAL C 210 72.63 -78.90 -21.22
C VAL C 210 71.87 -77.82 -20.45
N LEU C 211 72.61 -77.06 -19.64
CA LEU C 211 72.02 -76.05 -18.77
C LEU C 211 71.91 -74.77 -19.60
N GLN C 212 70.91 -74.76 -20.47
CA GLN C 212 70.74 -73.64 -21.38
C GLN C 212 70.13 -72.47 -20.62
N LEU C 213 70.70 -71.29 -20.78
CA LEU C 213 70.18 -70.04 -20.22
C LEU C 213 69.41 -69.35 -21.35
N LYS C 214 68.14 -69.74 -21.49
CA LYS C 214 67.34 -69.28 -22.61
C LYS C 214 66.57 -68.00 -22.30
N GLN C 215 65.98 -67.89 -21.10
CA GLN C 215 65.30 -66.61 -20.72
C GLN C 215 65.31 -66.43 -19.22
N PRO C 216 65.48 -65.22 -18.70
CA PRO C 216 65.42 -65.03 -17.25
C PRO C 216 64.02 -65.20 -16.73
N LEU C 217 63.89 -65.76 -15.54
CA LEU C 217 62.57 -66.04 -14.99
C LEU C 217 61.75 -64.76 -14.88
N ASN C 218 60.47 -64.87 -15.20
CA ASN C 218 59.56 -63.72 -15.15
C ASN C 218 58.93 -63.61 -13.77
N THR C 219 59.33 -62.60 -13.03
CA THR C 219 58.81 -62.35 -11.71
C THR C 219 57.93 -61.10 -11.66
N THR C 220 57.83 -60.36 -12.77
CA THR C 220 57.04 -59.13 -12.79
C THR C 220 55.59 -59.35 -13.23
N ARG C 221 55.30 -60.44 -13.96
CA ARG C 221 53.92 -60.81 -14.38
C ARG C 221 53.14 -61.26 -13.14
N ILE C 222 52.15 -60.48 -12.72
CA ILE C 222 51.35 -60.75 -11.50
C ILE C 222 49.90 -61.01 -11.89
N ASN C 223 49.10 -61.62 -11.03
CA ASN C 223 47.64 -61.74 -11.29
C ASN C 223 47.05 -60.35 -10.97
N ALA C 224 46.04 -59.91 -11.72
CA ALA C 224 45.45 -58.59 -11.49
C ALA C 224 45.07 -58.38 -10.04
N ALA C 225 44.50 -59.42 -9.40
CA ALA C 225 44.09 -59.31 -8.01
C ALA C 225 45.25 -59.09 -7.05
N GLU C 226 46.48 -59.34 -7.48
CA GLU C 226 47.65 -59.18 -6.61
C GLU C 226 48.27 -57.80 -6.67
N ILE C 227 47.77 -56.92 -7.54
CA ILE C 227 48.41 -55.63 -7.75
C ILE C 227 48.64 -54.94 -6.42
N GLU C 228 47.61 -54.92 -5.58
CA GLU C 228 47.69 -54.19 -4.32
C GLU C 228 48.84 -54.70 -3.49
N SER C 229 48.94 -56.02 -3.33
CA SER C 229 50.05 -56.60 -2.59
C SER C 229 51.39 -56.25 -3.22
N ARG C 230 51.52 -56.45 -4.54
CA ARG C 230 52.81 -56.18 -5.19
C ARG C 230 53.17 -54.70 -5.11
N VAL C 231 52.16 -53.81 -5.14
CA VAL C 231 52.44 -52.38 -5.05
C VAL C 231 53.01 -52.03 -3.69
N ARG C 232 52.49 -52.66 -2.63
CA ARG C 232 53.01 -52.42 -1.28
C ARG C 232 54.46 -52.90 -1.14
N GLU C 233 54.77 -54.08 -1.65
CA GLU C 233 56.15 -54.56 -1.61
C GLU C 233 57.11 -53.68 -2.40
N LEU C 234 56.64 -53.06 -3.49
CA LEU C 234 57.51 -52.18 -4.26
C LEU C 234 57.76 -50.84 -3.57
N SER C 235 56.97 -50.48 -2.59
CA SER C 235 57.13 -49.21 -1.89
C SER C 235 57.98 -49.33 -0.64
N LYS C 236 58.64 -50.45 -0.43
CA LYS C 236 59.54 -50.61 0.69
C LYS C 236 60.86 -50.94 0.03
N GLN C 246 64.14 -49.14 -2.63
CA GLN C 246 62.75 -49.12 -3.11
C GLN C 246 62.58 -50.17 -4.21
N GLY C 247 61.54 -51.00 -4.09
CA GLY C 247 61.26 -51.97 -5.12
C GLY C 247 61.04 -51.33 -6.48
N PHE C 248 60.29 -50.21 -6.51
CA PHE C 248 59.91 -49.55 -7.75
C PHE C 248 61.12 -49.03 -8.50
N TRP C 249 62.06 -48.40 -7.79
CA TRP C 249 63.34 -47.99 -8.38
C TRP C 249 64.03 -49.14 -9.10
N GLU C 250 64.21 -50.27 -8.42
CA GLU C 250 65.00 -51.35 -9.01
C GLU C 250 64.34 -51.89 -10.26
N GLU C 251 63.03 -52.13 -10.19
CA GLU C 251 62.35 -52.77 -11.30
C GLU C 251 62.33 -51.86 -12.52
N PHE C 252 62.12 -50.58 -12.31
CA PHE C 252 62.11 -49.63 -13.41
C PHE C 252 63.48 -49.56 -14.07
N GLU C 253 64.51 -49.30 -13.29
CA GLU C 253 65.84 -49.28 -13.89
C GLU C 253 66.20 -50.60 -14.49
N THR C 254 65.60 -51.70 -14.02
CA THR C 254 65.86 -52.96 -14.68
C THR C 254 65.16 -53.00 -16.03
N LEU C 255 64.03 -52.30 -16.15
CA LEU C 255 63.45 -52.19 -17.48
C LEU C 255 64.24 -51.21 -18.33
N GLN C 256 64.72 -50.14 -17.71
CA GLN C 256 65.52 -49.19 -18.45
C GLN C 256 66.74 -49.90 -19.06
N GLN C 257 67.31 -50.85 -18.32
CA GLN C 257 68.55 -51.41 -18.81
C GLN C 257 68.33 -52.16 -20.11
N GLN C 258 67.08 -52.46 -20.46
CA GLN C 258 66.76 -53.18 -21.69
C GLN C 258 66.52 -52.28 -22.90
N GLU C 259 66.55 -50.97 -22.73
CA GLU C 259 66.29 -50.09 -23.87
C GLU C 259 67.33 -50.28 -24.95
N CYS C 260 68.54 -50.78 -24.56
CA CYS C 260 69.64 -51.00 -25.49
C CYS C 260 69.26 -51.98 -26.59
N LYS C 261 68.19 -52.72 -26.40
CA LYS C 261 67.77 -53.64 -27.44
C LYS C 261 66.82 -53.02 -28.43
N LEU C 262 66.50 -51.74 -28.26
CA LEU C 262 65.47 -51.08 -29.06
C LEU C 262 66.03 -49.93 -29.90
N LEU C 263 67.26 -50.08 -30.38
CA LEU C 263 67.88 -49.00 -31.14
C LEU C 263 67.68 -49.24 -32.63
N TYR C 264 66.42 -49.22 -33.04
CA TYR C 264 66.03 -49.44 -34.42
C TYR C 264 66.21 -48.17 -35.24
N SER C 265 66.30 -48.36 -36.54
CA SER C 265 66.65 -47.21 -37.39
C SER C 265 65.51 -46.18 -37.37
N ARG C 266 65.89 -44.91 -37.46
CA ARG C 266 64.99 -43.77 -37.52
C ARG C 266 65.55 -42.79 -38.54
N LYS C 267 65.89 -43.34 -39.72
CA LYS C 267 66.56 -42.58 -40.76
C LYS C 267 65.64 -41.59 -41.48
N GLU C 268 64.42 -42.00 -41.82
CA GLU C 268 63.55 -41.08 -42.54
C GLU C 268 63.45 -39.75 -41.80
N GLY C 269 63.31 -39.80 -40.47
CA GLY C 269 63.23 -38.62 -39.62
C GLY C 269 64.48 -37.79 -39.58
N GLN C 270 65.53 -38.27 -40.24
CA GLN C 270 66.80 -37.57 -40.33
C GLN C 270 67.00 -36.94 -41.70
N ARG C 271 66.14 -37.29 -42.66
CA ARG C 271 66.32 -36.79 -44.01
C ARG C 271 66.11 -35.28 -44.04
N GLN C 272 66.92 -34.60 -44.84
CA GLN C 272 66.87 -33.15 -44.94
C GLN C 272 65.45 -32.58 -44.92
N GLU C 273 64.62 -33.01 -45.85
CA GLU C 273 63.27 -32.45 -45.96
C GLU C 273 62.42 -32.65 -44.71
N ASN C 274 62.84 -33.52 -43.79
CA ASN C 274 62.06 -33.88 -42.63
C ASN C 274 62.55 -33.26 -41.34
N LYS C 275 63.80 -32.85 -41.25
CA LYS C 275 64.30 -32.31 -39.98
C LYS C 275 63.37 -31.28 -39.35
N ASN C 276 62.78 -30.39 -40.14
CA ASN C 276 61.97 -29.35 -39.49
C ASN C 276 60.50 -29.74 -39.33
N LYS C 277 60.16 -30.97 -39.69
CA LYS C 277 58.89 -31.58 -39.34
C LYS C 277 58.94 -32.24 -37.97
N ASN C 278 59.99 -32.03 -37.20
CA ASN C 278 60.12 -32.61 -35.88
C ASN C 278 60.20 -31.53 -34.82
N ARG C 279 59.42 -31.69 -33.75
CA ARG C 279 59.49 -30.71 -32.69
C ARG C 279 60.80 -30.84 -31.94
N TYR C 280 61.37 -32.03 -31.92
CA TYR C 280 62.68 -32.25 -31.29
C TYR C 280 63.50 -33.05 -32.27
N LYS C 281 64.57 -32.44 -32.76
CA LYS C 281 65.30 -32.99 -33.90
C LYS C 281 65.81 -34.40 -33.65
N ASN C 282 66.02 -34.80 -32.40
CA ASN C 282 66.62 -36.11 -32.10
C ASN C 282 65.62 -37.11 -31.55
N ILE C 283 64.35 -36.75 -31.40
CA ILE C 283 63.32 -37.64 -30.93
C ILE C 283 62.53 -38.05 -32.19
N LEU C 284 62.73 -39.26 -32.68
CA LEU C 284 62.30 -39.62 -34.02
C LEU C 284 61.47 -40.90 -34.04
N PRO C 285 60.68 -41.09 -35.07
CA PRO C 285 59.95 -42.35 -35.24
C PRO C 285 60.74 -43.44 -35.92
N PHE C 286 60.56 -44.66 -35.40
CA PHE C 286 61.19 -45.82 -36.00
C PHE C 286 60.60 -45.96 -37.40
N ASP C 287 61.51 -46.24 -38.34
CA ASP C 287 61.13 -46.48 -39.73
C ASP C 287 60.14 -47.63 -39.84
N HIS C 288 60.27 -48.65 -39.00
CA HIS C 288 59.43 -49.80 -39.24
C HIS C 288 58.01 -49.61 -38.70
N THR C 289 57.76 -48.65 -37.83
CA THR C 289 56.38 -48.40 -37.33
C THR C 289 55.80 -47.01 -37.62
N ARG C 290 56.55 -46.17 -38.32
CA ARG C 290 56.10 -44.81 -38.58
C ARG C 290 54.87 -44.82 -39.47
N VAL C 291 54.04 -43.79 -39.33
CA VAL C 291 52.94 -43.59 -40.26
C VAL C 291 53.47 -42.97 -41.56
N VAL C 292 53.13 -43.60 -42.66
CA VAL C 292 53.50 -43.13 -43.97
C VAL C 292 52.28 -42.44 -44.57
N LEU C 293 52.40 -41.15 -44.84
CA LEU C 293 51.32 -40.40 -45.46
C LEU C 293 51.36 -40.65 -46.95
N HIS C 294 50.20 -40.96 -47.52
CA HIS C 294 50.02 -41.27 -48.94
C HIS C 294 49.20 -40.17 -49.62
N ASP C 295 49.24 -40.18 -50.95
CA ASP C 295 48.53 -39.21 -51.76
C ASP C 295 48.98 -37.77 -51.50
N GLY C 296 50.26 -37.61 -51.24
CA GLY C 296 50.78 -36.29 -50.94
C GLY C 296 51.02 -35.46 -52.19
N ASP C 297 50.98 -34.16 -52.02
CA ASP C 297 51.22 -33.20 -53.09
C ASP C 297 52.40 -33.65 -53.94
N PRO C 298 52.25 -33.65 -55.27
CA PRO C 298 53.41 -33.94 -56.13
C PRO C 298 54.47 -32.85 -56.13
N ASN C 299 54.11 -31.60 -55.84
CA ASN C 299 55.05 -30.50 -55.98
C ASN C 299 56.23 -30.64 -55.02
N GLU C 300 55.97 -31.07 -53.79
CA GLU C 300 57.07 -31.24 -52.83
C GLU C 300 57.61 -32.66 -52.85
N PRO C 301 58.93 -32.81 -52.93
CA PRO C 301 59.46 -34.17 -53.15
C PRO C 301 59.07 -35.13 -52.04
N VAL C 302 59.27 -34.75 -50.78
CA VAL C 302 58.98 -35.66 -49.67
C VAL C 302 57.70 -35.21 -49.00
N SER C 303 56.69 -36.06 -49.02
CA SER C 303 55.40 -35.70 -48.46
C SER C 303 54.82 -36.80 -47.60
N ASP C 304 55.61 -37.79 -47.22
CA ASP C 304 55.07 -38.96 -46.57
C ASP C 304 55.47 -39.08 -45.12
N TYR C 305 55.99 -38.02 -44.54
CA TYR C 305 56.57 -38.10 -43.21
C TYR C 305 55.74 -37.37 -42.17
N ILE C 306 55.66 -37.97 -40.98
CA ILE C 306 55.06 -37.32 -39.83
C ILE C 306 55.71 -37.93 -38.61
N ASN C 307 56.03 -37.11 -37.60
CA ASN C 307 56.60 -37.66 -36.36
C ASN C 307 55.48 -38.38 -35.59
N ALA C 308 55.16 -39.57 -36.10
CA ALA C 308 54.23 -40.47 -35.46
C ALA C 308 54.59 -41.93 -35.80
N ASN C 309 54.18 -42.84 -34.90
CA ASN C 309 54.22 -44.27 -35.17
C ASN C 309 52.94 -44.97 -34.73
N ILE C 310 52.62 -46.07 -35.41
CA ILE C 310 51.53 -46.92 -35.00
C ILE C 310 51.95 -47.66 -33.74
N ILE C 311 51.05 -47.73 -32.75
CA ILE C 311 51.27 -48.53 -31.55
C ILE C 311 50.27 -49.69 -31.56
N MET C 312 50.78 -50.88 -31.80
CA MET C 312 49.99 -52.10 -31.92
C MET C 312 50.32 -53.05 -30.78
N PRO C 313 49.44 -53.24 -29.78
CA PRO C 313 49.72 -54.27 -28.77
C PRO C 313 49.60 -55.68 -29.28
N LYS C 326 42.05 -52.59 -29.99
CA LYS C 326 42.32 -51.17 -30.18
C LYS C 326 43.79 -50.85 -30.42
N SER C 327 44.08 -50.08 -31.46
CA SER C 327 45.45 -49.62 -31.73
C SER C 327 45.56 -48.10 -31.53
N TYR C 328 46.79 -47.62 -31.53
CA TYR C 328 47.03 -46.21 -31.27
C TYR C 328 48.00 -45.62 -32.29
N ILE C 329 47.91 -44.31 -32.53
CA ILE C 329 49.02 -43.56 -33.12
C ILE C 329 49.60 -42.69 -32.01
N ALA C 330 50.89 -42.75 -31.82
CA ALA C 330 51.58 -41.95 -30.81
C ALA C 330 52.36 -40.87 -31.55
N THR C 331 52.09 -39.60 -31.23
CA THR C 331 52.66 -38.55 -32.06
C THR C 331 52.97 -37.33 -31.23
N GLN C 332 53.69 -36.41 -31.85
CA GLN C 332 54.13 -35.19 -31.17
C GLN C 332 53.11 -34.04 -31.38
N GLY C 333 53.19 -33.07 -30.48
CA GLY C 333 52.33 -31.90 -30.59
C GLY C 333 52.60 -31.15 -31.87
N CYS C 334 51.54 -30.86 -32.61
CA CYS C 334 51.70 -30.28 -33.92
C CYS C 334 52.61 -29.05 -33.89
N LEU C 335 53.37 -28.86 -34.96
CA LEU C 335 53.99 -27.58 -35.25
C LEU C 335 53.22 -26.82 -36.32
N GLN C 336 53.49 -25.51 -36.43
CA GLN C 336 52.81 -24.70 -37.44
C GLN C 336 52.89 -25.39 -38.79
N ASN C 337 54.08 -25.86 -39.16
CA ASN C 337 54.27 -26.41 -40.50
C ASN C 337 53.77 -27.84 -40.68
N THR C 338 53.46 -28.58 -39.62
CA THR C 338 52.94 -29.94 -39.77
C THR C 338 51.44 -30.07 -39.53
N VAL C 339 50.72 -28.97 -39.30
CA VAL C 339 49.30 -29.12 -39.02
C VAL C 339 48.60 -29.82 -40.18
N ASN C 340 48.84 -29.37 -41.41
CA ASN C 340 48.17 -30.02 -42.54
C ASN C 340 48.52 -31.51 -42.60
N ASP C 341 49.77 -31.85 -42.28
CA ASP C 341 50.19 -33.23 -42.31
C ASP C 341 49.48 -34.00 -41.20
N PHE C 342 49.36 -33.40 -40.03
CA PHE C 342 48.58 -34.02 -38.97
C PHE C 342 47.19 -34.45 -39.42
N TRP C 343 46.42 -33.53 -40.02
CA TRP C 343 45.05 -33.89 -40.44
C TRP C 343 45.06 -34.90 -41.60
N ARG C 344 46.08 -34.87 -42.46
CA ARG C 344 46.21 -35.90 -43.49
C ARG C 344 46.28 -37.27 -42.83
N MET C 345 46.97 -37.37 -41.68
CA MET C 345 47.09 -38.65 -40.97
C MET C 345 45.74 -39.10 -40.42
N VAL C 346 45.06 -38.16 -39.76
CA VAL C 346 43.82 -38.50 -39.13
C VAL C 346 42.85 -39.06 -40.15
N PHE C 347 42.77 -38.42 -41.30
CA PHE C 347 41.89 -38.85 -42.37
C PHE C 347 42.30 -40.23 -42.87
N GLN C 348 43.55 -40.38 -43.23
CA GLN C 348 43.99 -41.58 -43.91
C GLN C 348 43.75 -42.79 -43.05
N GLU C 349 44.06 -42.67 -41.77
CA GLU C 349 43.97 -43.79 -40.86
C GLU C 349 42.59 -43.98 -40.28
N ASN C 350 41.62 -43.18 -40.70
CA ASN C 350 40.26 -43.29 -40.20
C ASN C 350 40.18 -43.08 -38.70
N SER C 351 41.07 -42.31 -38.11
CA SER C 351 40.98 -42.02 -36.69
C SER C 351 39.69 -41.24 -36.41
N ARG C 352 38.99 -41.61 -35.35
CA ARG C 352 37.80 -40.93 -34.91
C ARG C 352 37.96 -40.33 -33.52
N VAL C 353 39.17 -40.43 -32.91
CA VAL C 353 39.38 -39.98 -31.54
C VAL C 353 40.81 -39.53 -31.38
N ILE C 354 40.97 -38.35 -30.92
CA ILE C 354 42.23 -37.76 -30.59
C ILE C 354 42.23 -37.54 -29.08
N VAL C 355 43.40 -37.70 -28.51
CA VAL C 355 43.65 -37.48 -27.10
C VAL C 355 44.84 -36.54 -27.01
N MET C 356 44.63 -35.37 -26.44
CA MET C 356 45.70 -34.41 -26.21
C MET C 356 45.91 -34.34 -24.69
N THR C 357 47.18 -34.36 -24.25
CA THR C 357 47.49 -34.58 -22.84
C THR C 357 48.42 -33.48 -22.37
N THR C 358 48.35 -32.35 -23.00
CA THR C 358 49.15 -31.19 -22.63
C THR C 358 48.31 -29.96 -22.91
N LYS C 359 48.62 -28.87 -22.23
CA LYS C 359 48.00 -27.62 -22.65
C LYS C 359 48.64 -27.18 -23.96
N GLU C 360 48.10 -26.11 -24.55
CA GLU C 360 48.78 -25.57 -25.70
C GLU C 360 50.11 -24.99 -25.25
N VAL C 361 50.11 -24.34 -24.08
CA VAL C 361 51.27 -23.67 -23.54
C VAL C 361 51.45 -24.16 -22.10
N GLU C 362 52.69 -24.48 -21.73
CA GLU C 362 53.01 -24.90 -20.34
C GLU C 362 54.31 -24.25 -19.87
N ARG C 363 54.27 -23.58 -18.72
CA ARG C 363 55.44 -22.88 -18.13
C ARG C 363 55.90 -21.82 -19.13
N GLY C 364 54.98 -21.14 -19.78
CA GLY C 364 55.30 -20.12 -20.79
C GLY C 364 55.95 -20.77 -22.00
N LYS C 365 55.94 -22.10 -22.08
CA LYS C 365 56.56 -22.85 -23.20
C LYS C 365 55.44 -23.38 -24.10
N SER C 366 55.58 -23.28 -25.42
CA SER C 366 54.61 -23.89 -26.33
C SER C 366 54.90 -25.40 -26.44
N LYS C 367 53.82 -26.18 -26.64
CA LYS C 367 53.91 -27.64 -26.72
C LYS C 367 53.14 -28.20 -27.92
N CYS C 368 52.08 -27.50 -28.32
CA CYS C 368 51.32 -27.96 -29.46
C CYS C 368 50.58 -26.76 -30.01
N VAL C 369 50.72 -26.52 -31.31
CA VAL C 369 49.95 -25.46 -31.95
C VAL C 369 48.47 -25.82 -31.95
N LYS C 370 47.64 -24.79 -31.88
CA LYS C 370 46.23 -24.95 -32.14
C LYS C 370 45.90 -25.43 -33.54
N TYR C 371 45.54 -26.71 -33.66
CA TYR C 371 45.25 -27.32 -34.95
C TYR C 371 43.77 -27.62 -35.18
N TRP C 372 42.88 -27.19 -34.26
CA TRP C 372 41.45 -27.27 -34.38
C TRP C 372 40.82 -25.87 -34.41
N PRO C 373 39.74 -25.73 -35.14
CA PRO C 373 39.07 -24.46 -35.19
C PRO C 373 38.45 -24.07 -33.86
N ASP C 374 38.19 -22.78 -33.72
CA ASP C 374 37.43 -22.32 -32.58
C ASP C 374 36.03 -22.90 -32.64
N GLU C 375 35.37 -22.94 -31.49
CA GLU C 375 34.00 -23.45 -31.44
C GLU C 375 33.10 -22.80 -32.49
N TYR C 376 32.36 -23.63 -33.21
CA TYR C 376 31.42 -23.30 -34.28
C TYR C 376 32.09 -22.84 -35.58
N ALA C 377 33.40 -22.62 -35.54
CA ALA C 377 34.12 -22.17 -36.70
C ALA C 377 34.43 -23.33 -37.65
N LEU C 378 34.77 -22.94 -38.88
CA LEU C 378 35.20 -23.85 -39.94
C LEU C 378 36.58 -23.40 -40.37
N LYS C 379 37.51 -24.35 -40.56
CA LYS C 379 38.86 -24.02 -41.05
C LYS C 379 39.30 -25.04 -42.11
N GLU C 380 40.10 -24.58 -43.08
CA GLU C 380 40.71 -25.39 -44.12
C GLU C 380 42.21 -25.52 -43.83
N TYR C 381 42.66 -26.74 -43.54
CA TYR C 381 44.08 -27.08 -43.35
C TYR C 381 44.51 -27.90 -44.56
N GLY C 382 45.15 -27.28 -45.54
CA GLY C 382 45.47 -28.03 -46.75
C GLY C 382 44.20 -28.56 -47.38
N VAL C 383 44.26 -29.80 -47.88
CA VAL C 383 43.10 -30.38 -48.56
C VAL C 383 42.04 -30.88 -47.58
N MET C 384 42.27 -30.70 -46.29
CA MET C 384 41.38 -31.18 -45.24
C MET C 384 40.59 -30.01 -44.66
N ARG C 385 39.30 -30.25 -44.47
CA ARG C 385 38.37 -29.28 -43.90
C ARG C 385 37.85 -29.77 -42.56
N VAL C 386 37.88 -28.89 -41.55
CA VAL C 386 37.56 -29.27 -40.19
C VAL C 386 36.62 -28.24 -39.61
N ARG C 387 35.48 -28.71 -39.08
CA ARG C 387 34.52 -27.88 -38.36
C ARG C 387 34.46 -28.32 -36.89
N ASN C 388 34.58 -27.34 -36.00
CA ASN C 388 34.38 -27.57 -34.58
C ASN C 388 32.89 -27.42 -34.30
N VAL C 389 32.20 -28.54 -34.07
CA VAL C 389 30.76 -28.45 -34.03
C VAL C 389 30.26 -28.05 -32.66
N LYS C 390 30.78 -28.63 -31.58
CA LYS C 390 30.47 -28.17 -30.24
C LYS C 390 31.66 -28.49 -29.36
N GLU C 391 31.75 -27.79 -28.23
CA GLU C 391 32.72 -28.08 -27.19
C GLU C 391 31.94 -28.32 -25.91
N SER C 392 32.28 -29.38 -25.20
CA SER C 392 31.78 -29.63 -23.86
C SER C 392 32.96 -29.64 -22.92
N ALA C 393 32.82 -29.00 -21.76
CA ALA C 393 33.94 -28.81 -20.84
C ALA C 393 33.65 -29.53 -19.55
N ALA C 394 34.49 -30.53 -19.23
CA ALA C 394 34.46 -31.12 -17.91
C ALA C 394 35.51 -30.46 -17.04
N HIS C 395 35.66 -30.90 -15.79
CA HIS C 395 36.67 -30.29 -14.95
C HIS C 395 38.08 -30.63 -15.44
N ASP C 396 38.31 -31.90 -15.75
CA ASP C 396 39.66 -32.34 -16.08
C ASP C 396 39.99 -32.22 -17.55
N TYR C 397 38.98 -32.08 -18.42
CA TYR C 397 39.21 -32.10 -19.85
C TYR C 397 38.10 -31.36 -20.61
N THR C 398 38.37 -31.07 -21.86
CA THR C 398 37.38 -30.60 -22.81
C THR C 398 37.17 -31.62 -23.92
N LEU C 399 35.92 -31.83 -24.30
CA LEU C 399 35.61 -32.55 -25.52
C LEU C 399 35.23 -31.59 -26.63
N ARG C 400 35.85 -31.74 -27.78
CA ARG C 400 35.46 -30.99 -28.96
C ARG C 400 35.00 -31.97 -30.03
N GLU C 401 33.79 -31.76 -30.54
CA GLU C 401 33.22 -32.56 -31.62
C GLU C 401 33.61 -31.91 -32.95
N LEU C 402 34.45 -32.61 -33.73
CA LEU C 402 35.06 -32.08 -34.94
C LEU C 402 34.56 -32.89 -36.12
N LYS C 403 34.08 -32.22 -37.15
CA LYS C 403 33.74 -32.91 -38.41
C LYS C 403 34.89 -32.74 -39.39
N LEU C 404 35.47 -33.86 -39.87
CA LEU C 404 36.63 -33.81 -40.77
C LEU C 404 36.22 -34.32 -42.15
N SER C 405 36.57 -33.55 -43.17
CA SER C 405 36.33 -33.92 -44.55
C SER C 405 37.48 -33.48 -45.45
N LYS C 406 37.45 -34.00 -46.66
CA LYS C 406 38.40 -33.61 -47.68
C LYS C 406 37.69 -32.59 -48.58
N VAL C 407 38.29 -31.42 -48.76
CA VAL C 407 37.65 -30.43 -49.62
C VAL C 407 37.31 -31.07 -50.96
N GLY C 408 36.11 -30.77 -51.45
CA GLY C 408 35.67 -31.17 -52.76
C GLY C 408 34.77 -32.39 -52.79
N GLN C 409 34.74 -33.18 -51.72
CA GLN C 409 34.04 -34.47 -51.74
C GLN C 409 33.32 -34.67 -50.41
N GLY C 410 32.05 -34.25 -50.37
CA GLY C 410 31.32 -34.19 -49.11
C GLY C 410 30.99 -35.53 -48.52
N ASN C 411 31.09 -36.60 -49.32
CA ASN C 411 30.81 -37.93 -48.83
C ASN C 411 31.86 -38.44 -47.87
N THR C 412 32.99 -37.74 -47.73
CA THR C 412 34.06 -38.28 -46.91
C THR C 412 33.98 -37.79 -45.46
N GLU C 413 32.91 -37.12 -45.05
CA GLU C 413 32.92 -36.56 -43.71
C GLU C 413 32.87 -37.69 -42.67
N ARG C 414 33.59 -37.50 -41.59
CA ARG C 414 33.41 -38.27 -40.38
C ARG C 414 33.61 -37.36 -39.18
N THR C 415 33.02 -37.76 -38.06
CA THR C 415 33.20 -37.01 -36.83
C THR C 415 34.45 -37.47 -36.14
N VAL C 416 35.17 -36.55 -35.55
CA VAL C 416 36.36 -36.88 -34.80
C VAL C 416 36.21 -36.24 -33.44
N TRP C 417 36.41 -37.01 -32.39
CA TRP C 417 36.18 -36.54 -31.04
C TRP C 417 37.52 -36.36 -30.36
N GLN C 418 37.80 -35.13 -29.95
CA GLN C 418 39.09 -34.74 -29.42
C GLN C 418 38.94 -34.52 -27.94
N TYR C 419 39.57 -35.38 -27.16
CA TYR C 419 39.58 -35.31 -25.70
C TYR C 419 40.85 -34.62 -25.22
N HIS C 420 40.69 -33.47 -24.65
CA HIS C 420 41.82 -32.57 -24.42
C HIS C 420 42.02 -32.50 -22.91
N PHE C 421 43.00 -33.26 -22.42
CA PHE C 421 43.22 -33.34 -20.98
C PHE C 421 44.09 -32.17 -20.54
N ARG C 422 43.53 -31.34 -19.67
CA ARG C 422 44.08 -30.06 -19.26
C ARG C 422 44.67 -30.03 -17.85
N THR C 423 44.47 -31.04 -17.05
CA THR C 423 44.89 -30.96 -15.66
C THR C 423 46.20 -31.70 -15.36
N TRP C 424 46.99 -32.06 -16.36
CA TRP C 424 48.26 -32.71 -16.01
C TRP C 424 49.14 -31.68 -15.29
N PRO C 425 49.79 -32.06 -14.20
CA PRO C 425 50.52 -31.06 -13.41
C PRO C 425 51.76 -30.59 -14.13
N ASP C 426 52.06 -29.30 -13.96
CA ASP C 426 53.27 -28.80 -14.61
C ASP C 426 54.46 -29.64 -14.19
N HIS C 427 54.43 -30.15 -12.96
CA HIS C 427 55.50 -30.95 -12.38
C HIS C 427 54.99 -32.33 -11.97
N GLY C 428 55.74 -33.35 -12.29
CA GLY C 428 55.45 -34.69 -11.81
C GLY C 428 54.29 -35.33 -12.56
N VAL C 429 53.55 -36.21 -11.87
CA VAL C 429 52.33 -36.81 -12.38
C VAL C 429 51.15 -36.45 -11.45
N PRO C 430 49.93 -36.76 -11.81
CA PRO C 430 48.84 -36.51 -10.87
C PRO C 430 49.04 -37.26 -9.56
N SER C 431 48.60 -36.61 -8.49
CA SER C 431 48.54 -37.23 -7.18
C SER C 431 47.47 -38.29 -7.08
N ASP C 432 46.50 -38.25 -7.95
CA ASP C 432 45.46 -39.25 -7.95
C ASP C 432 45.15 -39.65 -9.39
N PRO C 433 45.00 -40.95 -9.67
CA PRO C 433 44.71 -41.36 -11.04
C PRO C 433 43.24 -41.28 -11.41
N GLY C 434 42.35 -41.01 -10.44
CA GLY C 434 40.92 -41.01 -10.74
C GLY C 434 40.60 -40.21 -11.97
N GLY C 435 41.12 -38.98 -12.03
CA GLY C 435 40.82 -38.11 -13.17
C GLY C 435 41.28 -38.71 -14.48
N VAL C 436 42.51 -39.27 -14.50
CA VAL C 436 43.01 -39.92 -15.71
C VAL C 436 42.15 -41.12 -16.08
N LEU C 437 41.73 -41.88 -15.09
CA LEU C 437 41.06 -43.13 -15.40
C LEU C 437 39.66 -42.88 -15.96
N ASP C 438 38.89 -41.96 -15.35
CA ASP C 438 37.56 -41.65 -15.88
C ASP C 438 37.65 -41.01 -17.28
N PHE C 439 38.70 -40.22 -17.50
CA PHE C 439 39.02 -39.73 -18.85
C PHE C 439 39.11 -40.88 -19.85
N LEU C 440 40.07 -41.79 -19.61
CA LEU C 440 40.33 -42.87 -20.56
C LEU C 440 39.13 -43.78 -20.68
N GLU C 441 38.38 -43.96 -19.60
CA GLU C 441 37.16 -44.75 -19.67
C GLU C 441 36.15 -44.09 -20.60
N GLU C 442 36.02 -42.77 -20.53
CA GLU C 442 35.18 -42.07 -21.49
C GLU C 442 35.72 -42.28 -22.90
N VAL C 443 37.03 -42.11 -23.07
CA VAL C 443 37.65 -42.25 -24.40
C VAL C 443 37.36 -43.62 -24.98
N HIS C 444 37.45 -44.64 -24.17
CA HIS C 444 37.31 -45.98 -24.69
C HIS C 444 35.90 -46.22 -25.21
N HIS C 445 34.90 -45.80 -24.45
CA HIS C 445 33.53 -46.07 -24.86
C HIS C 445 33.19 -45.29 -26.11
N LYS C 446 33.64 -44.04 -26.18
CA LYS C 446 33.57 -43.35 -27.47
C LYS C 446 34.15 -44.21 -28.59
N GLN C 447 35.40 -44.68 -28.43
CA GLN C 447 36.02 -45.45 -29.53
C GLN C 447 35.19 -46.67 -29.86
N GLU C 448 34.74 -47.41 -28.80
CA GLU C 448 33.95 -48.61 -29.01
C GLU C 448 32.60 -48.31 -29.61
N SER C 449 32.11 -47.08 -29.50
CA SER C 449 30.79 -46.72 -30.02
C SER C 449 30.80 -46.43 -31.52
N ILE C 450 31.96 -46.22 -32.13
CA ILE C 450 32.00 -45.83 -33.53
C ILE C 450 32.38 -47.07 -34.33
N MET C 451 31.60 -47.37 -35.37
CA MET C 451 31.93 -48.51 -36.21
C MET C 451 33.23 -48.26 -36.99
N ASP C 452 34.13 -49.24 -36.92
CA ASP C 452 35.35 -49.28 -37.71
C ASP C 452 36.26 -48.08 -37.48
N ALA C 453 36.21 -47.51 -36.29
CA ALA C 453 37.16 -46.48 -35.93
C ALA C 453 38.59 -47.01 -36.15
N GLY C 454 39.44 -46.12 -36.57
CA GLY C 454 40.82 -46.44 -36.69
C GLY C 454 41.56 -46.24 -35.40
N PRO C 455 42.90 -46.26 -35.53
CA PRO C 455 43.76 -45.98 -34.37
C PRO C 455 43.32 -44.74 -33.65
N VAL C 456 43.45 -44.79 -32.33
CA VAL C 456 43.16 -43.64 -31.49
C VAL C 456 44.43 -42.82 -31.44
N VAL C 457 44.36 -41.58 -31.90
CA VAL C 457 45.50 -40.67 -31.88
C VAL C 457 45.74 -40.13 -30.47
N VAL C 458 46.98 -40.34 -29.97
CA VAL C 458 47.41 -39.82 -28.68
C VAL C 458 48.62 -38.91 -28.87
N HIS C 459 48.59 -37.71 -28.27
CA HIS C 459 49.78 -36.87 -28.41
C HIS C 459 49.94 -35.96 -27.20
N CYS C 460 51.16 -35.57 -26.94
CA CYS C 460 51.51 -34.65 -25.84
C CYS C 460 52.46 -33.66 -26.52
N SER C 461 53.67 -33.45 -26.00
CA SER C 461 54.65 -32.57 -26.67
C SER C 461 55.56 -33.34 -27.62
N ALA C 462 56.50 -34.06 -27.08
CA ALA C 462 57.39 -34.88 -27.90
C ALA C 462 56.76 -36.23 -28.17
N GLY C 463 55.72 -36.57 -27.41
CA GLY C 463 54.94 -37.72 -27.70
C GLY C 463 55.51 -39.01 -27.20
N ILE C 464 56.29 -38.96 -26.10
CA ILE C 464 56.90 -40.15 -25.53
C ILE C 464 56.56 -40.33 -24.06
N GLY C 465 56.55 -39.27 -23.30
CA GLY C 465 56.42 -39.39 -21.87
C GLY C 465 54.97 -39.55 -21.43
N ARG C 466 54.27 -38.42 -21.52
CA ARG C 466 52.88 -38.42 -21.13
C ARG C 466 52.07 -39.30 -22.07
N THR C 467 52.32 -39.17 -23.38
CA THR C 467 51.62 -39.95 -24.39
C THR C 467 51.74 -41.44 -24.14
N GLY C 468 52.88 -41.88 -23.56
CA GLY C 468 53.21 -43.27 -23.43
C GLY C 468 52.59 -43.75 -22.16
N THR C 469 52.54 -42.83 -21.20
CA THR C 469 51.88 -43.17 -19.95
C THR C 469 50.40 -43.42 -20.17
N PHE C 470 49.78 -42.66 -21.07
CA PHE C 470 48.34 -42.80 -21.33
C PHE C 470 48.04 -44.09 -22.07
N ILE C 471 48.68 -44.30 -23.23
CA ILE C 471 48.46 -45.52 -23.98
C ILE C 471 48.65 -46.76 -23.11
N VAL C 472 49.67 -46.76 -22.25
CA VAL C 472 49.96 -48.00 -21.53
C VAL C 472 48.87 -48.26 -20.51
N ILE C 473 48.58 -47.26 -19.68
CA ILE C 473 47.43 -47.35 -18.78
C ILE C 473 46.23 -47.84 -19.56
N ASP C 474 46.04 -47.30 -20.78
CA ASP C 474 44.87 -47.71 -21.55
C ASP C 474 44.96 -49.18 -21.96
N ILE C 475 46.16 -49.64 -22.29
CA ILE C 475 46.30 -51.04 -22.68
C ILE C 475 46.02 -51.95 -21.50
N LEU C 476 46.52 -51.58 -20.32
CA LEU C 476 46.44 -52.44 -19.15
C LEU C 476 45.00 -52.56 -18.65
N ILE C 477 44.29 -51.43 -18.55
CA ILE C 477 42.92 -51.51 -18.10
C ILE C 477 42.07 -52.17 -19.18
N ASP C 478 42.41 -51.95 -20.47
CA ASP C 478 41.76 -52.66 -21.54
C ASP C 478 41.68 -54.14 -21.20
N ILE C 479 42.80 -54.72 -20.75
CA ILE C 479 42.78 -56.12 -20.36
C ILE C 479 41.80 -56.34 -19.20
N ILE C 480 41.99 -55.59 -18.11
CA ILE C 480 41.22 -55.81 -16.89
C ILE C 480 39.73 -55.55 -17.12
N ARG C 481 39.37 -54.67 -18.08
CA ARG C 481 37.98 -54.37 -18.37
C ARG C 481 37.27 -55.57 -19.00
N GLU C 482 37.98 -56.34 -19.82
CA GLU C 482 37.35 -57.53 -20.39
C GLU C 482 37.40 -58.72 -19.43
N LYS C 483 38.55 -58.99 -18.82
CA LYS C 483 38.73 -60.15 -17.96
C LYS C 483 38.54 -59.83 -16.49
N GLY C 484 38.30 -58.58 -16.15
CA GLY C 484 38.20 -58.31 -14.73
C GLY C 484 39.45 -58.75 -14.00
N VAL C 485 39.27 -59.10 -12.74
CA VAL C 485 40.37 -59.56 -11.88
C VAL C 485 41.08 -60.78 -12.45
N ASP C 486 40.42 -61.53 -13.34
CA ASP C 486 40.97 -62.81 -13.76
C ASP C 486 41.94 -62.62 -14.93
N CYS C 487 43.06 -61.98 -14.65
CA CYS C 487 44.01 -61.74 -15.71
C CYS C 487 45.39 -61.44 -15.14
N ASP C 488 46.39 -61.72 -15.94
CA ASP C 488 47.75 -61.38 -15.58
C ASP C 488 48.11 -60.03 -16.15
N ILE C 489 48.90 -59.31 -15.40
CA ILE C 489 49.40 -58.03 -15.84
C ILE C 489 50.91 -58.05 -15.68
N ASP C 490 51.60 -57.41 -16.63
CA ASP C 490 53.06 -57.40 -16.65
C ASP C 490 53.41 -56.01 -17.15
N VAL C 491 53.60 -55.09 -16.24
CA VAL C 491 53.74 -53.68 -16.61
C VAL C 491 55.07 -53.48 -17.34
N PRO C 492 56.19 -53.97 -16.82
CA PRO C 492 57.44 -53.84 -17.61
C PRO C 492 57.28 -54.38 -19.02
N LYS C 493 56.67 -55.57 -19.15
CA LYS C 493 56.55 -56.21 -20.45
C LYS C 493 55.81 -55.29 -21.40
N THR C 494 54.70 -54.73 -20.93
CA THR C 494 53.87 -53.91 -21.78
C THR C 494 54.60 -52.66 -22.19
N ILE C 495 55.32 -52.06 -21.28
CA ILE C 495 56.08 -50.87 -21.63
C ILE C 495 57.10 -51.17 -22.71
N GLN C 496 57.81 -52.30 -22.60
CA GLN C 496 58.85 -52.66 -23.55
C GLN C 496 58.28 -52.95 -24.90
N MET C 497 57.11 -53.60 -24.96
CA MET C 497 56.47 -53.83 -26.26
C MET C 497 56.15 -52.52 -26.97
N VAL C 498 55.63 -51.54 -26.22
CA VAL C 498 55.34 -50.22 -26.78
C VAL C 498 56.62 -49.43 -27.10
N ARG C 499 57.66 -49.56 -26.26
CA ARG C 499 58.93 -48.89 -26.52
C ARG C 499 59.59 -49.41 -27.78
N SER C 500 59.36 -50.70 -28.09
CA SER C 500 59.79 -51.26 -29.36
C SER C 500 59.08 -50.60 -30.56
N GLN C 501 57.97 -49.92 -30.31
CA GLN C 501 57.23 -49.26 -31.39
C GLN C 501 57.42 -47.75 -31.42
N ARG C 502 57.76 -47.12 -30.29
CA ARG C 502 58.19 -45.73 -30.29
C ARG C 502 59.23 -45.47 -29.21
N SER C 503 60.24 -44.72 -29.61
CA SER C 503 61.36 -44.47 -28.72
C SER C 503 60.90 -43.96 -27.37
N GLY C 504 61.45 -44.50 -26.29
CA GLY C 504 61.29 -43.89 -24.99
C GLY C 504 59.85 -43.77 -24.52
N MET C 505 59.00 -44.72 -24.88
CA MET C 505 57.58 -44.54 -24.65
C MET C 505 57.16 -44.37 -23.18
N VAL C 506 57.85 -44.83 -22.16
CA VAL C 506 57.47 -44.25 -20.87
C VAL C 506 58.71 -43.53 -20.35
N GLN C 507 58.56 -42.31 -19.81
CA GLN C 507 59.78 -41.53 -19.63
C GLN C 507 60.42 -41.64 -18.25
N THR C 508 59.64 -41.68 -17.17
CA THR C 508 60.23 -41.45 -15.86
C THR C 508 59.76 -42.51 -14.89
N GLU C 509 60.42 -42.56 -13.73
CA GLU C 509 59.98 -43.47 -12.68
C GLU C 509 58.65 -43.04 -12.08
N ALA C 510 58.52 -41.76 -11.78
CA ALA C 510 57.22 -41.26 -11.29
C ALA C 510 56.08 -41.71 -12.20
N GLN C 511 56.24 -41.52 -13.51
CA GLN C 511 55.25 -42.04 -14.44
C GLN C 511 55.05 -43.54 -14.25
N TYR C 512 56.17 -44.30 -14.21
CA TYR C 512 56.09 -45.75 -14.02
C TYR C 512 55.23 -46.13 -12.82
N ARG C 513 55.47 -45.49 -11.67
CA ARG C 513 54.63 -45.85 -10.53
C ARG C 513 53.19 -45.34 -10.70
N PHE C 514 52.99 -44.20 -11.36
CA PHE C 514 51.64 -43.72 -11.65
C PHE C 514 50.88 -44.73 -12.51
N ILE C 515 51.56 -45.46 -13.40
CA ILE C 515 50.90 -46.54 -14.12
C ILE C 515 50.44 -47.62 -13.13
N TYR C 516 51.35 -48.00 -12.24
CA TYR C 516 50.97 -48.96 -11.21
C TYR C 516 49.82 -48.43 -10.37
N MET C 517 49.96 -47.19 -9.85
CA MET C 517 48.87 -46.64 -9.04
C MET C 517 47.58 -46.64 -9.84
N ALA C 518 47.65 -46.15 -11.07
CA ALA C 518 46.49 -46.12 -11.95
C ALA C 518 45.82 -47.50 -12.03
N VAL C 519 46.58 -48.52 -12.39
CA VAL C 519 46.04 -49.86 -12.55
C VAL C 519 45.47 -50.39 -11.23
N GLN C 520 46.13 -50.06 -10.13
CA GLN C 520 45.60 -50.43 -8.83
C GLN C 520 44.24 -49.78 -8.62
N HIS C 521 44.17 -48.45 -8.80
CA HIS C 521 42.91 -47.74 -8.64
C HIS C 521 41.80 -48.38 -9.45
N TYR C 522 42.10 -48.77 -10.69
CA TYR C 522 41.05 -49.28 -11.55
C TYR C 522 40.53 -50.61 -11.03
N ILE C 523 41.41 -51.44 -10.45
CA ILE C 523 40.99 -52.71 -9.89
C ILE C 523 40.12 -52.50 -8.66
N GLU C 524 40.57 -51.66 -7.74
CA GLU C 524 39.78 -51.35 -6.56
C GLU C 524 38.35 -50.96 -6.89
N THR C 525 38.11 -50.38 -8.05
CA THR C 525 36.78 -49.89 -8.41
C THR C 525 35.90 -50.99 -8.98
N LEU C 526 36.43 -52.16 -9.23
CA LEU C 526 35.61 -53.27 -9.67
C LEU C 526 34.61 -53.68 -8.58
N SER D 4 5.45 -14.12 2.50
CA SER D 4 4.45 -14.94 3.18
C SER D 4 4.42 -16.38 2.67
N ARG D 5 4.90 -16.59 1.47
CA ARG D 5 5.04 -17.89 0.83
C ARG D 5 3.71 -18.56 0.51
N ARG D 6 2.65 -17.79 0.39
CA ARG D 6 1.37 -18.39 0.02
C ARG D 6 1.38 -18.87 -1.43
N TRP D 7 2.36 -18.40 -2.24
CA TRP D 7 2.49 -18.76 -3.64
C TRP D 7 2.89 -20.22 -3.85
N PHE D 8 3.02 -21.01 -2.78
CA PHE D 8 3.29 -22.45 -2.87
C PHE D 8 2.03 -23.20 -2.48
N HIS D 9 1.62 -24.13 -3.34
CA HIS D 9 0.44 -24.96 -3.14
C HIS D 9 0.86 -26.43 -3.12
N PRO D 10 0.65 -27.20 -2.03
CA PRO D 10 1.37 -28.45 -1.90
C PRO D 10 0.73 -29.59 -2.66
N ASN D 11 -0.58 -29.46 -2.96
CA ASN D 11 -1.37 -30.54 -3.47
C ASN D 11 -2.19 -30.08 -4.67
N ILE D 12 -1.50 -29.65 -5.72
CA ILE D 12 -2.13 -29.32 -6.99
C ILE D 12 -1.38 -30.06 -8.09
N THR D 13 -2.11 -30.68 -9.00
CA THR D 13 -1.57 -31.15 -10.26
C THR D 13 -1.29 -29.97 -11.20
N GLY D 14 -0.51 -30.25 -12.25
CA GLY D 14 -0.24 -29.22 -13.25
C GLY D 14 -1.50 -28.56 -13.76
N VAL D 15 -2.46 -29.37 -14.21
CA VAL D 15 -3.71 -28.82 -14.71
C VAL D 15 -4.37 -27.95 -13.64
N GLU D 16 -4.55 -28.50 -12.45
CA GLU D 16 -5.09 -27.70 -11.35
C GLU D 16 -4.40 -26.34 -11.30
N ALA D 17 -3.08 -26.32 -11.52
CA ALA D 17 -2.39 -25.05 -11.46
C ALA D 17 -2.72 -24.18 -12.68
N GLU D 18 -2.80 -24.79 -13.86
CA GLU D 18 -2.93 -23.97 -15.06
C GLU D 18 -4.24 -23.20 -15.06
N ASN D 19 -5.34 -23.89 -14.80
CA ASN D 19 -6.64 -23.23 -14.82
C ASN D 19 -6.72 -22.20 -13.71
N LEU D 20 -6.11 -22.48 -12.54
CA LEU D 20 -6.14 -21.53 -11.44
C LEU D 20 -5.53 -20.20 -11.86
N LEU D 21 -4.43 -20.26 -12.59
CA LEU D 21 -3.87 -19.04 -13.16
C LEU D 21 -4.79 -18.48 -14.23
N LEU D 22 -5.38 -19.34 -15.04
CA LEU D 22 -6.17 -18.89 -16.18
C LEU D 22 -7.49 -18.27 -15.74
N THR D 23 -7.99 -18.63 -14.56
CA THR D 23 -9.30 -18.17 -14.09
C THR D 23 -9.18 -17.08 -13.03
N ARG D 24 -8.40 -17.31 -11.97
CA ARG D 24 -8.30 -16.40 -10.84
C ARG D 24 -7.07 -15.51 -10.92
N GLY D 25 -6.35 -15.55 -12.05
CA GLY D 25 -5.10 -14.81 -12.19
C GLY D 25 -5.07 -13.97 -13.45
N VAL D 26 -4.07 -13.09 -13.50
CA VAL D 26 -3.83 -12.17 -14.60
C VAL D 26 -2.37 -12.35 -15.03
N ASP D 27 -1.97 -11.66 -16.09
CA ASP D 27 -0.60 -11.74 -16.56
C ASP D 27 0.38 -11.24 -15.52
N GLY D 28 1.42 -12.02 -15.25
CA GLY D 28 2.35 -11.74 -14.17
C GLY D 28 2.08 -12.52 -12.90
N SER D 29 0.99 -13.28 -12.85
CA SER D 29 0.67 -14.07 -11.68
C SER D 29 1.47 -15.37 -11.70
N PHE D 30 1.79 -15.89 -10.54
CA PHE D 30 2.63 -17.07 -10.56
C PHE D 30 2.42 -17.91 -9.32
N LEU D 31 2.92 -19.13 -9.40
CA LEU D 31 2.89 -20.03 -8.24
C LEU D 31 3.96 -21.09 -8.46
N ALA D 32 4.28 -21.76 -7.37
CA ALA D 32 5.15 -22.91 -7.46
C ALA D 32 4.39 -24.14 -6.96
N ARG D 33 4.82 -25.32 -7.42
CA ARG D 33 4.16 -26.55 -7.02
C ARG D 33 5.15 -27.71 -7.01
N PRO D 34 4.95 -28.69 -6.11
CA PRO D 34 5.73 -29.93 -6.19
C PRO D 34 5.44 -30.68 -7.48
N SER D 35 6.49 -31.25 -8.06
CA SER D 35 6.35 -32.00 -9.30
C SER D 35 6.12 -33.45 -8.97
N LYS D 36 5.16 -34.07 -9.66
CA LYS D 36 4.92 -35.51 -9.57
C LYS D 36 5.63 -36.30 -10.67
N SER D 37 6.02 -35.65 -11.77
CA SER D 37 6.87 -36.31 -12.76
C SER D 37 8.25 -36.59 -12.17
N ASN D 38 8.71 -35.75 -11.24
CA ASN D 38 10.05 -35.85 -10.65
C ASN D 38 9.96 -35.64 -9.15
N PRO D 39 9.99 -36.70 -8.35
CA PRO D 39 10.00 -36.52 -6.88
C PRO D 39 11.28 -35.82 -6.43
N GLY D 40 11.10 -34.71 -5.72
CA GLY D 40 12.21 -33.85 -5.37
C GLY D 40 12.34 -32.62 -6.26
N ASP D 41 11.65 -32.57 -7.39
CA ASP D 41 11.59 -31.41 -8.25
C ASP D 41 10.36 -30.57 -7.92
N PHE D 42 10.33 -29.37 -8.49
CA PHE D 42 9.23 -28.42 -8.32
C PHE D 42 8.99 -27.71 -9.65
N THR D 43 7.87 -27.00 -9.75
CA THR D 43 7.50 -26.30 -10.99
C THR D 43 7.02 -24.90 -10.66
N LEU D 44 7.66 -23.90 -11.27
CA LEU D 44 7.19 -22.52 -11.17
C LEU D 44 6.25 -22.21 -12.32
N SER D 45 4.97 -22.00 -12.03
CA SER D 45 3.98 -21.76 -13.07
C SER D 45 3.65 -20.27 -13.17
N VAL D 46 3.79 -19.71 -14.37
CA VAL D 46 3.65 -18.28 -14.58
C VAL D 46 2.74 -18.00 -15.79
N ARG D 47 1.91 -16.97 -15.66
CA ARG D 47 1.00 -16.58 -16.73
C ARG D 47 1.68 -15.51 -17.59
N ARG D 48 1.61 -15.67 -18.90
CA ARG D 48 2.15 -14.63 -19.76
C ARG D 48 1.33 -14.61 -21.05
N ASN D 49 1.02 -13.40 -21.52
CA ASN D 49 0.33 -13.23 -22.79
C ASN D 49 -0.99 -13.98 -22.81
N GLY D 50 -1.59 -14.16 -21.63
CA GLY D 50 -2.80 -14.93 -21.48
C GLY D 50 -2.59 -16.42 -21.53
N ALA D 51 -1.34 -16.87 -21.42
CA ALA D 51 -0.99 -18.27 -21.45
C ALA D 51 -0.06 -18.60 -20.28
N VAL D 52 0.01 -19.89 -19.97
CA VAL D 52 0.75 -20.39 -18.82
C VAL D 52 2.03 -21.03 -19.35
N THR D 53 3.17 -20.59 -18.81
CA THR D 53 4.46 -21.22 -19.03
C THR D 53 4.89 -21.91 -17.74
N HIS D 54 5.44 -23.11 -17.87
CA HIS D 54 5.83 -23.92 -16.72
C HIS D 54 7.35 -23.98 -16.68
N ILE D 55 7.93 -23.57 -15.55
CA ILE D 55 9.37 -23.52 -15.35
C ILE D 55 9.76 -24.62 -14.37
N LYS D 56 10.64 -25.52 -14.81
CA LYS D 56 11.06 -26.63 -13.97
C LYS D 56 12.17 -26.21 -13.00
N ILE D 57 12.08 -26.70 -11.75
CA ILE D 57 13.10 -26.54 -10.74
C ILE D 57 13.50 -27.93 -10.26
N GLN D 58 14.80 -28.24 -10.31
CA GLN D 58 15.37 -29.47 -9.80
C GLN D 58 16.23 -29.19 -8.57
N ASN D 59 16.16 -30.07 -7.58
CA ASN D 59 17.05 -30.00 -6.41
C ASN D 59 17.42 -31.42 -6.05
N THR D 60 18.70 -31.80 -6.31
CA THR D 60 19.19 -33.14 -6.01
C THR D 60 19.74 -33.29 -4.61
N GLY D 61 20.05 -32.18 -3.93
CA GLY D 61 20.51 -32.22 -2.56
C GLY D 61 21.39 -31.03 -2.30
N ASP D 62 21.75 -30.33 -3.36
CA ASP D 62 22.75 -29.29 -3.29
C ASP D 62 22.19 -27.89 -3.44
N TYR D 63 21.12 -27.70 -4.21
CA TYR D 63 20.50 -26.40 -4.38
C TYR D 63 19.31 -26.53 -5.32
N TYR D 64 18.47 -25.51 -5.30
CA TYR D 64 17.37 -25.44 -6.25
C TYR D 64 17.90 -24.93 -7.59
N ASP D 65 17.75 -25.71 -8.65
CA ASP D 65 18.28 -25.34 -9.96
C ASP D 65 17.11 -24.98 -10.86
N LEU D 66 16.93 -23.67 -11.09
CA LEU D 66 15.85 -23.18 -11.92
C LEU D 66 16.31 -23.17 -13.37
N TYR D 67 15.58 -23.85 -14.24
CA TYR D 67 16.03 -23.98 -15.60
C TYR D 67 15.93 -22.65 -16.33
N GLY D 68 16.95 -22.30 -17.07
CA GLY D 68 16.94 -20.99 -17.69
C GLY D 68 17.07 -19.89 -16.68
N GLY D 69 17.57 -20.21 -15.49
CA GLY D 69 17.73 -19.23 -14.46
C GLY D 69 19.01 -19.45 -13.71
N GLU D 70 18.95 -19.30 -12.40
CA GLU D 70 20.11 -19.42 -11.54
C GLU D 70 19.84 -20.51 -10.50
N LYS D 71 20.83 -20.75 -9.66
CA LYS D 71 20.71 -21.66 -8.54
C LYS D 71 20.49 -20.86 -7.26
N PHE D 72 19.64 -21.37 -6.36
CA PHE D 72 19.22 -20.64 -5.18
C PHE D 72 19.16 -21.53 -3.93
N ALA D 73 19.10 -20.87 -2.78
CA ALA D 73 19.15 -21.56 -1.52
C ALA D 73 17.80 -22.03 -1.02
N THR D 74 16.74 -21.31 -1.38
CA THR D 74 15.38 -21.67 -1.04
C THR D 74 14.45 -21.14 -2.12
N LEU D 75 13.26 -21.72 -2.21
CA LEU D 75 12.32 -21.18 -3.19
C LEU D 75 11.94 -19.76 -2.84
N ALA D 76 11.93 -19.41 -1.56
CA ALA D 76 11.59 -18.05 -1.18
C ALA D 76 12.65 -17.08 -1.70
N GLU D 77 13.92 -17.41 -1.50
CA GLU D 77 14.99 -16.55 -1.98
C GLU D 77 14.96 -16.45 -3.49
N LEU D 78 14.64 -17.57 -4.15
CA LEU D 78 14.35 -17.55 -5.59
C LEU D 78 13.30 -16.51 -5.92
N VAL D 79 12.08 -16.68 -5.38
CA VAL D 79 10.99 -15.77 -5.72
C VAL D 79 11.37 -14.35 -5.36
N GLN D 80 11.89 -14.15 -4.15
CA GLN D 80 12.37 -12.84 -3.77
C GLN D 80 13.29 -12.28 -4.85
N TYR D 81 14.22 -13.09 -5.32
CA TYR D 81 15.21 -12.62 -6.27
C TYR D 81 14.59 -12.13 -7.56
N TYR D 82 13.69 -12.92 -8.14
CA TYR D 82 13.13 -12.57 -9.45
C TYR D 82 12.05 -11.50 -9.35
N MET D 83 11.31 -11.43 -8.25
CA MET D 83 10.37 -10.35 -8.08
C MET D 83 11.05 -8.99 -7.92
N GLU D 84 12.37 -8.97 -7.70
CA GLU D 84 13.09 -7.72 -7.51
C GLU D 84 14.30 -7.58 -8.43
N HIS D 85 14.50 -8.49 -9.39
CA HIS D 85 15.78 -8.65 -10.08
C HIS D 85 15.46 -9.21 -11.46
N HIS D 86 16.46 -9.70 -12.16
CA HIS D 86 16.36 -9.98 -13.58
C HIS D 86 16.60 -11.44 -13.92
N GLY D 87 16.28 -11.76 -15.17
CA GLY D 87 16.46 -13.10 -15.68
C GLY D 87 15.18 -13.90 -15.78
N GLN D 88 14.75 -14.18 -17.01
CA GLN D 88 13.62 -15.08 -17.23
C GLN D 88 13.70 -15.70 -18.63
N LEU D 89 13.80 -17.02 -18.67
CA LEU D 89 13.98 -17.73 -19.93
C LEU D 89 12.86 -17.34 -20.88
N ASP D 95 12.16 -12.74 -24.87
CA ASP D 95 10.87 -12.99 -24.22
C ASP D 95 11.08 -13.15 -22.71
N VAL D 96 10.74 -12.10 -21.96
CA VAL D 96 10.92 -12.08 -20.51
C VAL D 96 9.68 -12.60 -19.82
N ILE D 97 9.89 -13.31 -18.72
CA ILE D 97 8.83 -13.86 -17.90
C ILE D 97 8.83 -13.06 -16.61
N GLU D 98 7.75 -12.32 -16.36
CA GLU D 98 7.66 -11.40 -15.24
C GLU D 98 6.83 -12.04 -14.12
N LEU D 99 7.40 -12.04 -12.91
CA LEU D 99 6.70 -12.53 -11.73
C LEU D 99 6.16 -11.32 -10.97
N LYS D 100 4.85 -11.07 -11.10
CA LYS D 100 4.23 -9.89 -10.53
C LYS D 100 3.35 -10.24 -9.34
N TYR D 101 2.37 -11.13 -9.54
CA TYR D 101 1.33 -11.35 -8.54
C TYR D 101 1.29 -12.76 -8.04
N PRO D 102 1.70 -13.01 -6.80
CA PRO D 102 1.53 -14.36 -6.24
C PRO D 102 0.07 -14.77 -6.23
N LEU D 103 -0.20 -15.95 -6.79
CA LEU D 103 -1.50 -16.60 -6.71
C LEU D 103 -1.53 -17.43 -5.43
N ASN D 104 -2.21 -16.90 -4.41
CA ASN D 104 -2.09 -17.45 -3.07
C ASN D 104 -2.91 -18.70 -2.83
N CYS D 105 -2.38 -19.56 -1.97
CA CYS D 105 -2.92 -20.88 -1.76
C CYS D 105 -3.79 -20.87 -0.50
N ALA D 106 -4.86 -21.64 -0.52
CA ALA D 106 -5.77 -21.66 0.60
C ALA D 106 -5.73 -22.97 1.36
N ASP D 107 -5.14 -24.00 0.78
CA ASP D 107 -5.01 -25.23 1.54
C ASP D 107 -4.21 -24.95 2.81
N PRO D 108 -4.63 -25.47 3.96
CA PRO D 108 -3.84 -25.28 5.20
C PRO D 108 -2.93 -26.45 5.57
N THR D 109 -2.79 -27.47 4.71
CA THR D 109 -2.14 -28.70 5.15
C THR D 109 -0.69 -28.47 5.62
N SER D 110 -0.03 -27.42 5.13
CA SER D 110 1.35 -27.16 5.50
C SER D 110 1.50 -26.10 6.59
N GLU D 111 0.40 -25.67 7.17
CA GLU D 111 0.50 -24.76 8.30
C GLU D 111 0.95 -25.52 9.55
N ARG D 112 1.66 -24.81 10.43
CA ARG D 112 2.20 -25.43 11.63
C ARG D 112 1.10 -25.80 12.61
N TRP D 113 0.01 -25.04 12.63
CA TRP D 113 -1.06 -25.19 13.60
C TRP D 113 -2.15 -26.13 13.12
N PHE D 114 -2.08 -26.61 11.88
CA PHE D 114 -3.12 -27.45 11.34
C PHE D 114 -2.88 -28.93 11.62
N HIS D 115 -3.98 -29.66 11.85
CA HIS D 115 -3.95 -31.11 11.97
C HIS D 115 -5.08 -31.76 11.19
N GLY D 116 -6.30 -31.58 11.60
CA GLY D 116 -7.37 -32.21 10.86
C GLY D 116 -7.46 -33.68 11.22
N HIS D 117 -8.67 -34.20 11.18
CA HIS D 117 -8.89 -35.57 11.58
C HIS D 117 -8.33 -35.82 12.97
N LEU D 118 -8.69 -34.95 13.91
CA LEU D 118 -8.22 -35.06 15.29
C LEU D 118 -9.41 -34.83 16.21
N SER D 119 -9.49 -35.67 17.25
CA SER D 119 -10.61 -35.63 18.19
C SER D 119 -10.39 -34.55 19.22
N GLY D 120 -11.50 -34.07 19.79
CA GLY D 120 -11.42 -32.95 20.71
C GLY D 120 -10.66 -33.30 21.98
N LYS D 121 -11.09 -34.38 22.65
CA LYS D 121 -10.35 -34.87 23.79
C LYS D 121 -8.89 -35.07 23.42
N GLU D 122 -8.65 -35.86 22.37
CA GLU D 122 -7.28 -36.16 21.97
C GLU D 122 -6.51 -34.88 21.70
N ALA D 123 -7.17 -33.86 21.16
CA ALA D 123 -6.51 -32.57 20.98
C ALA D 123 -6.35 -31.83 22.29
N GLU D 124 -7.27 -32.06 23.26
CA GLU D 124 -7.13 -31.44 24.57
C GLU D 124 -5.97 -32.04 25.37
N LYS D 125 -5.84 -33.36 25.38
CA LYS D 125 -4.75 -33.97 26.15
C LYS D 125 -3.40 -33.43 25.69
N LEU D 126 -3.20 -33.40 24.37
CA LEU D 126 -2.00 -32.82 23.80
C LEU D 126 -1.80 -31.39 24.25
N LEU D 127 -2.85 -30.56 24.14
CA LEU D 127 -2.76 -29.21 24.67
C LEU D 127 -2.42 -29.26 26.14
N THR D 128 -2.88 -30.31 26.84
CA THR D 128 -2.56 -30.45 28.26
C THR D 128 -1.17 -31.03 28.49
N GLU D 129 -0.82 -32.09 27.78
CA GLU D 129 0.46 -32.76 28.04
C GLU D 129 1.64 -31.90 27.58
N LYS D 130 1.45 -31.07 26.56
CA LYS D 130 2.55 -30.42 25.91
C LYS D 130 2.35 -28.94 25.68
N GLY D 131 1.18 -28.40 25.90
CA GLY D 131 0.89 -27.01 25.59
C GLY D 131 1.07 -26.08 26.77
N LYS D 132 1.33 -24.81 26.44
CA LYS D 132 1.36 -23.71 27.42
C LYS D 132 0.26 -22.71 27.07
N HIS D 133 0.23 -21.60 27.81
CA HIS D 133 -0.70 -20.52 27.51
C HIS D 133 -0.54 -20.08 26.06
N GLY D 134 -1.65 -20.05 25.33
CA GLY D 134 -1.63 -19.59 23.96
C GLY D 134 -1.39 -20.66 22.91
N SER D 135 -1.14 -21.90 23.28
CA SER D 135 -0.97 -22.93 22.27
C SER D 135 -2.31 -23.26 21.65
N PHE D 136 -2.32 -23.51 20.34
CA PHE D 136 -3.58 -23.68 19.62
C PHE D 136 -3.38 -24.62 18.45
N LEU D 137 -4.49 -25.02 17.84
CA LEU D 137 -4.48 -25.90 16.69
C LEU D 137 -5.84 -25.90 16.02
N VAL D 138 -5.85 -26.19 14.73
CA VAL D 138 -7.06 -26.24 13.92
C VAL D 138 -7.22 -27.68 13.47
N ARG D 139 -8.40 -28.22 13.70
CA ARG D 139 -8.69 -29.60 13.38
C ARG D 139 -9.98 -29.69 12.58
N GLU D 140 -10.20 -30.86 11.95
CA GLU D 140 -11.40 -31.08 11.17
C GLU D 140 -12.56 -31.47 12.09
N SER D 141 -13.68 -30.76 11.93
CA SER D 141 -14.87 -31.02 12.72
C SER D 141 -15.31 -32.48 12.57
N GLN D 142 -15.99 -32.98 13.60
CA GLN D 142 -16.39 -34.37 13.69
C GLN D 142 -17.90 -34.54 13.84
N SER D 143 -18.61 -33.52 14.29
CA SER D 143 -20.05 -33.52 14.43
C SER D 143 -20.74 -32.98 13.18
N HIS D 144 -20.21 -31.90 12.61
CA HIS D 144 -20.73 -31.34 11.36
C HIS D 144 -19.61 -31.38 10.34
N PRO D 145 -19.62 -32.31 9.39
CA PRO D 145 -18.53 -32.37 8.41
C PRO D 145 -18.46 -31.10 7.57
N GLY D 146 -17.24 -30.66 7.30
CA GLY D 146 -16.98 -29.44 6.55
C GLY D 146 -16.39 -28.33 7.39
N ASP D 147 -16.92 -28.20 8.60
CA ASP D 147 -16.49 -27.16 9.53
C ASP D 147 -15.15 -27.52 10.12
N PHE D 148 -14.53 -26.56 10.81
CA PHE D 148 -13.23 -26.78 11.43
C PHE D 148 -13.31 -26.41 12.89
N VAL D 149 -12.29 -26.73 13.66
CA VAL D 149 -12.30 -26.40 15.07
C VAL D 149 -10.99 -25.78 15.46
N LEU D 150 -11.05 -24.73 16.24
CA LEU D 150 -9.87 -24.05 16.75
C LEU D 150 -9.85 -24.30 18.24
N SER D 151 -8.89 -25.07 18.70
CA SER D 151 -8.71 -25.34 20.11
C SER D 151 -7.49 -24.56 20.59
N VAL D 152 -7.67 -23.73 21.62
CA VAL D 152 -6.59 -22.95 22.19
C VAL D 152 -6.50 -23.17 23.69
N ARG D 153 -5.30 -22.97 24.25
CA ARG D 153 -5.06 -23.13 25.66
C ARG D 153 -4.76 -21.76 26.26
N THR D 154 -5.34 -21.51 27.44
CA THR D 154 -5.13 -20.30 28.23
C THR D 154 -4.86 -20.71 29.66
N GLY D 155 -3.93 -20.01 30.32
CA GLY D 155 -3.66 -20.29 31.73
C GLY D 155 -2.57 -19.45 32.34
N SER D 166 -4.49 -24.56 32.98
CA SER D 166 -5.71 -24.08 33.59
C SER D 166 -6.92 -24.49 32.77
N LYS D 167 -6.99 -23.98 31.52
CA LYS D 167 -8.20 -24.14 30.72
C LYS D 167 -7.86 -24.33 29.25
N VAL D 168 -8.60 -25.22 28.60
CA VAL D 168 -8.55 -25.36 27.15
C VAL D 168 -9.90 -24.90 26.60
N THR D 169 -9.86 -24.16 25.50
CA THR D 169 -11.08 -23.63 24.88
C THR D 169 -11.20 -24.08 23.44
N HIS D 170 -12.43 -24.39 23.03
CA HIS D 170 -12.73 -24.78 21.66
C HIS D 170 -13.60 -23.71 21.00
N VAL D 171 -13.34 -23.43 19.72
CA VAL D 171 -14.06 -22.41 18.97
C VAL D 171 -14.38 -22.95 17.59
N MET D 172 -15.65 -23.11 17.28
CA MET D 172 -16.06 -23.68 16.02
C MET D 172 -15.79 -22.70 14.89
N ILE D 173 -15.48 -23.27 13.74
CA ILE D 173 -15.20 -22.51 12.52
C ILE D 173 -16.06 -23.14 11.45
N ARG D 174 -17.10 -22.44 11.02
CA ARG D 174 -17.94 -23.02 10.00
C ARG D 174 -17.49 -22.64 8.60
N CYS D 175 -17.73 -23.56 7.67
CA CYS D 175 -17.42 -23.37 6.26
C CYS D 175 -18.75 -23.10 5.56
N GLN D 176 -18.82 -21.96 4.88
CA GLN D 176 -20.01 -21.53 4.16
C GLN D 176 -19.53 -21.00 2.82
N GLU D 177 -19.97 -21.62 1.73
CA GLU D 177 -19.55 -21.28 0.37
C GLU D 177 -18.05 -21.04 0.30
N LEU D 178 -17.29 -21.95 0.90
CA LEU D 178 -15.85 -21.94 0.85
C LEU D 178 -15.24 -20.87 1.75
N LYS D 179 -16.03 -20.10 2.48
CA LYS D 179 -15.48 -19.11 3.41
C LYS D 179 -15.71 -19.55 4.85
N TYR D 180 -14.81 -19.12 5.75
CA TYR D 180 -14.83 -19.52 7.15
C TYR D 180 -15.05 -18.35 8.12
N ASP D 181 -15.77 -18.63 9.21
CA ASP D 181 -16.04 -17.65 10.25
C ASP D 181 -16.16 -18.31 11.61
N VAL D 182 -16.14 -17.50 12.67
CA VAL D 182 -16.32 -18.00 14.03
C VAL D 182 -17.73 -17.73 14.53
N GLY D 183 -18.69 -17.77 13.63
CA GLY D 183 -20.07 -17.59 13.98
C GLY D 183 -20.56 -16.16 13.85
N GLY D 184 -19.68 -15.23 13.54
CA GLY D 184 -20.07 -13.84 13.36
C GLY D 184 -18.85 -13.01 13.04
N GLY D 185 -19.12 -11.85 12.47
CA GLY D 185 -18.08 -10.93 12.05
C GLY D 185 -17.72 -11.16 10.58
N GLU D 186 -16.43 -11.29 10.30
CA GLU D 186 -15.96 -11.43 8.93
C GLU D 186 -15.99 -12.89 8.47
N ARG D 187 -16.04 -13.07 7.17
CA ARG D 187 -15.90 -14.36 6.51
C ARG D 187 -14.57 -14.37 5.77
N PHE D 188 -13.79 -15.42 5.97
CA PHE D 188 -12.43 -15.52 5.44
C PHE D 188 -12.32 -16.49 4.28
N ASP D 189 -11.42 -16.14 3.35
CA ASP D 189 -11.13 -16.97 2.18
C ASP D 189 -10.38 -18.24 2.55
N SER D 190 -9.69 -18.25 3.70
CA SER D 190 -8.96 -19.44 4.12
C SER D 190 -8.79 -19.44 5.62
N LEU D 191 -8.47 -20.63 6.13
CA LEU D 191 -8.30 -20.76 7.57
C LEU D 191 -7.07 -19.99 8.05
N THR D 192 -6.01 -19.98 7.27
CA THR D 192 -4.86 -19.20 7.72
C THR D 192 -5.20 -17.71 7.77
N ASP D 193 -5.91 -17.20 6.77
CA ASP D 193 -6.43 -15.84 6.87
C ASP D 193 -7.29 -15.68 8.11
N LEU D 194 -8.12 -16.67 8.42
CA LEU D 194 -8.89 -16.59 9.66
C LEU D 194 -7.95 -16.58 10.86
N VAL D 195 -7.00 -17.52 10.90
CA VAL D 195 -6.09 -17.62 12.04
C VAL D 195 -5.28 -16.35 12.16
N GLU D 196 -4.70 -15.91 11.03
CA GLU D 196 -3.89 -14.71 11.02
C GLU D 196 -4.66 -13.53 11.60
N HIS D 197 -5.94 -13.42 11.27
CA HIS D 197 -6.71 -12.29 11.79
C HIS D 197 -6.83 -12.36 13.31
N TYR D 198 -7.20 -13.53 13.82
CA TYR D 198 -7.49 -13.62 15.25
C TYR D 198 -6.22 -13.81 16.08
N LYS D 199 -5.06 -13.97 15.43
CA LYS D 199 -3.81 -13.80 16.14
C LYS D 199 -3.65 -12.34 16.58
N LYS D 200 -3.75 -11.41 15.63
CA LYS D 200 -3.55 -10.00 15.94
C LYS D 200 -4.77 -9.40 16.62
N ASN D 201 -5.96 -9.95 16.39
CA ASN D 201 -7.20 -9.45 16.99
C ASN D 201 -7.87 -10.54 17.81
N PRO D 202 -7.37 -10.81 19.01
CA PRO D 202 -7.82 -12.01 19.73
C PRO D 202 -9.30 -11.99 20.09
N MET D 203 -9.88 -13.17 20.14
CA MET D 203 -11.25 -13.34 20.60
C MET D 203 -11.27 -13.10 22.11
N VAL D 204 -12.33 -12.46 22.60
CA VAL D 204 -12.48 -12.20 24.03
C VAL D 204 -13.75 -12.86 24.51
N GLU D 205 -13.62 -13.67 25.56
CA GLU D 205 -14.73 -14.46 26.03
C GLU D 205 -15.63 -13.60 26.90
N THR D 206 -16.82 -14.11 27.19
CA THR D 206 -17.83 -13.28 27.84
C THR D 206 -17.30 -12.63 29.11
N LEU D 207 -16.56 -13.39 29.91
CA LEU D 207 -16.15 -12.91 31.22
C LEU D 207 -14.73 -12.40 31.23
N GLY D 208 -14.13 -12.18 30.07
CA GLY D 208 -12.83 -11.52 29.99
C GLY D 208 -11.76 -12.33 29.29
N THR D 209 -11.83 -13.65 29.41
CA THR D 209 -10.72 -14.49 28.94
C THR D 209 -10.36 -14.17 27.49
N VAL D 210 -9.09 -13.82 27.26
CA VAL D 210 -8.61 -13.47 25.93
C VAL D 210 -7.99 -14.71 25.31
N LEU D 211 -8.49 -15.11 24.14
CA LEU D 211 -8.00 -16.33 23.47
C LEU D 211 -6.81 -15.96 22.60
N GLN D 212 -5.66 -15.77 23.24
CA GLN D 212 -4.45 -15.43 22.52
C GLN D 212 -3.93 -16.66 21.77
N LEU D 213 -3.74 -16.49 20.47
CA LEU D 213 -3.11 -17.50 19.63
C LEU D 213 -1.63 -17.15 19.53
N LYS D 214 -0.89 -17.61 20.53
CA LYS D 214 0.51 -17.20 20.72
C LYS D 214 1.47 -18.10 19.97
N GLN D 215 1.37 -19.42 20.15
CA GLN D 215 2.27 -20.41 19.55
C GLN D 215 1.46 -21.59 19.03
N PRO D 216 1.76 -22.13 17.85
CA PRO D 216 1.13 -23.41 17.48
C PRO D 216 1.66 -24.47 18.41
N LEU D 217 0.77 -25.34 18.86
CA LEU D 217 1.17 -26.47 19.68
C LEU D 217 2.34 -27.21 19.04
N ASN D 218 3.30 -27.57 19.87
CA ASN D 218 4.42 -28.37 19.39
C ASN D 218 4.11 -29.86 19.50
N THR D 219 4.03 -30.54 18.36
CA THR D 219 3.82 -31.98 18.32
C THR D 219 5.00 -32.74 17.73
N THR D 220 6.01 -32.03 17.17
CA THR D 220 7.18 -32.64 16.56
C THR D 220 8.33 -32.90 17.52
N ARG D 221 8.33 -32.26 18.67
CA ARG D 221 9.30 -32.62 19.69
C ARG D 221 8.89 -33.98 20.28
N ILE D 222 9.78 -34.95 20.19
CA ILE D 222 9.49 -36.24 20.75
C ILE D 222 10.63 -36.58 21.70
N ASN D 223 10.34 -37.53 22.58
CA ASN D 223 11.37 -38.14 23.40
C ASN D 223 12.21 -39.13 22.59
N ALA D 224 13.54 -39.06 22.77
CA ALA D 224 14.49 -39.83 21.98
C ALA D 224 14.09 -41.30 21.87
N ALA D 225 13.59 -41.89 22.96
CA ALA D 225 13.15 -43.27 22.93
C ALA D 225 11.97 -43.50 21.98
N GLU D 226 11.30 -42.42 21.53
CA GLU D 226 10.11 -42.50 20.68
C GLU D 226 10.41 -42.33 19.19
N ILE D 227 11.68 -42.11 18.83
CA ILE D 227 12.05 -41.93 17.42
C ILE D 227 11.53 -43.09 16.59
N GLU D 228 11.71 -44.33 17.07
CA GLU D 228 11.33 -45.51 16.31
C GLU D 228 9.82 -45.50 16.06
N SER D 229 9.05 -45.23 17.10
CA SER D 229 7.61 -45.11 16.95
C SER D 229 7.24 -44.04 15.93
N ARG D 230 7.77 -42.82 16.11
CA ARG D 230 7.41 -41.68 15.24
C ARG D 230 7.84 -41.93 13.80
N VAL D 231 9.03 -42.50 13.62
CA VAL D 231 9.50 -42.77 12.27
C VAL D 231 8.56 -43.71 11.54
N ARG D 232 7.93 -44.64 12.26
CA ARG D 232 6.99 -45.53 11.58
C ARG D 232 5.73 -44.77 11.17
N GLU D 233 5.17 -43.97 12.07
CA GLU D 233 3.98 -43.20 11.69
C GLU D 233 4.28 -42.28 10.51
N LEU D 234 5.51 -41.77 10.39
CA LEU D 234 5.82 -40.84 9.32
C LEU D 234 6.07 -41.55 7.98
N SER D 235 6.14 -42.88 7.99
CA SER D 235 6.43 -43.67 6.81
C SER D 235 5.18 -44.27 6.20
N LYS D 236 4.00 -43.85 6.63
CA LYS D 236 2.78 -44.27 5.96
C LYS D 236 1.88 -43.07 5.64
N GLY D 247 3.81 -38.91 4.95
CA GLY D 247 3.87 -38.40 6.31
C GLY D 247 5.09 -37.57 6.59
N PHE D 248 6.24 -38.06 6.12
CA PHE D 248 7.49 -37.31 6.21
C PHE D 248 7.41 -36.08 5.31
N TRP D 249 6.76 -36.22 4.15
CA TRP D 249 6.53 -35.09 3.24
C TRP D 249 5.79 -33.96 3.93
N GLU D 250 4.63 -34.26 4.48
CA GLU D 250 3.82 -33.16 5.01
C GLU D 250 4.61 -32.39 6.05
N GLU D 251 5.24 -33.10 6.99
CA GLU D 251 6.01 -32.43 8.03
C GLU D 251 7.13 -31.59 7.43
N PHE D 252 7.92 -32.18 6.52
CA PHE D 252 9.01 -31.45 5.85
C PHE D 252 8.48 -30.14 5.24
N GLU D 253 7.44 -30.23 4.42
CA GLU D 253 6.91 -29.07 3.72
C GLU D 253 6.31 -28.07 4.69
N THR D 254 5.75 -28.55 5.80
CA THR D 254 5.34 -27.63 6.84
C THR D 254 6.55 -26.84 7.33
N LEU D 255 7.70 -27.50 7.44
CA LEU D 255 8.92 -26.78 7.77
C LEU D 255 9.33 -25.87 6.62
N GLN D 256 9.13 -26.32 5.39
CA GLN D 256 9.51 -25.45 4.28
C GLN D 256 8.67 -24.20 4.31
N GLN D 257 7.41 -24.35 4.73
CA GLN D 257 6.52 -23.22 4.67
C GLN D 257 6.99 -22.11 5.58
N GLN D 258 7.96 -22.37 6.46
CA GLN D 258 8.44 -21.36 7.39
C GLN D 258 9.72 -20.70 6.93
N GLU D 259 10.30 -21.11 5.81
CA GLU D 259 11.49 -20.44 5.32
C GLU D 259 11.23 -18.94 5.10
N CYS D 260 9.99 -18.56 4.75
CA CYS D 260 9.74 -17.18 4.42
C CYS D 260 10.16 -16.25 5.55
N LYS D 261 10.31 -16.78 6.75
CA LYS D 261 10.65 -15.97 7.91
C LYS D 261 12.14 -15.79 8.09
N LEU D 262 12.97 -16.30 7.17
CA LEU D 262 14.42 -16.32 7.32
C LEU D 262 15.10 -15.56 6.18
N LEU D 263 14.38 -14.60 5.59
CA LEU D 263 14.92 -13.81 4.47
C LEU D 263 15.76 -12.65 5.03
N TYR D 264 16.85 -13.02 5.71
CA TYR D 264 17.78 -12.04 6.26
C TYR D 264 18.70 -11.48 5.19
N SER D 265 19.27 -10.32 5.48
CA SER D 265 20.04 -9.65 4.46
C SER D 265 21.29 -10.47 4.14
N ARG D 266 21.76 -10.32 2.90
CA ARG D 266 22.96 -11.00 2.41
C ARG D 266 23.72 -10.05 1.52
N LYS D 267 23.74 -8.77 1.90
CA LYS D 267 24.28 -7.73 1.05
C LYS D 267 25.78 -7.92 0.79
N GLU D 268 26.58 -8.16 1.85
CA GLU D 268 28.03 -8.24 1.67
C GLU D 268 28.34 -9.19 0.51
N GLY D 269 27.70 -10.35 0.51
CA GLY D 269 27.86 -11.33 -0.53
C GLY D 269 27.47 -10.89 -1.92
N GLN D 270 26.84 -9.72 -2.06
CA GLN D 270 26.40 -9.15 -3.34
C GLN D 270 27.27 -7.99 -3.83
N ARG D 271 28.11 -7.43 -2.95
CA ARG D 271 29.07 -6.40 -3.32
C ARG D 271 29.99 -6.83 -4.45
N GLN D 272 30.24 -5.92 -5.38
CA GLN D 272 31.10 -6.21 -6.52
C GLN D 272 32.35 -7.03 -6.19
N GLU D 273 33.18 -6.55 -5.29
CA GLU D 273 34.43 -7.19 -4.98
C GLU D 273 34.27 -8.54 -4.30
N ASN D 274 33.04 -8.99 -4.05
CA ASN D 274 32.79 -10.28 -3.46
C ASN D 274 32.05 -11.23 -4.38
N LYS D 275 31.44 -10.73 -5.45
CA LYS D 275 30.66 -11.61 -6.32
C LYS D 275 31.40 -12.86 -6.78
N ASN D 276 32.68 -12.74 -7.11
CA ASN D 276 33.43 -13.86 -7.68
C ASN D 276 34.13 -14.71 -6.61
N LYS D 277 33.87 -14.42 -5.35
CA LYS D 277 34.30 -15.28 -4.26
C LYS D 277 33.21 -16.24 -3.85
N ASN D 278 32.09 -16.25 -4.58
CA ASN D 278 30.98 -17.14 -4.34
C ASN D 278 30.88 -18.15 -5.47
N ARG D 279 30.78 -19.45 -5.13
CA ARG D 279 30.65 -20.47 -6.17
C ARG D 279 29.32 -20.34 -6.90
N TYR D 280 28.29 -19.83 -6.22
CA TYR D 280 26.95 -19.70 -6.76
C TYR D 280 26.50 -18.30 -6.38
N LYS D 281 26.27 -17.48 -7.40
CA LYS D 281 26.14 -16.03 -7.15
C LYS D 281 25.03 -15.71 -6.17
N ASN D 282 23.93 -16.46 -6.20
CA ASN D 282 22.78 -16.18 -5.36
C ASN D 282 22.69 -17.03 -4.09
N ILE D 283 23.70 -17.85 -3.78
CA ILE D 283 23.74 -18.54 -2.49
C ILE D 283 24.79 -17.82 -1.66
N LEU D 284 24.37 -17.08 -0.67
CA LEU D 284 25.25 -16.13 0.01
C LEU D 284 25.11 -16.34 1.51
N PRO D 285 26.07 -15.85 2.28
CA PRO D 285 25.93 -15.90 3.73
C PRO D 285 25.15 -14.72 4.29
N PHE D 286 24.36 -15.04 5.32
CA PHE D 286 23.72 -14.00 6.10
C PHE D 286 24.79 -13.08 6.67
N ASP D 287 24.60 -11.77 6.45
CA ASP D 287 25.47 -10.76 7.04
C ASP D 287 25.63 -10.95 8.54
N HIS D 288 24.57 -11.38 9.24
CA HIS D 288 24.66 -11.39 10.70
C HIS D 288 25.37 -12.63 11.24
N THR D 289 25.50 -13.71 10.49
CA THR D 289 26.30 -14.84 10.97
C THR D 289 27.54 -15.16 10.15
N ARG D 290 27.85 -14.32 9.15
CA ARG D 290 29.00 -14.56 8.30
C ARG D 290 30.29 -14.55 9.11
N VAL D 291 31.28 -15.32 8.64
CA VAL D 291 32.63 -15.17 9.17
C VAL D 291 33.29 -13.95 8.56
N VAL D 292 33.83 -13.08 9.43
CA VAL D 292 34.51 -11.88 9.00
C VAL D 292 35.98 -12.13 9.13
N LEU D 293 36.71 -11.98 8.05
CA LEU D 293 38.14 -12.21 8.03
C LEU D 293 38.84 -10.90 8.28
N HIS D 294 39.72 -10.88 9.29
CA HIS D 294 40.51 -9.73 9.67
C HIS D 294 41.98 -9.88 9.30
N ASP D 295 42.33 -10.88 8.50
CA ASP D 295 43.68 -11.04 8.00
C ASP D 295 43.87 -10.29 6.69
N GLY D 296 43.47 -9.02 6.67
CA GLY D 296 43.26 -8.31 5.43
C GLY D 296 44.49 -7.53 5.06
N ASP D 297 45.07 -7.84 3.91
CA ASP D 297 46.11 -6.99 3.35
C ASP D 297 45.53 -5.62 3.05
N PRO D 298 46.18 -4.54 3.48
CA PRO D 298 45.57 -3.21 3.29
C PRO D 298 45.44 -2.80 1.84
N ASN D 299 45.96 -3.58 0.91
CA ASN D 299 45.85 -3.26 -0.51
C ASN D 299 44.59 -3.85 -1.14
N GLU D 300 44.07 -4.92 -0.54
CA GLU D 300 42.77 -5.45 -0.99
C GLU D 300 41.72 -4.43 -0.57
N PRO D 301 40.83 -3.95 -1.47
CA PRO D 301 39.77 -3.05 -1.06
C PRO D 301 38.85 -3.81 -0.10
N VAL D 302 38.47 -5.04 -0.41
CA VAL D 302 37.53 -5.85 0.42
C VAL D 302 38.26 -7.15 0.76
N SER D 303 38.69 -7.31 1.99
CA SER D 303 39.54 -8.44 2.42
C SER D 303 38.88 -9.26 3.51
N ASP D 304 37.60 -9.03 3.83
CA ASP D 304 36.97 -9.66 5.02
C ASP D 304 35.86 -10.63 4.65
N TYR D 305 35.73 -10.98 3.38
CA TYR D 305 34.61 -11.81 2.93
C TYR D 305 34.98 -13.26 2.66
N ILE D 306 34.09 -14.17 3.03
CA ILE D 306 34.20 -15.60 2.70
C ILE D 306 32.75 -16.08 2.76
N ASN D 307 32.28 -16.80 1.74
CA ASN D 307 30.92 -17.37 1.73
C ASN D 307 30.89 -18.44 2.82
N ALA D 308 30.85 -18.04 4.08
CA ALA D 308 30.79 -18.96 5.23
C ALA D 308 30.02 -18.29 6.37
N ASN D 309 29.37 -19.08 7.19
CA ASN D 309 28.63 -18.58 8.37
C ASN D 309 28.93 -19.43 9.60
N ILE D 310 29.03 -18.81 10.77
CA ILE D 310 29.16 -19.55 12.04
C ILE D 310 27.83 -20.26 12.27
N ILE D 311 27.84 -21.57 12.59
CA ILE D 311 26.62 -22.29 12.94
C ILE D 311 26.67 -22.59 14.43
N MET D 312 25.88 -21.85 15.19
CA MET D 312 25.96 -21.93 16.65
C MET D 312 24.68 -22.56 17.17
N PRO D 313 24.72 -23.78 17.72
CA PRO D 313 23.46 -24.28 18.28
C PRO D 313 23.12 -23.53 19.54
N LYS D 325 27.98 -28.73 22.69
CA LYS D 325 28.71 -27.54 23.09
C LYS D 325 29.54 -27.02 21.91
N LYS D 326 29.74 -27.86 20.90
CA LYS D 326 30.56 -27.47 19.75
C LYS D 326 29.77 -26.62 18.75
N SER D 327 30.49 -25.70 18.11
CA SER D 327 30.01 -24.84 17.03
C SER D 327 30.64 -25.23 15.71
N TYR D 328 30.03 -24.75 14.61
CA TYR D 328 30.47 -25.09 13.25
C TYR D 328 30.65 -23.85 12.36
N ILE D 329 31.44 -23.98 11.31
CA ILE D 329 31.45 -23.02 10.22
C ILE D 329 31.00 -23.80 9.00
N ALA D 330 29.95 -23.33 8.35
CA ALA D 330 29.35 -24.00 7.20
C ALA D 330 29.75 -23.25 5.96
N THR D 331 30.44 -23.90 5.06
CA THR D 331 30.95 -23.16 3.94
C THR D 331 30.83 -23.96 2.67
N GLN D 332 31.07 -23.26 1.57
CA GLN D 332 31.04 -23.82 0.22
C GLN D 332 32.40 -24.49 -0.12
N GLY D 333 32.37 -25.34 -1.15
CA GLY D 333 33.63 -25.76 -1.73
C GLY D 333 34.47 -24.54 -2.11
N CYS D 334 35.75 -24.63 -1.80
CA CYS D 334 36.69 -23.63 -2.25
C CYS D 334 36.60 -23.49 -3.75
N LEU D 335 36.92 -22.30 -4.23
CA LEU D 335 37.28 -22.00 -5.61
C LEU D 335 38.77 -21.66 -5.66
N GLN D 336 39.30 -21.64 -6.89
CA GLN D 336 40.72 -21.35 -7.06
C GLN D 336 41.08 -20.05 -6.36
N ASN D 337 40.19 -19.07 -6.45
CA ASN D 337 40.46 -17.72 -5.98
C ASN D 337 40.13 -17.52 -4.51
N THR D 338 39.51 -18.45 -3.83
CA THR D 338 39.32 -18.26 -2.38
C THR D 338 40.17 -19.21 -1.52
N VAL D 339 41.08 -20.00 -2.10
CA VAL D 339 41.78 -20.99 -1.28
C VAL D 339 42.50 -20.29 -0.12
N ASN D 340 43.15 -19.17 -0.41
CA ASN D 340 43.90 -18.48 0.63
C ASN D 340 42.96 -17.92 1.69
N ASP D 341 41.75 -17.56 1.30
CA ASP D 341 40.79 -17.03 2.26
C ASP D 341 40.27 -18.16 3.14
N PHE D 342 39.95 -19.30 2.55
CA PHE D 342 39.60 -20.48 3.33
C PHE D 342 40.61 -20.74 4.46
N TRP D 343 41.91 -20.89 4.12
CA TRP D 343 42.93 -21.11 5.15
C TRP D 343 43.06 -19.93 6.11
N ARG D 344 42.86 -18.69 5.65
CA ARG D 344 42.82 -17.56 6.58
C ARG D 344 41.74 -17.77 7.62
N MET D 345 40.61 -18.34 7.19
CA MET D 345 39.48 -18.54 8.10
C MET D 345 39.78 -19.63 9.12
N VAL D 346 40.26 -20.75 8.60
CA VAL D 346 40.64 -21.85 9.46
C VAL D 346 41.61 -21.37 10.53
N PHE D 347 42.68 -20.70 10.10
CA PHE D 347 43.60 -20.12 11.06
C PHE D 347 42.91 -19.22 12.07
N GLN D 348 42.18 -18.23 11.56
CA GLN D 348 41.66 -17.19 12.45
C GLN D 348 40.79 -17.80 13.54
N GLU D 349 39.89 -18.69 13.17
CA GLU D 349 38.91 -19.21 14.09
C GLU D 349 39.42 -20.38 14.92
N ASN D 350 40.70 -20.73 14.83
CA ASN D 350 41.32 -21.84 15.54
C ASN D 350 40.66 -23.18 15.24
N SER D 351 40.01 -23.33 14.10
CA SER D 351 39.53 -24.61 13.65
C SER D 351 40.67 -25.63 13.64
N ARG D 352 40.31 -26.85 14.03
CA ARG D 352 41.23 -27.96 14.04
C ARG D 352 40.68 -29.19 13.31
N VAL D 353 39.45 -29.12 12.80
CA VAL D 353 38.83 -30.26 12.14
C VAL D 353 38.01 -29.79 10.97
N ILE D 354 38.23 -30.38 9.84
CA ILE D 354 37.49 -30.05 8.65
C ILE D 354 36.76 -31.31 8.20
N VAL D 355 35.52 -31.10 7.81
CA VAL D 355 34.65 -32.10 7.25
C VAL D 355 34.34 -31.74 5.81
N MET D 356 34.72 -32.60 4.87
CA MET D 356 34.40 -32.43 3.46
C MET D 356 33.40 -33.51 3.08
N THR D 357 32.38 -33.14 2.30
CA THR D 357 31.34 -34.15 2.08
C THR D 357 30.99 -34.29 0.64
N THR D 358 31.98 -34.12 -0.23
CA THR D 358 31.88 -34.28 -1.67
C THR D 358 33.24 -34.71 -2.19
N LYS D 359 33.25 -35.36 -3.34
CA LYS D 359 34.50 -35.56 -4.07
C LYS D 359 34.95 -34.21 -4.62
N GLU D 360 36.20 -34.17 -5.10
CA GLU D 360 36.67 -32.95 -5.73
C GLU D 360 35.83 -32.69 -6.96
N VAL D 361 35.55 -33.74 -7.71
CA VAL D 361 34.76 -33.66 -8.97
C VAL D 361 33.65 -34.70 -8.86
N GLU D 362 32.43 -34.34 -9.26
CA GLU D 362 31.28 -35.26 -9.27
C GLU D 362 30.51 -35.09 -10.59
N ARG D 363 30.35 -36.17 -11.35
CA ARG D 363 29.64 -36.14 -12.66
C ARG D 363 30.43 -35.29 -13.65
N GLY D 364 31.72 -35.15 -13.43
CA GLY D 364 32.60 -34.36 -14.30
C GLY D 364 32.54 -32.91 -13.93
N LYS D 365 31.69 -32.58 -12.99
CA LYS D 365 31.55 -31.19 -12.51
C LYS D 365 32.41 -31.02 -11.27
N SER D 366 33.32 -30.05 -11.28
CA SER D 366 34.07 -29.69 -10.09
C SER D 366 33.14 -29.21 -8.98
N LYS D 367 33.49 -29.54 -7.74
CA LYS D 367 32.76 -29.18 -6.53
C LYS D 367 33.61 -28.45 -5.49
N CYS D 368 34.89 -28.77 -5.39
CA CYS D 368 35.78 -28.10 -4.45
C CYS D 368 37.20 -28.28 -4.96
N VAL D 369 37.89 -27.18 -5.24
CA VAL D 369 39.26 -27.27 -5.64
C VAL D 369 40.05 -27.90 -4.50
N LYS D 370 41.13 -28.61 -4.88
CA LYS D 370 42.09 -29.14 -3.95
C LYS D 370 42.78 -28.00 -3.21
N TYR D 371 42.52 -27.86 -1.93
CA TYR D 371 43.11 -26.77 -1.16
C TYR D 371 44.10 -27.22 -0.10
N TRP D 372 44.44 -28.57 -0.05
CA TRP D 372 45.45 -29.16 0.79
C TRP D 372 46.60 -29.72 -0.04
N PRO D 373 47.81 -29.77 0.53
CA PRO D 373 48.94 -30.33 -0.22
C PRO D 373 48.79 -31.83 -0.42
N ASP D 374 49.55 -32.34 -1.38
CA ASP D 374 49.67 -33.77 -1.56
C ASP D 374 50.29 -34.38 -0.30
N GLU D 375 49.95 -35.64 -0.04
CA GLU D 375 50.53 -36.32 1.10
C GLU D 375 52.06 -36.15 1.14
N TYR D 376 52.57 -35.66 2.28
CA TYR D 376 53.95 -35.37 2.63
C TYR D 376 54.43 -34.02 2.05
N ALA D 377 53.69 -33.42 1.15
CA ALA D 377 54.08 -32.19 0.53
C ALA D 377 53.80 -31.00 1.41
N LEU D 378 54.53 -29.93 1.13
CA LEU D 378 54.36 -28.68 1.84
C LEU D 378 53.97 -27.63 0.82
N LYS D 379 52.97 -26.80 1.17
CA LYS D 379 52.52 -25.72 0.27
C LYS D 379 52.24 -24.44 1.06
N GLU D 380 52.36 -23.32 0.33
CA GLU D 380 52.09 -21.98 0.80
C GLU D 380 50.86 -21.43 0.08
N TYR D 381 49.82 -21.13 0.84
CA TYR D 381 48.58 -20.48 0.37
C TYR D 381 48.56 -19.08 0.97
N GLY D 382 48.89 -18.07 0.17
CA GLY D 382 49.10 -16.76 0.74
C GLY D 382 50.07 -16.80 1.91
N VAL D 383 49.64 -16.25 3.04
CA VAL D 383 50.49 -16.18 4.21
C VAL D 383 50.32 -17.42 5.09
N MET D 384 49.48 -18.36 4.68
CA MET D 384 49.31 -19.64 5.35
C MET D 384 50.16 -20.70 4.68
N ARG D 385 50.87 -21.49 5.50
CA ARG D 385 51.67 -22.63 5.02
C ARG D 385 51.06 -23.91 5.60
N VAL D 386 50.82 -24.89 4.75
CA VAL D 386 50.18 -26.13 5.17
C VAL D 386 51.08 -27.31 4.78
N ARG D 387 51.30 -28.21 5.72
CA ARG D 387 51.96 -29.47 5.41
C ARG D 387 50.96 -30.60 5.59
N ASN D 388 50.91 -31.51 4.63
CA ASN D 388 50.10 -32.73 4.66
C ASN D 388 50.98 -33.85 5.21
N VAL D 389 50.80 -34.16 6.50
CA VAL D 389 51.79 -35.00 7.17
C VAL D 389 51.51 -36.47 6.92
N LYS D 390 50.27 -36.89 6.96
CA LYS D 390 49.95 -38.28 6.66
C LYS D 390 48.52 -38.30 6.19
N GLU D 391 48.19 -39.24 5.32
CA GLU D 391 46.81 -39.60 5.01
C GLU D 391 46.60 -41.02 5.51
N SER D 392 45.41 -41.31 5.99
CA SER D 392 44.96 -42.66 6.29
C SER D 392 43.63 -42.88 5.59
N ALA D 393 43.46 -44.01 4.96
CA ALA D 393 42.24 -44.30 4.24
C ALA D 393 41.34 -45.27 5.01
N ALA D 394 40.11 -44.83 5.34
CA ALA D 394 39.08 -45.76 5.77
C ALA D 394 38.11 -46.04 4.62
N HIS D 395 37.18 -46.95 4.83
CA HIS D 395 36.39 -47.38 3.69
C HIS D 395 35.57 -46.22 3.11
N ASP D 396 34.85 -45.52 3.99
CA ASP D 396 33.94 -44.46 3.59
C ASP D 396 34.60 -43.10 3.51
N TYR D 397 35.81 -42.95 4.05
CA TYR D 397 36.40 -41.62 4.11
C TYR D 397 37.91 -41.69 4.13
N THR D 398 38.50 -40.50 3.98
CA THR D 398 39.92 -40.31 4.13
C THR D 398 40.21 -39.29 5.21
N LEU D 399 41.14 -39.60 6.10
CA LEU D 399 41.69 -38.61 6.99
C LEU D 399 43.03 -38.10 6.49
N ARG D 400 43.16 -36.79 6.37
CA ARG D 400 44.48 -36.19 6.12
C ARG D 400 44.87 -35.49 7.40
N GLU D 401 46.09 -35.64 7.81
CA GLU D 401 46.59 -34.95 8.99
C GLU D 401 47.32 -33.73 8.39
N LEU D 402 46.74 -32.55 8.57
CA LEU D 402 47.29 -31.33 8.00
C LEU D 402 47.86 -30.49 9.12
N LYS D 403 48.95 -29.83 8.86
CA LYS D 403 49.48 -28.88 9.83
C LYS D 403 49.51 -27.48 9.23
N LEU D 404 48.87 -26.54 9.92
CA LEU D 404 48.68 -25.17 9.47
C LEU D 404 49.58 -24.24 10.30
N SER D 405 50.29 -23.36 9.60
CA SER D 405 51.04 -22.31 10.25
C SER D 405 50.93 -21.03 9.43
N LYS D 406 51.49 -19.96 9.97
CA LYS D 406 51.54 -18.66 9.31
C LYS D 406 52.99 -18.38 8.98
N VAL D 407 53.27 -18.19 7.70
CA VAL D 407 54.65 -17.97 7.31
C VAL D 407 55.24 -16.93 8.25
N GLY D 408 56.48 -17.15 8.67
CA GLY D 408 57.20 -16.19 9.46
C GLY D 408 57.08 -16.32 10.96
N GLN D 409 56.19 -17.17 11.48
CA GLN D 409 55.97 -17.27 12.92
C GLN D 409 55.72 -18.73 13.28
N GLY D 410 56.77 -19.42 13.70
CA GLY D 410 56.68 -20.85 13.88
C GLY D 410 55.76 -21.27 15.00
N ASN D 411 55.73 -20.52 16.09
CA ASN D 411 54.94 -20.98 17.23
C ASN D 411 53.44 -21.02 16.94
N THR D 412 52.95 -20.44 15.82
CA THR D 412 51.53 -20.46 15.50
C THR D 412 51.04 -21.81 15.00
N GLU D 413 51.93 -22.79 14.92
CA GLU D 413 51.58 -24.10 14.39
C GLU D 413 50.46 -24.81 15.15
N ARG D 414 49.53 -25.36 14.37
CA ARG D 414 48.52 -26.23 14.92
C ARG D 414 48.15 -27.31 13.91
N THR D 415 47.79 -28.48 14.43
CA THR D 415 47.34 -29.54 13.56
C THR D 415 45.90 -29.38 13.21
N VAL D 416 45.58 -29.70 11.96
CA VAL D 416 44.22 -29.62 11.47
C VAL D 416 43.87 -30.95 10.83
N TRP D 417 42.79 -31.54 11.26
CA TRP D 417 42.44 -32.87 10.79
C TRP D 417 41.28 -32.74 9.81
N GLN D 418 41.45 -33.26 8.62
CA GLN D 418 40.43 -33.15 7.59
C GLN D 418 39.86 -34.52 7.29
N TYR D 419 38.56 -34.70 7.57
CA TYR D 419 37.82 -35.94 7.35
C TYR D 419 37.02 -35.86 6.06
N HIS D 420 37.52 -36.46 5.03
CA HIS D 420 36.96 -36.27 3.69
C HIS D 420 36.04 -37.45 3.38
N PHE D 421 34.75 -37.25 3.54
CA PHE D 421 33.78 -38.32 3.28
C PHE D 421 33.62 -38.48 1.77
N ARG D 422 33.92 -39.68 1.26
CA ARG D 422 34.05 -39.90 -0.16
C ARG D 422 32.98 -40.79 -0.79
N THR D 423 32.10 -41.40 -0.01
CA THR D 423 31.15 -42.36 -0.58
C THR D 423 29.74 -41.81 -0.71
N TRP D 424 29.52 -40.54 -0.45
CA TRP D 424 28.16 -40.04 -0.60
C TRP D 424 27.74 -40.20 -2.05
N PRO D 425 26.49 -40.53 -2.31
CA PRO D 425 26.07 -40.75 -3.70
C PRO D 425 26.02 -39.43 -4.43
N ASP D 426 26.18 -39.49 -5.74
CA ASP D 426 26.16 -38.26 -6.49
C ASP D 426 24.82 -37.56 -6.34
N HIS D 427 23.73 -38.34 -6.30
CA HIS D 427 22.36 -37.88 -6.10
C HIS D 427 21.72 -38.59 -4.91
N GLY D 428 20.83 -37.88 -4.24
CA GLY D 428 20.15 -38.54 -3.14
C GLY D 428 21.04 -38.67 -1.93
N VAL D 429 20.66 -39.58 -1.05
CA VAL D 429 21.41 -39.81 0.19
C VAL D 429 21.80 -41.28 0.33
N PRO D 430 22.71 -41.64 1.24
CA PRO D 430 23.06 -43.06 1.40
C PRO D 430 21.86 -43.89 1.77
N SER D 431 21.87 -45.13 1.33
CA SER D 431 20.86 -46.08 1.73
C SER D 431 20.96 -46.40 3.21
N ASP D 432 22.14 -46.29 3.79
CA ASP D 432 22.35 -46.64 5.18
C ASP D 432 23.08 -45.51 5.88
N PRO D 433 22.67 -45.14 7.10
CA PRO D 433 23.40 -44.09 7.82
C PRO D 433 24.59 -44.56 8.64
N GLY D 434 24.90 -45.87 8.67
CA GLY D 434 25.96 -46.35 9.53
C GLY D 434 27.28 -45.65 9.25
N GLY D 435 27.70 -45.71 7.99
CA GLY D 435 28.94 -45.04 7.59
C GLY D 435 29.02 -43.60 8.05
N VAL D 436 27.93 -42.83 7.86
CA VAL D 436 27.93 -41.42 8.28
C VAL D 436 28.08 -41.33 9.79
N LEU D 437 27.37 -42.17 10.51
CA LEU D 437 27.41 -42.07 11.96
C LEU D 437 28.78 -42.40 12.54
N ASP D 438 29.51 -43.36 11.97
CA ASP D 438 30.85 -43.67 12.46
C ASP D 438 31.82 -42.55 12.12
N PHE D 439 31.65 -41.97 10.93
CA PHE D 439 32.38 -40.75 10.55
C PHE D 439 32.26 -39.67 11.62
N LEU D 440 31.03 -39.17 11.82
CA LEU D 440 30.79 -38.09 12.77
C LEU D 440 31.30 -38.44 14.15
N GLU D 441 31.07 -39.69 14.59
CA GLU D 441 31.55 -40.12 15.90
C GLU D 441 33.07 -40.00 15.96
N GLU D 442 33.77 -40.49 14.94
CA GLU D 442 35.20 -40.23 14.89
C GLU D 442 35.48 -38.72 14.96
N VAL D 443 34.76 -37.93 14.16
CA VAL D 443 35.00 -36.48 14.12
C VAL D 443 34.76 -35.84 15.48
N HIS D 444 33.73 -36.31 16.16
CA HIS D 444 33.40 -35.72 17.45
C HIS D 444 34.54 -35.92 18.45
N HIS D 445 35.04 -37.16 18.52
CA HIS D 445 36.09 -37.47 19.50
C HIS D 445 37.37 -36.72 19.17
N LYS D 446 37.80 -36.71 17.92
CA LYS D 446 38.92 -35.85 17.57
C LYS D 446 38.72 -34.44 18.10
N GLN D 447 37.56 -33.82 17.82
CA GLN D 447 37.35 -32.42 18.22
C GLN D 447 37.40 -32.30 19.73
N GLU D 448 36.73 -33.19 20.46
CA GLU D 448 36.74 -33.10 21.91
C GLU D 448 38.14 -33.26 22.49
N SER D 449 39.03 -33.98 21.81
CA SER D 449 40.36 -34.30 22.32
C SER D 449 41.39 -33.17 22.16
N ILE D 450 41.02 -32.03 21.58
CA ILE D 450 41.92 -30.90 21.44
C ILE D 450 41.38 -29.79 22.32
N MET D 451 42.20 -29.27 23.21
CA MET D 451 41.76 -28.25 24.14
C MET D 451 41.54 -26.93 23.41
N ASP D 452 40.41 -26.28 23.66
CA ASP D 452 40.05 -24.99 23.09
C ASP D 452 39.88 -25.01 21.58
N ALA D 453 39.54 -26.14 20.99
CA ALA D 453 39.31 -26.17 19.56
C ALA D 453 38.21 -25.18 19.17
N GLY D 454 38.40 -24.53 18.05
CA GLY D 454 37.39 -23.67 17.50
C GLY D 454 36.34 -24.41 16.72
N PRO D 455 35.54 -23.64 16.01
CA PRO D 455 34.47 -24.22 15.18
C PRO D 455 35.00 -25.32 14.31
N VAL D 456 34.18 -26.31 14.13
CA VAL D 456 34.47 -27.41 13.23
C VAL D 456 33.97 -27.02 11.85
N VAL D 457 34.87 -27.00 10.87
CA VAL D 457 34.54 -26.53 9.54
C VAL D 457 33.91 -27.66 8.74
N VAL D 458 32.77 -27.36 8.10
CA VAL D 458 32.01 -28.30 7.29
C VAL D 458 31.71 -27.69 5.93
N HIS D 459 31.93 -28.45 4.86
CA HIS D 459 31.70 -27.91 3.54
C HIS D 459 31.43 -29.00 2.53
N CYS D 460 30.53 -28.71 1.59
CA CYS D 460 30.32 -29.57 0.45
C CYS D 460 30.58 -28.68 -0.76
N SER D 461 29.66 -28.58 -1.72
CA SER D 461 29.83 -27.71 -2.88
C SER D 461 29.27 -26.32 -2.58
N ALA D 462 27.95 -26.22 -2.45
CA ALA D 462 27.30 -24.94 -2.12
C ALA D 462 27.19 -24.75 -0.62
N GLY D 463 27.25 -25.85 0.13
CA GLY D 463 27.46 -25.71 1.53
C GLY D 463 26.19 -25.47 2.27
N ILE D 464 25.09 -26.00 1.75
CA ILE D 464 23.79 -25.90 2.40
C ILE D 464 23.10 -27.26 2.49
N GLY D 465 23.34 -28.18 1.55
CA GLY D 465 22.64 -29.46 1.52
C GLY D 465 23.23 -30.53 2.41
N ARG D 466 24.28 -31.13 1.86
CA ARG D 466 25.04 -32.15 2.58
C ARG D 466 25.64 -31.57 3.85
N THR D 467 26.27 -30.39 3.73
CA THR D 467 26.86 -29.69 4.86
C THR D 467 25.86 -29.50 5.99
N GLY D 468 24.58 -29.39 5.63
CA GLY D 468 23.56 -29.03 6.58
C GLY D 468 23.01 -30.30 7.15
N THR D 469 22.99 -31.32 6.29
CA THR D 469 22.56 -32.62 6.77
C THR D 469 23.52 -33.15 7.81
N PHE D 470 24.82 -33.03 7.55
CA PHE D 470 25.83 -33.49 8.51
C PHE D 470 25.77 -32.70 9.81
N ILE D 471 25.86 -31.37 9.72
CA ILE D 471 25.85 -30.58 10.96
C ILE D 471 24.63 -30.94 11.83
N VAL D 472 23.48 -31.16 11.18
CA VAL D 472 22.26 -31.27 12.00
C VAL D 472 22.23 -32.65 12.64
N ILE D 473 22.65 -33.67 11.86
CA ILE D 473 22.79 -35.01 12.43
C ILE D 473 23.75 -34.92 13.60
N ASP D 474 24.83 -34.17 13.41
CA ASP D 474 25.83 -34.04 14.46
C ASP D 474 25.29 -33.28 15.65
N ILE D 475 24.37 -32.33 15.46
CA ILE D 475 23.91 -31.62 16.65
C ILE D 475 22.99 -32.50 17.46
N LEU D 476 22.18 -33.30 16.77
CA LEU D 476 21.19 -34.13 17.42
C LEU D 476 21.86 -35.27 18.19
N ILE D 477 22.74 -36.02 17.54
CA ILE D 477 23.37 -37.11 18.26
C ILE D 477 24.24 -36.56 19.39
N ASP D 478 24.76 -35.33 19.25
CA ASP D 478 25.45 -34.67 20.35
C ASP D 478 24.57 -34.68 21.59
N ILE D 479 23.29 -34.40 21.40
CA ILE D 479 22.38 -34.38 22.54
C ILE D 479 22.22 -35.78 23.10
N ILE D 480 21.90 -36.74 22.22
CA ILE D 480 21.66 -38.10 22.68
C ILE D 480 22.91 -38.67 23.32
N ARG D 481 24.12 -38.30 22.82
CA ARG D 481 25.35 -38.80 23.42
C ARG D 481 25.47 -38.36 24.88
N GLU D 482 25.18 -37.10 25.17
CA GLU D 482 25.25 -36.66 26.57
C GLU D 482 24.09 -37.21 27.41
N LYS D 483 22.85 -37.21 26.85
CA LYS D 483 21.66 -37.51 27.64
C LYS D 483 21.15 -38.94 27.44
N GLY D 484 21.61 -39.65 26.41
CA GLY D 484 21.11 -40.98 26.19
C GLY D 484 19.69 -40.95 25.68
N VAL D 485 18.96 -42.02 26.02
CA VAL D 485 17.54 -42.16 25.76
C VAL D 485 16.70 -41.10 26.43
N ASP D 486 17.23 -40.40 27.41
CA ASP D 486 16.43 -39.51 28.21
C ASP D 486 16.59 -38.07 27.76
N CYS D 487 16.02 -37.77 26.61
CA CYS D 487 16.07 -36.40 26.11
C CYS D 487 15.06 -36.27 24.98
N ASP D 488 14.65 -35.04 24.74
CA ASP D 488 13.75 -34.74 23.64
C ASP D 488 14.53 -34.26 22.43
N ILE D 489 14.02 -34.56 21.27
CA ILE D 489 14.60 -33.99 20.07
C ILE D 489 13.47 -33.52 19.19
N ASP D 490 13.71 -32.42 18.51
CA ASP D 490 12.72 -31.74 17.69
C ASP D 490 13.45 -31.42 16.40
N VAL D 491 13.41 -32.36 15.43
CA VAL D 491 14.17 -32.20 14.19
C VAL D 491 13.76 -30.92 13.41
N PRO D 492 12.45 -30.67 13.25
CA PRO D 492 12.12 -29.40 12.57
C PRO D 492 12.70 -28.19 13.28
N LYS D 493 12.60 -28.20 14.61
CA LYS D 493 13.09 -27.06 15.35
C LYS D 493 14.55 -26.85 15.03
N THR D 494 15.36 -27.89 15.23
CA THR D 494 16.80 -27.76 15.07
C THR D 494 17.19 -27.35 13.64
N ILE D 495 16.51 -27.86 12.63
CA ILE D 495 16.82 -27.40 11.28
C ILE D 495 16.54 -25.90 11.12
N GLN D 496 15.40 -25.43 11.66
CA GLN D 496 15.03 -24.01 11.54
C GLN D 496 16.01 -23.14 12.28
N MET D 497 16.52 -23.62 13.40
CA MET D 497 17.52 -22.85 14.13
C MET D 497 18.80 -22.72 13.32
N VAL D 498 19.18 -23.78 12.60
CA VAL D 498 20.37 -23.71 11.78
C VAL D 498 20.10 -22.87 10.55
N ARG D 499 18.92 -23.04 9.95
CA ARG D 499 18.54 -22.25 8.75
C ARG D 499 18.48 -20.74 8.99
N SER D 500 18.16 -20.33 10.21
CA SER D 500 18.29 -18.91 10.51
C SER D 500 19.76 -18.48 10.54
N GLN D 501 20.71 -19.41 10.39
CA GLN D 501 22.10 -19.06 10.49
C GLN D 501 22.79 -19.23 9.14
N ARG D 502 22.25 -20.10 8.27
CA ARG D 502 22.64 -20.16 6.89
C ARG D 502 21.47 -20.57 6.01
N SER D 503 21.35 -19.85 4.90
CA SER D 503 20.26 -20.12 4.01
C SER D 503 20.20 -21.57 3.56
N GLY D 504 19.01 -22.15 3.59
CA GLY D 504 18.79 -23.45 2.94
C GLY D 504 19.48 -24.63 3.59
N MET D 505 19.79 -24.53 4.86
CA MET D 505 20.73 -25.49 5.41
C MET D 505 20.31 -26.96 5.33
N VAL D 506 19.05 -27.34 5.27
CA VAL D 506 18.81 -28.73 4.83
C VAL D 506 17.97 -28.65 3.55
N GLN D 507 18.45 -29.30 2.48
CA GLN D 507 17.91 -29.03 1.14
C GLN D 507 16.68 -29.86 0.74
N THR D 508 16.63 -31.16 1.06
CA THR D 508 15.64 -32.02 0.42
C THR D 508 14.84 -32.81 1.43
N GLU D 509 13.75 -33.41 0.98
CA GLU D 509 13.02 -34.34 1.83
C GLU D 509 13.86 -35.59 2.11
N ALA D 510 14.51 -36.14 1.09
CA ALA D 510 15.39 -37.29 1.31
C ALA D 510 16.38 -37.04 2.44
N GLN D 511 17.05 -35.88 2.39
CA GLN D 511 17.96 -35.53 3.47
C GLN D 511 17.19 -35.48 4.78
N TYR D 512 16.00 -34.88 4.79
CA TYR D 512 15.23 -34.75 6.01
C TYR D 512 14.94 -36.13 6.59
N ARG D 513 14.57 -37.09 5.75
CA ARG D 513 14.31 -38.42 6.27
C ARG D 513 15.61 -39.09 6.73
N PHE D 514 16.68 -38.92 5.96
CA PHE D 514 17.96 -39.49 6.34
C PHE D 514 18.41 -38.99 7.71
N ILE D 515 18.16 -37.73 8.04
CA ILE D 515 18.46 -37.28 9.41
C ILE D 515 17.70 -38.14 10.42
N TYR D 516 16.40 -38.31 10.16
CA TYR D 516 15.63 -39.18 11.03
C TYR D 516 16.30 -40.52 11.13
N MET D 517 16.44 -41.19 9.97
CA MET D 517 17.04 -42.52 9.98
C MET D 517 18.35 -42.52 10.77
N ALA D 518 19.15 -41.46 10.64
CA ALA D 518 20.42 -41.42 11.35
C ALA D 518 20.19 -41.48 12.85
N VAL D 519 19.48 -40.48 13.38
CA VAL D 519 19.19 -40.41 14.81
C VAL D 519 18.58 -41.73 15.31
N GLN D 520 17.66 -42.33 14.54
CA GLN D 520 17.08 -43.59 14.98
C GLN D 520 18.14 -44.66 15.04
N HIS D 521 18.98 -44.72 14.04
CA HIS D 521 20.05 -45.71 14.06
C HIS D 521 20.95 -45.51 15.27
N TYR D 522 21.40 -44.26 15.50
CA TYR D 522 22.24 -43.99 16.65
C TYR D 522 21.59 -44.47 17.93
N ILE D 523 20.29 -44.19 18.11
CA ILE D 523 19.65 -44.58 19.36
C ILE D 523 19.68 -46.09 19.53
N GLU D 524 19.42 -46.82 18.45
CA GLU D 524 19.41 -48.27 18.55
C GLU D 524 20.77 -48.86 18.85
N THR D 525 21.87 -48.13 18.68
CA THR D 525 23.19 -48.75 18.61
C THR D 525 23.85 -48.91 19.98
N LEU D 526 23.27 -48.41 21.05
CA LEU D 526 23.88 -48.69 22.35
C LEU D 526 22.86 -48.91 23.46
C10 83Q E . -13.94 14.21 -0.29
C13 83Q E . -15.98 11.43 -2.01
C15 83Q E . -15.27 13.60 -3.11
C17 83Q E . -16.28 14.88 -0.26
C21 83Q E . -13.76 16.23 6.81
C22 83Q E . -12.90 17.10 7.52
C24 83Q E . -12.96 15.58 9.33
C2 83Q E . -13.78 14.75 8.63
C3 83Q E . -14.19 15.01 7.37
C5 83Q E . -15.14 14.19 4.66
C7 83Q E . -13.99 14.28 2.66
C8 83Q E . -15.14 14.65 1.90
C11 83Q E . -14.28 12.92 -0.92
C12 83Q E . -15.52 12.91 -1.75
C16 83Q E . -16.63 13.56 -0.99
C19 83Q E . -16.29 14.58 3.92
C23 83Q E . -12.49 16.76 8.82
N6 83Q E . -14.00 14.08 4.00
N9 83Q E . -15.08 14.87 0.52
N14 83Q E . -16.11 10.53 -0.79
N18 83Q E . -16.31 14.79 2.57
N20 83Q E . -17.49 14.72 4.58
S4 83Q E . -15.25 13.93 6.40
CL1 83Q E . -14.21 13.30 9.50
CL2 83Q E . -12.54 15.17 10.90
H102 83Q E . -13.15 14.08 0.26
H101 83Q E . -13.62 14.81 -0.99
H132 83Q E . -15.39 10.98 -2.64
H131 83Q E . -16.83 11.40 -2.48
H153 83Q E . -16.04 13.57 -3.69
H151 83Q E . -14.54 13.21 -3.61
H152 83Q E . -15.06 14.54 -3.03
H171 83Q E . -16.24 15.61 -0.91
H172 83Q E . -17.03 15.16 0.29
H211 83Q E . -14.04 16.46 5.96
H221 83Q E . -12.61 17.89 7.13
H071 83Q E . -13.16 14.16 2.27
H112 83Q E . -13.52 12.63 -1.45
H111 83Q E . -14.34 12.25 -0.22
H161 83Q E . -17.35 13.70 -1.61
H162 83Q E . -16.95 12.90 -0.36
H231 83Q E . -11.91 17.31 9.30
H1 83Q E . -16.63 10.89 -0.17
H142 83Q E . -16.39 9.73 -0.99
H201 83Q E . -18.04 14.05 4.61
H202 83Q E . -17.76 15.44 4.95
C10 83Q F . -52.55 75.17 -0.57
C13 83Q F . -51.54 76.53 2.83
C15 83Q F . -50.30 76.93 0.72
C17 83Q F . -50.64 73.79 0.26
C21 83Q F . -55.45 69.02 -3.07
C22 83Q F . -55.91 68.66 -4.31
C24 83Q F . -57.58 67.43 -3.32
C2 83Q F . -57.12 67.77 -2.10
C3 83Q F . -56.05 68.55 -1.92
C5 83Q F . -54.34 70.45 -0.46
C7 83Q F . -53.94 72.65 -1.11
C8 83Q F . -52.59 72.65 -0.51
C11 83Q F . -52.57 75.93 0.72
C12 83Q F . -51.30 76.02 1.42
C16 83Q F . -50.72 74.66 1.53
C19 83Q F . -53.03 70.43 0.16
C23 83Q F . -57.02 67.87 -4.45
N6 83Q F . -54.75 71.59 -1.09
N9 83Q F . -51.80 73.79 -0.55
N14 83Q F . -50.47 77.35 3.39
N18 83Q F . -52.17 71.50 0.14
N20 83Q F . -52.57 69.30 0.82
S4 83Q F . -55.39 69.08 -0.37
CL1 83Q F . -57.97 67.21 -0.90
CL2 83Q F . -58.91 66.46 -3.53
H102 83Q F . -52.19 75.74 -1.26
H101 83Q F . -53.48 75.05 -0.86
H132 83Q F . -52.36 77.04 2.89
H131 83Q F . -51.72 75.81 3.45
H153 83Q F . -50.22 76.75 -0.23
H151 83Q F . -50.52 77.87 0.78
H152 83Q F . -49.39 76.85 1.07
H171 83Q F . -50.40 72.88 0.50
H172 83Q F . -49.88 74.06 -0.27
H211 83Q F . -54.70 69.57 -3.01
H221 83Q F . -55.47 68.96 -5.07
H071 83Q F . -54.29 73.39 -1.54
H112 83Q F . -52.91 76.83 0.54
H111 83Q F . -53.24 75.54 1.29
H161 83Q F . -49.84 74.77 1.92
H162 83Q F . -51.25 74.20 2.22
H231 83Q F . -57.36 67.66 -5.29
H1 83Q F . -50.64 77.59 4.22
H142 83Q F . -50.31 78.07 2.91
H201 83Q F . -52.58 68.53 0.41
H202 83Q F . -52.22 69.31 1.60
C10 83Q G . 63.70 -59.07 -11.56
C13 83Q G . 66.68 -57.17 -9.95
C15 83Q G . 64.85 -58.29 -8.71
C17 83Q G . 62.85 -56.83 -10.87
C21 83Q G . 60.04 -57.77 -17.98
C22 83Q G . 59.12 -58.51 -18.72
C24 83Q G . 60.13 -57.74 -20.65
C2 83Q G . 61.02 -57.06 -19.95
C3 83Q G . 61.02 -57.03 -18.62
C5 83Q G . 62.42 -56.69 -15.99
C7 83Q G . 62.88 -58.36 -14.39
C8 83Q G . 62.67 -57.47 -13.27
C11 83Q G . 65.12 -58.74 -11.16
C12 83Q G . 65.22 -57.70 -10.10
C16 83Q G . 64.33 -56.52 -10.47
C19 83Q G . 62.21 -55.83 -14.89
C23 83Q G . 59.17 -58.52 -20.09
N6 83Q G . 62.74 -58.01 -15.68
N9 83Q G . 62.80 -57.86 -11.93
N14 83Q G . 67.35 -56.64 -11.22
N18 83Q G . 62.35 -56.16 -13.57
N20 83Q G . 61.84 -54.50 -15.10
S4 83Q G . 62.24 -56.11 -17.70
CL1 83Q G . 62.18 -56.22 -20.84
CL2 83Q G . 60.21 -57.67 -22.23
H102 83Q G . 63.75 -59.71 -12.30
H101 83Q G . 63.31 -59.60 -10.85
H132 83Q G . 67.27 -57.86 -9.58
H131 83Q G . 66.74 -56.48 -9.29
H153 83Q G . 65.03 -57.70 -7.98
H151 83Q G . 65.33 -59.12 -8.50
H152 83Q G . 63.91 -58.53 -8.63
H171 83Q G . 62.40 -56.02 -11.15
H172 83Q G . 62.33 -57.10 -10.10
H211 83Q G . 60.01 -57.78 -17.05
H221 83Q G . 58.46 -59.00 -18.28
H071 83Q G . 63.13 -59.25 -14.29
H112 83Q G . 65.57 -59.55 -10.88
H111 83Q G . 65.61 -58.45 -11.95
H161 83Q G . 64.79 -56.06 -11.18
H162 83Q G . 64.36 -55.93 -9.70
H231 83Q G . 58.57 -59.01 -20.60
H1 83Q G . 66.86 -56.04 -11.63
H142 83Q G . 67.53 -57.31 -11.79
H201 83Q G . 61.02 -54.31 -15.24
H202 83Q G . 62.40 -53.85 -15.11
C10 83Q H . 2.23 -30.12 12.67
C13 83Q H . 0.08 -30.28 9.54
C15 83Q H . 0.36 -32.06 11.28
C17 83Q H . 3.42 -31.55 10.98
C21 83Q H . 8.71 -27.05 14.22
C22 83Q H . 9.33 -26.84 15.41
C24 83Q H . 10.09 -24.80 14.65
C2 83Q H . 9.46 -25.02 13.46
C3 83Q H . 8.74 -26.13 13.20
C5 83Q H . 6.58 -27.62 11.88
C7 83Q H . 4.61 -28.43 12.87
C8 83Q H . 4.57 -29.61 12.05
C11 83Q H . 1.22 -29.78 11.62
C12 83Q H . 0.99 -30.81 10.64
C16 83Q H . 2.29 -31.12 10.01
C19 83Q H . 6.56 -28.80 11.08
C23 83Q H . 10.05 -25.70 15.66
N6 83Q H . 5.58 -27.49 12.81
N9 83Q H . 3.58 -30.57 12.13
N14 83Q H . -0.18 -31.25 8.44
N18 83Q H . 5.58 -29.76 11.14
N20 83Q H . 7.57 -28.98 10.14
S4 83Q H . 7.87 -26.43 11.70
CL1 83Q H . 9.59 -23.85 12.41
CL2 83Q H . 10.96 -23.43 14.92
H102 83Q H . 1.85 -30.79 13.25
H101 83Q H . 2.33 -29.36 13.26
H132 83Q H . -0.77 -29.99 9.89
H131 83Q H . 0.42 -29.46 9.14
H153 83Q H . -0.60 -32.12 11.15
H151 83Q H . 0.72 -32.89 10.94
H152 83Q H . 0.48 -32.10 12.24
H171 83Q H . 4.26 -31.66 10.50
H172 83Q H . 3.25 -32.45 11.31
H211 83Q H . 8.25 -27.85 14.10
H221 83Q H . 9.29 -27.48 16.08
H071 83Q H . 3.96 -28.25 13.50
H112 83Q H . 0.39 -29.54 12.07
H111 83Q H . 1.50 -28.96 11.20
H161 83Q H . 2.55 -30.34 9.49
H162 83Q H . 2.12 -31.82 9.35
H231 83Q H . 10.47 -25.56 16.48
H1 83Q H . -0.41 -32.05 8.76
H142 83Q H . -0.82 -30.96 7.89
H201 83Q H . 7.93 -28.29 9.77
H202 83Q H . 7.84 -29.75 9.87
#